data_8TWX
#
_entry.id   8TWX
#
_cell.length_a   139.579
_cell.length_b   139.579
_cell.length_c   84.337
_cell.angle_alpha   90.00
_cell.angle_beta   90.00
_cell.angle_gamma   120.00
#
_symmetry.space_group_name_H-M   'P 32'
#
loop_
_entity.id
_entity.type
_entity.pdbx_description
1 polymer 'Leukotriene A-4 hydrolase'
2 non-polymer 5-[4-(4-chlorophenoxy)phenyl]-1H-pyrazol-3-amine
3 non-polymer 'ZINC ION'
4 water water
#
_entity_poly.entity_id   1
_entity_poly.type   'polypeptide(L)'
_entity_poly.pdbx_seq_one_letter_code
;VDTCSLASPASVCRTKHLHLRCSVDFTRRTLTGTAALTVQSQEDNLRSLVLDTKDLTIEKVVINGQEVKYALGERQSYKG
SPMEISLPIALSKNQEIVIEISFETSPKSSALQWLTPEQTSGKEHPYLFSQCQAIHCRAILPCQDTPSVKLTYTAEVSVP
KELVALMSAIRDGETPDPEDPSRKIYKFIQKVPIPCYLIALVVGALESRQIGPRTLVWSEKEQVEKSAYEFSETESMLKI
AEDLGGPYVWGQYDLLVLPPSFPYGGMENPCLTFVTPTLLAGDKSLSNVIAHEISHSWTGNLVTNKTWDHFWLNEGHTVY
LERHICGRLFGEKFRHFNALGGWGELQNSVKTFGETHPFTKLVVDLTDIDPDVAYSSVPYEKGFALLFYLEQLLGGPEIF
LGFLKAYVEKFSYKSITTDDWKDFLYSYFKDKVDVLNQVDWNAWLYSPGLPPIKPNYDMTLTNACIALSQRWITAKEDDL
NSFNATDLKDLSSHQLNEFLAQTLQRAPLPLGHIKRMQEVYNFNAINNSEIRFRWLRLCIQSKWEDAIPLALKMATEQGR
MKFTRPLFKDLAAFDKSHDQAVRTYQEHKASMHPVTAMLVGKDLKVD
;
_entity_poly.pdbx_strand_id   A,B,C
#
# COMPACT_ATOMS: atom_id res chain seq x y z
N VAL A 1 -37.98 2.38 -25.90
CA VAL A 1 -38.95 1.35 -25.58
C VAL A 1 -38.45 0.48 -24.42
N ASP A 2 -37.13 0.40 -24.25
CA ASP A 2 -36.51 -0.37 -23.18
C ASP A 2 -36.19 0.58 -22.03
N THR A 3 -37.02 0.55 -20.99
CA THR A 3 -36.85 1.46 -19.87
C THR A 3 -35.70 1.08 -18.94
N CYS A 4 -35.01 -0.02 -19.20
CA CYS A 4 -33.89 -0.43 -18.36
C CYS A 4 -32.53 -0.06 -18.93
N SER A 5 -32.48 0.44 -20.16
CA SER A 5 -31.23 0.85 -20.79
C SER A 5 -31.20 2.37 -20.93
N LEU A 6 -30.04 2.96 -20.68
CA LEU A 6 -29.82 4.37 -20.88
C LEU A 6 -29.10 4.67 -22.19
N ALA A 7 -29.02 3.70 -23.09
CA ALA A 7 -28.27 3.81 -24.33
C ALA A 7 -29.20 4.09 -25.50
N SER A 8 -28.59 4.40 -26.64
CA SER A 8 -29.35 4.64 -27.86
C SER A 8 -30.20 3.42 -28.19
N PRO A 9 -31.48 3.58 -28.48
CA PRO A 9 -32.32 2.43 -28.83
C PRO A 9 -31.89 1.84 -30.16
N ALA A 10 -32.39 0.63 -30.42
CA ALA A 10 -32.09 -0.05 -31.68
C ALA A 10 -32.59 0.74 -32.88
N SER A 11 -33.55 1.64 -32.69
CA SER A 11 -34.04 2.48 -33.77
C SER A 11 -33.10 3.62 -34.12
N VAL A 12 -32.06 3.84 -33.33
CA VAL A 12 -31.02 4.81 -33.64
C VAL A 12 -29.77 4.14 -34.18
N CYS A 13 -29.34 3.05 -33.55
CA CYS A 13 -28.18 2.30 -34.00
C CYS A 13 -28.14 0.96 -33.28
N ARG A 14 -27.43 -0.01 -33.88
CA ARG A 14 -27.28 -1.35 -33.33
C ARG A 14 -25.81 -1.73 -33.31
N THR A 15 -25.39 -2.38 -32.23
CA THR A 15 -24.06 -2.97 -32.18
C THR A 15 -24.07 -4.30 -32.93
N LYS A 16 -23.27 -4.40 -33.99
CA LYS A 16 -23.23 -5.61 -34.79
C LYS A 16 -22.29 -6.64 -34.20
N HIS A 17 -21.14 -6.20 -33.69
CA HIS A 17 -20.08 -7.10 -33.24
C HIS A 17 -19.38 -6.46 -32.04
N LEU A 18 -18.75 -7.31 -31.24
CA LEU A 18 -17.93 -6.87 -30.12
C LEU A 18 -16.61 -7.63 -30.16
N HIS A 19 -15.51 -6.90 -30.27
CA HIS A 19 -14.19 -7.48 -30.11
C HIS A 19 -13.62 -7.05 -28.78
N LEU A 20 -13.40 -8.00 -27.89
CA LEU A 20 -12.99 -7.72 -26.51
C LEU A 20 -11.55 -8.17 -26.32
N ARG A 21 -10.67 -7.23 -26.01
CA ARG A 21 -9.31 -7.50 -25.57
C ARG A 21 -9.20 -7.02 -24.13
N CYS A 22 -8.92 -7.95 -23.21
CA CYS A 22 -8.93 -7.58 -21.80
C CYS A 22 -8.06 -8.56 -21.02
N SER A 23 -7.73 -8.15 -19.79
CA SER A 23 -6.85 -8.93 -18.91
C SER A 23 -7.45 -8.93 -17.51
N VAL A 24 -7.43 -10.09 -16.87
CA VAL A 24 -8.01 -10.25 -15.53
C VAL A 24 -6.91 -10.08 -14.50
N ASP A 25 -7.09 -9.12 -13.59
CA ASP A 25 -6.13 -8.83 -12.52
C ASP A 25 -6.77 -9.20 -11.19
N PHE A 26 -6.36 -10.34 -10.63
CA PHE A 26 -6.88 -10.77 -9.33
C PHE A 26 -6.29 -9.94 -8.19
N THR A 27 -5.19 -9.24 -8.43
CA THR A 27 -4.59 -8.41 -7.38
C THR A 27 -5.48 -7.22 -7.05
N ARG A 28 -6.02 -6.56 -8.07
CA ARG A 28 -6.90 -5.41 -7.89
C ARG A 28 -8.36 -5.75 -8.14
N ARG A 29 -8.66 -6.95 -8.61
CA ARG A 29 -10.03 -7.37 -8.91
C ARG A 29 -10.65 -6.48 -9.98
N THR A 30 -9.98 -6.42 -11.13
CA THR A 30 -10.44 -5.62 -12.26
C THR A 30 -10.13 -6.34 -13.56
N LEU A 31 -10.97 -6.06 -14.56
CA LEU A 31 -10.68 -6.38 -15.95
C LEU A 31 -10.34 -5.07 -16.66
N THR A 32 -9.16 -5.00 -17.27
CA THR A 32 -8.74 -3.84 -18.03
C THR A 32 -8.50 -4.24 -19.48
N GLY A 33 -8.93 -3.39 -20.40
CA GLY A 33 -8.73 -3.68 -21.81
C GLY A 33 -9.54 -2.75 -22.68
N THR A 34 -9.84 -3.22 -23.88
CA THR A 34 -10.58 -2.44 -24.86
C THR A 34 -11.78 -3.24 -25.36
N ALA A 35 -12.85 -2.51 -25.67
CA ALA A 35 -14.06 -3.08 -26.26
C ALA A 35 -14.31 -2.36 -27.58
N ALA A 36 -14.00 -3.03 -28.68
CA ALA A 36 -14.23 -2.49 -30.02
C ALA A 36 -15.63 -2.91 -30.46
N LEU A 37 -16.51 -1.93 -30.62
CA LEU A 37 -17.92 -2.16 -30.95
C LEU A 37 -18.18 -1.70 -32.38
N THR A 38 -18.45 -2.64 -33.27
CA THR A 38 -18.90 -2.31 -34.61
C THR A 38 -20.37 -1.95 -34.55
N VAL A 39 -20.68 -0.68 -34.78
CA VAL A 39 -22.03 -0.14 -34.60
C VAL A 39 -22.54 0.30 -35.96
N GLN A 40 -23.78 -0.09 -36.28
CA GLN A 40 -24.43 0.29 -37.52
C GLN A 40 -25.50 1.33 -37.24
N SER A 41 -25.50 2.41 -38.01
CA SER A 41 -26.48 3.47 -37.84
C SER A 41 -27.84 3.04 -38.42
N GLN A 42 -28.91 3.50 -37.76
CA GLN A 42 -30.27 3.24 -38.20
C GLN A 42 -30.99 4.49 -38.67
N GLU A 43 -30.29 5.63 -38.77
CA GLU A 43 -30.92 6.87 -39.21
C GLU A 43 -29.89 7.72 -39.94
N ASP A 44 -30.40 8.68 -40.70
CA ASP A 44 -29.53 9.59 -41.43
C ASP A 44 -28.95 10.66 -40.51
N ASN A 45 -27.72 11.05 -40.79
CA ASN A 45 -27.04 12.11 -40.05
C ASN A 45 -26.92 11.75 -38.57
N LEU A 46 -26.44 10.54 -38.30
CA LEU A 46 -26.14 10.12 -36.94
C LEU A 46 -24.74 10.61 -36.58
N ARG A 47 -24.66 11.53 -35.62
CA ARG A 47 -23.41 12.16 -35.25
C ARG A 47 -22.94 11.82 -33.84
N SER A 48 -23.74 11.07 -33.07
CA SER A 48 -23.33 10.65 -31.74
C SER A 48 -24.24 9.53 -31.28
N LEU A 49 -23.78 8.77 -30.29
CA LEU A 49 -24.56 7.69 -29.73
C LEU A 49 -24.24 7.57 -28.24
N VAL A 50 -25.07 6.81 -27.53
CA VAL A 50 -24.95 6.64 -26.10
C VAL A 50 -24.89 5.16 -25.76
N LEU A 51 -23.98 4.80 -24.85
CA LEU A 51 -23.83 3.43 -24.39
C LEU A 51 -24.18 3.35 -22.90
N ASP A 52 -24.35 2.10 -22.44
CA ASP A 52 -24.56 1.83 -21.03
C ASP A 52 -23.24 1.53 -20.36
N THR A 53 -23.05 2.08 -19.16
CA THR A 53 -21.91 1.74 -18.32
C THR A 53 -22.34 1.81 -16.87
N LYS A 54 -21.69 1.00 -16.03
CA LYS A 54 -21.98 0.97 -14.60
C LYS A 54 -20.67 0.73 -13.86
N ASP A 55 -20.17 1.78 -13.19
CA ASP A 55 -18.96 1.68 -12.40
C ASP A 55 -17.74 1.33 -13.25
N LEU A 56 -17.75 1.72 -14.53
CA LEU A 56 -16.60 1.52 -15.39
C LEU A 56 -15.69 2.74 -15.33
N THR A 57 -14.40 2.52 -15.55
CA THR A 57 -13.42 3.59 -15.70
C THR A 57 -13.02 3.64 -17.16
N ILE A 58 -13.23 4.79 -17.78
CA ILE A 58 -12.97 4.98 -19.21
C ILE A 58 -11.68 5.78 -19.36
N GLU A 59 -10.70 5.22 -20.08
CA GLU A 59 -9.47 5.94 -20.37
C GLU A 59 -9.61 6.83 -21.60
N LYS A 60 -10.19 6.29 -22.68
CA LYS A 60 -10.29 7.01 -23.94
C LYS A 60 -11.22 6.24 -24.87
N VAL A 61 -11.66 6.92 -25.92
CA VAL A 61 -12.46 6.30 -26.98
C VAL A 61 -11.80 6.64 -28.31
N VAL A 62 -11.34 5.61 -29.01
CA VAL A 62 -10.59 5.78 -30.25
C VAL A 62 -11.46 5.31 -31.42
N ILE A 63 -11.52 6.12 -32.46
CA ILE A 63 -12.28 5.81 -33.67
C ILE A 63 -11.41 6.14 -34.87
N ASN A 64 -11.06 5.12 -35.65
CA ASN A 64 -10.19 5.29 -36.81
C ASN A 64 -8.83 5.85 -36.39
N GLY A 65 -8.27 5.27 -35.32
CA GLY A 65 -6.95 5.65 -34.87
C GLY A 65 -6.81 7.02 -34.27
N GLN A 66 -7.92 7.71 -33.97
CA GLN A 66 -7.87 9.01 -33.34
C GLN A 66 -8.83 9.05 -32.16
N GLU A 67 -8.37 9.64 -31.06
CA GLU A 67 -9.22 9.81 -29.89
C GLU A 67 -10.38 10.74 -30.21
N VAL A 68 -11.52 10.48 -29.57
CA VAL A 68 -12.73 11.24 -29.82
C VAL A 68 -13.33 11.69 -28.49
N LYS A 69 -14.19 12.70 -28.57
CA LYS A 69 -14.84 13.25 -27.39
C LYS A 69 -15.89 12.28 -26.86
N TYR A 70 -15.89 12.08 -25.54
CA TYR A 70 -16.93 11.30 -24.88
C TYR A 70 -17.33 12.00 -23.59
N ALA A 71 -18.48 11.61 -23.05
CA ALA A 71 -18.99 12.20 -21.81
C ALA A 71 -19.79 11.15 -21.06
N LEU A 72 -19.57 11.09 -19.75
CA LEU A 72 -20.31 10.20 -18.86
C LEU A 72 -21.30 11.03 -18.05
N GLY A 73 -22.57 10.61 -18.07
CA GLY A 73 -23.57 11.32 -17.32
C GLY A 73 -23.65 10.89 -15.87
N GLU A 74 -24.47 11.60 -15.10
CA GLU A 74 -24.64 11.27 -13.69
C GLU A 74 -25.23 9.87 -13.56
N ARG A 75 -24.79 9.15 -12.54
CA ARG A 75 -25.26 7.80 -12.30
C ARG A 75 -26.77 7.80 -12.04
N GLN A 76 -27.43 6.73 -12.50
CA GLN A 76 -28.85 6.55 -12.22
C GLN A 76 -29.09 5.26 -11.46
N SER A 77 -28.48 5.12 -10.29
CA SER A 77 -28.75 3.98 -9.40
C SER A 77 -28.38 2.70 -10.16
N TYR A 78 -29.22 1.66 -10.07
CA TYR A 78 -28.89 0.37 -10.68
C TYR A 78 -28.69 0.45 -12.18
N LYS A 79 -29.20 1.49 -12.85
CA LYS A 79 -29.07 1.57 -14.30
C LYS A 79 -27.66 1.94 -14.73
N GLY A 80 -26.87 2.57 -13.86
CA GLY A 80 -25.54 2.97 -14.21
C GLY A 80 -25.48 4.40 -14.74
N SER A 81 -24.41 4.68 -15.48
CA SER A 81 -24.17 6.00 -16.02
C SER A 81 -24.17 5.94 -17.54
N PRO A 82 -24.92 6.81 -18.22
CA PRO A 82 -24.90 6.81 -19.68
C PRO A 82 -23.64 7.45 -20.22
N MET A 83 -23.16 6.93 -21.34
CA MET A 83 -21.90 7.35 -21.94
C MET A 83 -22.16 7.82 -23.37
N GLU A 84 -22.04 9.11 -23.60
CA GLU A 84 -22.20 9.68 -24.93
C GLU A 84 -20.86 9.73 -25.65
N ILE A 85 -20.88 9.45 -26.94
CA ILE A 85 -19.67 9.42 -27.76
C ILE A 85 -19.90 10.27 -29.00
N SER A 86 -19.01 11.23 -29.24
CA SER A 86 -19.08 12.08 -30.42
C SER A 86 -18.34 11.42 -31.57
N LEU A 87 -19.06 11.15 -32.66
CA LEU A 87 -18.46 10.47 -33.79
C LEU A 87 -17.60 11.42 -34.61
N PRO A 88 -16.50 10.93 -35.19
CA PRO A 88 -15.68 11.76 -36.08
C PRO A 88 -16.28 11.97 -37.46
N ILE A 89 -17.48 11.43 -37.71
CA ILE A 89 -18.15 11.57 -39.00
C ILE A 89 -19.64 11.41 -38.75
N ALA A 90 -20.45 11.86 -39.72
CA ALA A 90 -21.89 11.68 -39.67
C ALA A 90 -22.25 10.43 -40.49
N LEU A 91 -22.92 9.49 -39.85
CA LEU A 91 -23.25 8.22 -40.48
C LEU A 91 -24.67 8.26 -41.04
N SER A 92 -24.81 7.90 -42.31
CA SER A 92 -26.12 7.72 -42.90
C SER A 92 -26.65 6.34 -42.53
N LYS A 93 -27.90 6.06 -42.92
CA LYS A 93 -28.55 4.82 -42.50
C LYS A 93 -27.81 3.60 -43.01
N ASN A 94 -27.58 2.65 -42.09
CA ASN A 94 -26.97 1.33 -42.33
C ASN A 94 -25.45 1.40 -42.47
N GLN A 95 -24.84 2.57 -42.32
CA GLN A 95 -23.39 2.66 -42.32
C GLN A 95 -22.85 2.30 -40.94
N GLU A 96 -21.61 1.83 -40.91
CA GLU A 96 -21.03 1.26 -39.70
C GLU A 96 -19.68 1.90 -39.39
N ILE A 97 -19.36 1.98 -38.09
CA ILE A 97 -18.05 2.37 -37.62
C ILE A 97 -17.66 1.50 -36.43
N VAL A 98 -16.35 1.40 -36.19
CA VAL A 98 -15.79 0.63 -35.09
C VAL A 98 -15.32 1.59 -34.02
N ILE A 99 -15.81 1.41 -32.80
CA ILE A 99 -15.48 2.27 -31.66
C ILE A 99 -14.65 1.47 -30.68
N GLU A 100 -13.42 1.92 -30.42
CA GLU A 100 -12.50 1.25 -29.51
C GLU A 100 -12.51 1.99 -28.17
N ILE A 101 -13.03 1.34 -27.14
CA ILE A 101 -13.19 1.93 -25.82
C ILE A 101 -12.21 1.28 -24.85
N SER A 102 -11.28 2.06 -24.32
CA SER A 102 -10.37 1.61 -23.28
C SER A 102 -11.05 1.81 -21.93
N PHE A 103 -11.25 0.71 -21.20
CA PHE A 103 -12.07 0.71 -19.99
C PHE A 103 -11.37 -0.08 -18.91
N GLU A 104 -11.99 -0.11 -17.73
CA GLU A 104 -11.52 -0.92 -16.61
C GLU A 104 -12.66 -1.06 -15.62
N THR A 105 -12.97 -2.30 -15.25
CA THR A 105 -14.09 -2.56 -14.35
C THR A 105 -13.74 -2.17 -12.92
N SER A 106 -14.78 -2.00 -12.11
CA SER A 106 -14.62 -1.71 -10.70
C SER A 106 -14.63 -3.00 -9.88
N PRO A 107 -13.84 -3.07 -8.81
CA PRO A 107 -13.91 -4.25 -7.93
C PRO A 107 -15.31 -4.50 -7.41
N LYS A 108 -16.15 -3.48 -7.37
CA LYS A 108 -17.55 -3.61 -6.92
C LYS A 108 -18.49 -3.96 -8.07
N SER A 109 -17.95 -4.31 -9.24
CA SER A 109 -18.77 -4.65 -10.41
C SER A 109 -19.90 -5.61 -10.02
N SER A 110 -21.13 -5.18 -10.25
CA SER A 110 -22.28 -6.00 -9.90
C SER A 110 -22.40 -7.24 -10.78
N ALA A 111 -21.65 -7.33 -11.87
CA ALA A 111 -21.70 -8.49 -12.75
C ALA A 111 -20.73 -9.58 -12.35
N LEU A 112 -19.78 -9.30 -11.45
CA LEU A 112 -18.71 -10.24 -11.13
C LEU A 112 -18.63 -10.45 -9.63
N GLN A 113 -18.17 -11.64 -9.26
CA GLN A 113 -17.74 -11.92 -7.89
C GLN A 113 -16.31 -12.44 -7.94
N TRP A 114 -15.44 -11.85 -7.15
CA TRP A 114 -14.05 -12.27 -7.05
C TRP A 114 -13.90 -13.15 -5.81
N LEU A 115 -13.49 -14.39 -6.02
CA LEU A 115 -13.36 -15.36 -4.95
C LEU A 115 -11.90 -15.50 -4.56
N THR A 116 -11.63 -15.49 -3.26
CA THR A 116 -10.29 -15.76 -2.77
C THR A 116 -10.01 -17.25 -2.87
N PRO A 117 -8.74 -17.64 -2.85
CA PRO A 117 -8.43 -19.08 -2.92
C PRO A 117 -9.21 -19.93 -1.93
N GLU A 118 -9.35 -19.48 -0.68
CA GLU A 118 -10.09 -20.25 0.32
C GLU A 118 -11.58 -20.33 -0.01
N GLN A 119 -12.09 -19.44 -0.86
CA GLN A 119 -13.50 -19.48 -1.25
C GLN A 119 -13.76 -20.48 -2.36
N THR A 120 -12.76 -21.25 -2.77
CA THR A 120 -12.86 -22.24 -3.82
C THR A 120 -12.71 -23.63 -3.23
N SER A 121 -12.88 -24.64 -4.07
CA SER A 121 -12.69 -26.02 -3.62
C SER A 121 -11.22 -26.32 -3.38
N GLY A 122 -10.36 -25.92 -4.34
CA GLY A 122 -8.96 -26.25 -4.23
C GLY A 122 -8.23 -25.48 -3.15
N LYS A 123 -8.74 -24.30 -2.80
CA LYS A 123 -8.19 -23.44 -1.76
C LYS A 123 -6.83 -22.86 -2.11
N GLU A 124 -6.39 -22.97 -3.37
CA GLU A 124 -5.07 -22.48 -3.74
C GLU A 124 -5.09 -21.31 -4.72
N HIS A 125 -6.08 -21.23 -5.60
CA HIS A 125 -6.09 -20.19 -6.62
C HIS A 125 -7.36 -19.36 -6.52
N PRO A 126 -7.30 -18.10 -6.96
CA PRO A 126 -8.51 -17.27 -6.96
C PRO A 126 -9.50 -17.70 -8.03
N TYR A 127 -10.63 -16.99 -8.13
CA TYR A 127 -11.72 -17.42 -9.00
C TYR A 127 -12.54 -16.21 -9.40
N LEU A 128 -12.98 -16.20 -10.66
CA LEU A 128 -13.81 -15.13 -11.19
C LEU A 128 -14.89 -15.73 -12.08
N PHE A 129 -16.13 -15.32 -11.86
CA PHE A 129 -17.24 -15.71 -12.71
C PHE A 129 -18.20 -14.54 -12.85
N SER A 130 -18.90 -14.49 -13.98
CA SER A 130 -19.78 -13.38 -14.29
C SER A 130 -21.24 -13.82 -14.23
N GLN A 131 -22.11 -12.83 -14.07
CA GLN A 131 -23.56 -13.04 -14.09
C GLN A 131 -24.17 -11.73 -14.59
N CYS A 132 -24.50 -11.69 -15.88
CA CYS A 132 -24.91 -10.43 -16.51
C CYS A 132 -26.41 -10.21 -16.50
N GLN A 133 -27.21 -11.27 -16.55
CA GLN A 133 -28.66 -11.10 -16.58
C GLN A 133 -29.16 -10.53 -15.26
N ALA A 134 -30.01 -9.51 -15.34
CA ALA A 134 -30.53 -9.01 -16.61
C ALA A 134 -29.70 -7.87 -17.19
N ILE A 135 -29.41 -6.85 -16.38
CA ILE A 135 -28.69 -5.68 -16.88
C ILE A 135 -27.40 -5.49 -16.07
N HIS A 136 -26.44 -6.39 -16.26
CA HIS A 136 -25.16 -6.29 -15.60
C HIS A 136 -23.97 -6.29 -16.56
N CYS A 137 -24.19 -6.59 -17.84
CA CYS A 137 -23.12 -6.50 -18.82
C CYS A 137 -22.52 -5.09 -18.86
N ARG A 138 -23.33 -4.07 -18.57
CA ARG A 138 -22.83 -2.70 -18.52
C ARG A 138 -21.79 -2.50 -17.42
N ALA A 139 -21.76 -3.38 -16.42
CA ALA A 139 -20.74 -3.32 -15.38
C ALA A 139 -19.45 -4.01 -15.80
N ILE A 140 -19.40 -4.59 -16.99
CA ILE A 140 -18.19 -5.22 -17.50
C ILE A 140 -17.55 -4.39 -18.62
N LEU A 141 -18.36 -3.86 -19.53
CA LEU A 141 -17.84 -3.11 -20.66
C LEU A 141 -18.95 -2.24 -21.23
N PRO A 142 -18.60 -1.15 -21.91
CA PRO A 142 -19.63 -0.31 -22.53
C PRO A 142 -20.36 -1.07 -23.63
N CYS A 143 -21.66 -0.83 -23.74
CA CYS A 143 -22.49 -1.55 -24.69
C CYS A 143 -23.90 -0.98 -24.61
N GLN A 144 -24.73 -1.40 -25.57
CA GLN A 144 -26.17 -1.16 -25.51
C GLN A 144 -26.79 -2.29 -24.69
N ASP A 145 -26.79 -2.11 -23.37
CA ASP A 145 -27.21 -3.15 -22.43
C ASP A 145 -28.73 -3.35 -22.51
N THR A 146 -29.16 -4.01 -23.58
CA THR A 146 -30.57 -4.21 -23.84
C THR A 146 -30.73 -5.46 -24.70
N PRO A 147 -31.68 -6.33 -24.38
CA PRO A 147 -31.87 -7.55 -25.18
C PRO A 147 -32.39 -7.30 -26.58
N SER A 148 -32.74 -6.05 -26.91
CA SER A 148 -33.25 -5.70 -28.23
C SER A 148 -32.18 -5.64 -29.30
N VAL A 149 -30.90 -5.69 -28.92
CA VAL A 149 -29.79 -5.70 -29.86
C VAL A 149 -29.04 -7.01 -29.70
N LYS A 150 -28.74 -7.66 -30.82
CA LYS A 150 -28.01 -8.91 -30.83
C LYS A 150 -26.74 -8.75 -31.64
N LEU A 151 -25.64 -9.30 -31.13
CA LEU A 151 -24.33 -9.09 -31.70
C LEU A 151 -23.48 -10.35 -31.58
N THR A 152 -22.68 -10.62 -32.61
CA THR A 152 -21.60 -11.58 -32.48
C THR A 152 -20.46 -10.96 -31.67
N TYR A 153 -19.51 -11.80 -31.27
CA TYR A 153 -18.38 -11.24 -30.53
C TYR A 153 -17.20 -12.20 -30.55
N THR A 154 -16.03 -11.61 -30.33
CA THR A 154 -14.76 -12.31 -30.24
C THR A 154 -13.97 -11.69 -29.09
N ALA A 155 -13.23 -12.52 -28.36
CA ALA A 155 -12.56 -12.07 -27.16
C ALA A 155 -11.18 -12.70 -27.05
N GLU A 156 -10.28 -11.97 -26.38
CA GLU A 156 -8.97 -12.48 -26.01
C GLU A 156 -8.72 -12.07 -24.56
N VAL A 157 -8.65 -13.03 -23.66
CA VAL A 157 -8.55 -12.77 -22.23
C VAL A 157 -7.20 -13.26 -21.73
N SER A 158 -6.43 -12.36 -21.13
CA SER A 158 -5.13 -12.70 -20.56
C SER A 158 -5.32 -13.04 -19.09
N VAL A 159 -4.77 -14.20 -18.69
CA VAL A 159 -4.96 -14.69 -17.33
C VAL A 159 -3.67 -15.36 -16.87
N PRO A 160 -3.48 -15.45 -15.55
CA PRO A 160 -2.33 -16.20 -15.03
C PRO A 160 -2.28 -17.59 -15.65
N LYS A 161 -1.11 -17.95 -16.19
CA LYS A 161 -0.98 -19.17 -16.99
C LYS A 161 -1.46 -20.41 -16.23
N GLU A 162 -1.55 -20.35 -14.90
CA GLU A 162 -2.04 -21.49 -14.15
C GLU A 162 -3.56 -21.63 -14.22
N LEU A 163 -4.27 -20.60 -14.64
CA LEU A 163 -5.72 -20.63 -14.65
C LEU A 163 -6.25 -20.86 -16.07
N VAL A 164 -7.56 -21.06 -16.16
CA VAL A 164 -8.25 -21.27 -17.42
C VAL A 164 -9.33 -20.22 -17.54
N ALA A 165 -9.56 -19.73 -18.76
CA ALA A 165 -10.61 -18.78 -19.06
C ALA A 165 -11.61 -19.40 -20.02
N LEU A 166 -12.90 -19.21 -19.73
CA LEU A 166 -13.98 -19.72 -20.57
C LEU A 166 -15.02 -18.62 -20.74
N MET A 167 -15.71 -18.67 -21.87
CA MET A 167 -16.74 -17.69 -22.18
C MET A 167 -17.91 -18.38 -22.86
N SER A 168 -19.00 -17.63 -23.03
CA SER A 168 -20.18 -18.11 -23.75
C SER A 168 -19.93 -18.05 -25.26
N ALA A 169 -18.92 -18.82 -25.69
CA ALA A 169 -18.52 -18.85 -27.09
C ALA A 169 -17.61 -20.05 -27.29
N ILE A 170 -17.39 -20.39 -28.55
CA ILE A 170 -16.52 -21.51 -28.89
C ILE A 170 -15.08 -21.13 -28.59
N ARG A 171 -14.38 -22.02 -27.88
CA ARG A 171 -12.96 -21.82 -27.61
C ARG A 171 -12.19 -21.80 -28.92
N ASP A 172 -11.37 -20.75 -29.10
CA ASP A 172 -10.72 -20.51 -30.38
C ASP A 172 -9.20 -20.53 -30.29
N GLY A 173 -8.64 -21.05 -29.20
CA GLY A 173 -7.19 -21.16 -29.10
C GLY A 173 -6.60 -20.53 -27.86
N GLU A 174 -5.40 -20.97 -27.49
CA GLU A 174 -4.70 -20.43 -26.34
C GLU A 174 -3.21 -20.39 -26.63
N THR A 175 -2.54 -19.36 -26.14
CA THR A 175 -1.10 -19.21 -26.30
C THR A 175 -0.55 -18.44 -25.11
N PRO A 176 0.73 -18.57 -24.81
CA PRO A 176 1.33 -17.73 -23.76
C PRO A 176 1.28 -16.27 -24.17
N ASP A 177 1.03 -15.42 -23.18
CA ASP A 177 0.95 -13.99 -23.42
C ASP A 177 2.29 -13.47 -23.93
N PRO A 178 2.35 -12.86 -25.12
CA PRO A 178 3.65 -12.40 -25.64
C PRO A 178 4.25 -11.24 -24.87
N GLU A 179 3.45 -10.50 -24.10
CA GLU A 179 3.95 -9.37 -23.31
C GLU A 179 4.09 -9.69 -21.83
N ASP A 180 3.80 -10.92 -21.41
CA ASP A 180 3.92 -11.32 -20.01
C ASP A 180 4.07 -12.84 -19.95
N PRO A 181 5.24 -13.33 -19.55
CA PRO A 181 5.46 -14.78 -19.58
C PRO A 181 4.67 -15.56 -18.54
N SER A 182 4.13 -14.89 -17.53
CA SER A 182 3.38 -15.55 -16.46
C SER A 182 1.90 -15.69 -16.77
N ARG A 183 1.48 -15.39 -17.99
CA ARG A 183 0.06 -15.36 -18.31
C ARG A 183 -0.19 -16.09 -19.62
N LYS A 184 -1.45 -16.49 -19.81
CA LYS A 184 -1.89 -17.09 -21.07
C LYS A 184 -3.06 -16.28 -21.61
N ILE A 185 -3.23 -16.32 -22.93
CA ILE A 185 -4.32 -15.65 -23.59
C ILE A 185 -5.26 -16.70 -24.16
N TYR A 186 -6.52 -16.65 -23.78
CA TYR A 186 -7.56 -17.54 -24.30
C TYR A 186 -8.41 -16.76 -25.28
N LYS A 187 -8.61 -17.32 -26.47
CA LYS A 187 -9.41 -16.71 -27.52
C LYS A 187 -10.75 -17.42 -27.64
N PHE A 188 -11.79 -16.66 -27.93
CA PHE A 188 -13.14 -17.19 -28.04
C PHE A 188 -13.83 -16.55 -29.23
N ILE A 189 -14.77 -17.27 -29.82
CA ILE A 189 -15.51 -16.76 -30.97
C ILE A 189 -16.96 -17.24 -30.87
N GLN A 190 -17.90 -16.29 -30.92
CA GLN A 190 -19.33 -16.57 -30.86
C GLN A 190 -19.95 -16.03 -32.15
N LYS A 191 -20.22 -16.94 -33.10
CA LYS A 191 -20.67 -16.54 -34.43
C LYS A 191 -22.18 -16.32 -34.53
N VAL A 192 -22.95 -16.68 -33.51
CA VAL A 192 -24.40 -16.49 -33.50
C VAL A 192 -24.71 -15.19 -32.77
N PRO A 193 -25.46 -14.28 -33.37
CA PRO A 193 -25.76 -13.01 -32.68
C PRO A 193 -26.58 -13.25 -31.42
N ILE A 194 -26.16 -12.60 -30.34
CA ILE A 194 -26.78 -12.80 -29.03
C ILE A 194 -27.05 -11.43 -28.40
N PRO A 195 -27.96 -11.37 -27.44
CA PRO A 195 -28.03 -10.19 -26.58
C PRO A 195 -26.85 -10.17 -25.64
N CYS A 196 -26.44 -8.96 -25.26
CA CYS A 196 -25.22 -8.81 -24.47
C CYS A 196 -25.33 -9.44 -23.08
N TYR A 197 -26.56 -9.73 -22.61
CA TYR A 197 -26.69 -10.34 -21.30
C TYR A 197 -26.31 -11.83 -21.31
N LEU A 198 -26.13 -12.42 -22.49
CA LEU A 198 -25.64 -13.78 -22.61
C LEU A 198 -24.13 -13.86 -22.66
N ILE A 199 -23.43 -12.72 -22.53
CA ILE A 199 -21.98 -12.69 -22.43
C ILE A 199 -21.56 -13.12 -21.04
N ALA A 200 -20.67 -14.11 -20.95
CA ALA A 200 -20.25 -14.66 -19.67
C ALA A 200 -18.77 -14.99 -19.72
N LEU A 201 -18.10 -14.80 -18.58
CA LEU A 201 -16.69 -15.13 -18.44
C LEU A 201 -16.46 -15.87 -17.13
N VAL A 202 -15.49 -16.76 -17.15
CA VAL A 202 -15.06 -17.50 -15.95
C VAL A 202 -13.57 -17.74 -16.04
N VAL A 203 -12.89 -17.58 -14.90
CA VAL A 203 -11.45 -17.80 -14.82
C VAL A 203 -11.15 -18.56 -13.52
N GLY A 204 -10.44 -19.69 -13.65
CA GLY A 204 -10.11 -20.49 -12.49
C GLY A 204 -9.38 -21.74 -12.90
N ALA A 205 -8.96 -22.50 -11.89
CA ALA A 205 -8.27 -23.78 -12.11
C ALA A 205 -9.33 -24.81 -12.48
N LEU A 206 -9.72 -24.79 -13.75
CA LEU A 206 -10.83 -25.58 -14.24
C LEU A 206 -10.33 -26.85 -14.91
N GLU A 207 -11.02 -27.96 -14.63
CA GLU A 207 -10.80 -29.23 -15.30
C GLU A 207 -12.04 -29.61 -16.09
N SER A 208 -11.87 -30.51 -17.05
CA SER A 208 -12.95 -30.85 -17.97
C SER A 208 -13.07 -32.36 -18.10
N ARG A 209 -14.30 -32.79 -18.40
CA ARG A 209 -14.62 -34.19 -18.69
C ARG A 209 -15.68 -34.19 -19.79
N GLN A 210 -15.39 -34.89 -20.89
CA GLN A 210 -16.33 -34.96 -22.01
C GLN A 210 -17.42 -35.99 -21.73
N ILE A 211 -18.67 -35.54 -21.75
CA ILE A 211 -19.82 -36.41 -21.53
C ILE A 211 -20.67 -36.56 -22.79
N GLY A 212 -20.21 -36.02 -23.92
CA GLY A 212 -20.95 -36.10 -25.15
C GLY A 212 -20.18 -35.60 -26.36
N PRO A 213 -20.76 -35.76 -27.55
CA PRO A 213 -20.02 -35.37 -28.76
C PRO A 213 -19.76 -33.88 -28.85
N ARG A 214 -20.61 -33.07 -28.23
CA ARG A 214 -20.50 -31.61 -28.26
C ARG A 214 -20.59 -31.04 -26.85
N THR A 215 -20.22 -31.82 -25.84
CA THR A 215 -20.41 -31.41 -24.46
C THR A 215 -19.19 -31.77 -23.63
N LEU A 216 -18.58 -30.76 -23.02
CA LEU A 216 -17.63 -30.93 -21.94
C LEU A 216 -18.23 -30.38 -20.66
N VAL A 217 -17.85 -30.98 -19.53
CA VAL A 217 -18.26 -30.53 -18.20
C VAL A 217 -17.05 -29.92 -17.52
N TRP A 218 -17.22 -28.71 -17.00
CA TRP A 218 -16.14 -27.94 -16.39
C TRP A 218 -16.40 -27.73 -14.91
N SER A 219 -15.34 -27.78 -14.12
CA SER A 219 -15.41 -27.48 -12.69
C SER A 219 -13.99 -27.63 -12.15
N GLU A 220 -13.83 -27.30 -10.87
CA GLU A 220 -12.58 -27.61 -10.19
C GLU A 220 -12.42 -29.13 -10.09
N LYS A 221 -11.17 -29.58 -10.00
CA LYS A 221 -10.90 -31.01 -10.00
C LYS A 221 -11.71 -31.75 -8.94
N GLU A 222 -12.06 -31.08 -7.84
CA GLU A 222 -12.76 -31.78 -6.77
C GLU A 222 -14.15 -32.23 -7.20
N GLN A 223 -14.76 -31.51 -8.15
CA GLN A 223 -16.14 -31.75 -8.53
C GLN A 223 -16.35 -32.17 -9.98
N VAL A 224 -15.31 -32.20 -10.81
CA VAL A 224 -15.51 -32.48 -12.23
C VAL A 224 -16.10 -33.87 -12.41
N GLU A 225 -15.48 -34.87 -11.79
CA GLU A 225 -15.94 -36.25 -11.97
C GLU A 225 -17.36 -36.43 -11.46
N LYS A 226 -17.70 -35.80 -10.32
CA LYS A 226 -19.07 -35.86 -9.82
C LYS A 226 -20.04 -35.22 -10.81
N SER A 227 -19.66 -34.08 -11.38
CA SER A 227 -20.55 -33.35 -12.28
C SER A 227 -20.74 -34.10 -13.59
N ALA A 228 -19.67 -34.68 -14.14
CA ALA A 228 -19.81 -35.44 -15.38
C ALA A 228 -20.85 -36.56 -15.21
N TYR A 229 -20.89 -37.17 -14.03
CA TYR A 229 -21.88 -38.20 -13.77
C TYR A 229 -23.28 -37.61 -13.61
N GLU A 230 -23.40 -36.57 -12.79
CA GLU A 230 -24.71 -36.01 -12.49
C GLU A 230 -25.43 -35.55 -13.76
N PHE A 231 -24.68 -35.21 -14.81
CA PHE A 231 -25.24 -34.66 -16.03
C PHE A 231 -24.98 -35.56 -17.23
N SER A 232 -24.85 -36.86 -17.00
CA SER A 232 -24.49 -37.78 -18.07
C SER A 232 -25.52 -37.80 -19.21
N GLU A 233 -26.74 -37.33 -18.96
CA GLU A 233 -27.81 -37.42 -19.94
C GLU A 233 -27.99 -36.14 -20.76
N THR A 234 -27.02 -35.21 -20.69
CA THR A 234 -27.16 -33.97 -21.43
C THR A 234 -27.37 -34.23 -22.92
N GLU A 235 -26.48 -35.01 -23.54
CA GLU A 235 -26.64 -35.33 -24.95
C GLU A 235 -28.00 -35.98 -25.19
N SER A 236 -28.42 -36.86 -24.28
CA SER A 236 -29.74 -37.46 -24.37
C SER A 236 -30.81 -36.38 -24.46
N MET A 237 -30.67 -35.33 -23.66
CA MET A 237 -31.65 -34.24 -23.64
C MET A 237 -31.50 -33.28 -24.82
N LEU A 238 -30.27 -33.09 -25.31
CA LEU A 238 -30.07 -32.21 -26.47
C LEU A 238 -30.81 -32.71 -27.69
N LYS A 239 -30.75 -34.02 -27.96
CA LYS A 239 -31.44 -34.57 -29.13
C LYS A 239 -32.95 -34.45 -28.99
N ILE A 240 -33.48 -34.60 -27.77
CA ILE A 240 -34.90 -34.37 -27.57
C ILE A 240 -35.23 -32.90 -27.81
N ALA A 241 -34.42 -31.99 -27.27
CA ALA A 241 -34.64 -30.56 -27.50
C ALA A 241 -34.58 -30.24 -28.99
N GLU A 242 -33.64 -30.84 -29.71
CA GLU A 242 -33.54 -30.61 -31.15
C GLU A 242 -34.78 -31.10 -31.87
N ASP A 243 -35.33 -32.23 -31.43
CA ASP A 243 -36.51 -32.79 -32.08
C ASP A 243 -37.72 -31.88 -31.88
N LEU A 244 -37.79 -31.16 -30.76
CA LEU A 244 -38.94 -30.32 -30.46
C LEU A 244 -38.81 -28.92 -31.05
N GLY A 245 -37.63 -28.32 -30.99
CA GLY A 245 -37.47 -26.94 -31.40
C GLY A 245 -36.62 -26.74 -32.64
N GLY A 246 -36.10 -27.83 -33.20
CA GLY A 246 -35.27 -27.75 -34.37
C GLY A 246 -33.79 -27.82 -34.05
N PRO A 247 -32.95 -27.55 -35.05
CA PRO A 247 -31.51 -27.77 -34.88
C PRO A 247 -30.92 -26.88 -33.79
N TYR A 248 -29.94 -27.44 -33.07
CA TYR A 248 -29.11 -26.67 -32.16
C TYR A 248 -28.06 -25.92 -32.97
N VAL A 249 -28.09 -24.58 -32.91
CA VAL A 249 -27.29 -23.77 -33.82
C VAL A 249 -25.99 -23.27 -33.19
N TRP A 250 -25.71 -23.63 -31.95
CA TRP A 250 -24.59 -23.04 -31.23
C TRP A 250 -23.34 -23.89 -31.23
N GLY A 251 -23.34 -25.01 -31.96
CA GLY A 251 -22.17 -25.86 -32.03
C GLY A 251 -21.92 -26.65 -30.75
N GLN A 252 -21.30 -26.01 -29.77
CA GLN A 252 -20.92 -26.68 -28.52
C GLN A 252 -21.94 -26.39 -27.43
N TYR A 253 -22.22 -27.41 -26.61
CA TYR A 253 -22.99 -27.24 -25.38
C TYR A 253 -22.15 -27.79 -24.24
N ASP A 254 -21.35 -26.92 -23.63
CA ASP A 254 -20.57 -27.27 -22.46
C ASP A 254 -21.34 -26.92 -21.19
N LEU A 255 -20.88 -27.47 -20.07
CA LEU A 255 -21.49 -27.20 -18.76
C LEU A 255 -20.42 -26.75 -17.79
N LEU A 256 -20.75 -25.74 -16.97
CA LEU A 256 -19.85 -25.20 -15.96
C LEU A 256 -20.52 -25.25 -14.60
N VAL A 257 -19.91 -26.00 -13.67
CA VAL A 257 -20.37 -26.08 -12.29
C VAL A 257 -19.53 -25.12 -11.46
N LEU A 258 -20.15 -24.05 -10.98
CA LEU A 258 -19.41 -22.98 -10.30
C LEU A 258 -19.32 -23.23 -8.81
N PRO A 259 -18.58 -22.40 -8.10
CA PRO A 259 -18.50 -22.49 -6.64
C PRO A 259 -19.85 -22.21 -6.00
N PRO A 260 -19.99 -22.54 -4.72
CA PRO A 260 -21.32 -22.53 -4.08
C PRO A 260 -22.02 -21.18 -4.08
N SER A 261 -21.32 -20.08 -4.30
CA SER A 261 -21.96 -18.77 -4.20
C SER A 261 -22.71 -18.36 -5.46
N PHE A 262 -22.80 -19.22 -6.47
CA PHE A 262 -23.49 -18.85 -7.69
C PHE A 262 -24.94 -18.50 -7.37
N PRO A 263 -25.45 -17.37 -7.84
CA PRO A 263 -26.74 -16.87 -7.34
C PRO A 263 -27.96 -17.61 -7.85
N TYR A 264 -27.87 -18.39 -8.93
CA TYR A 264 -29.04 -19.02 -9.51
C TYR A 264 -28.78 -20.49 -9.79
N GLY A 265 -29.86 -21.22 -10.07
CA GLY A 265 -29.74 -22.62 -10.39
C GLY A 265 -29.00 -22.85 -11.70
N GLY A 266 -29.26 -22.02 -12.70
CA GLY A 266 -28.56 -22.11 -13.97
C GLY A 266 -28.67 -20.81 -14.73
N MET A 267 -27.73 -20.62 -15.65
CA MET A 267 -27.72 -19.45 -16.53
C MET A 267 -27.49 -19.93 -17.96
N GLU A 268 -28.43 -19.61 -18.85
CA GLU A 268 -28.44 -20.14 -20.21
C GLU A 268 -27.43 -19.40 -21.11
N ASN A 269 -26.18 -19.41 -20.67
CA ASN A 269 -25.12 -18.77 -21.44
C ASN A 269 -24.79 -19.64 -22.66
N PRO A 270 -24.76 -19.07 -23.86
CA PRO A 270 -24.57 -19.91 -25.06
C PRO A 270 -23.23 -20.62 -25.05
N CYS A 271 -23.27 -21.93 -25.32
CA CYS A 271 -22.09 -22.78 -25.41
C CYS A 271 -21.57 -23.25 -24.06
N LEU A 272 -21.97 -22.59 -22.97
CA LEU A 272 -21.41 -22.92 -21.65
C LEU A 272 -22.44 -22.53 -20.58
N THR A 273 -23.34 -23.47 -20.28
CA THR A 273 -24.33 -23.24 -19.23
C THR A 273 -23.65 -23.14 -17.87
N PHE A 274 -24.09 -22.18 -17.07
CA PHE A 274 -23.67 -22.07 -15.67
C PHE A 274 -24.72 -22.72 -14.81
N VAL A 275 -24.29 -23.53 -13.83
CA VAL A 275 -25.20 -24.22 -12.93
C VAL A 275 -24.66 -24.14 -11.51
N THR A 276 -25.57 -24.17 -10.55
CA THR A 276 -25.19 -24.18 -9.15
C THR A 276 -24.63 -25.55 -8.76
N PRO A 277 -23.60 -25.60 -7.91
CA PRO A 277 -23.13 -26.91 -7.41
C PRO A 277 -24.14 -27.62 -6.53
N THR A 278 -25.26 -26.98 -6.17
CA THR A 278 -26.29 -27.61 -5.37
C THR A 278 -27.13 -28.60 -6.15
N LEU A 279 -26.89 -28.75 -7.45
CA LEU A 279 -27.57 -29.77 -8.24
C LEU A 279 -26.95 -31.14 -8.07
N LEU A 280 -25.77 -31.24 -7.44
CA LEU A 280 -25.06 -32.51 -7.30
C LEU A 280 -25.69 -33.32 -6.17
N ALA A 281 -26.93 -33.76 -6.42
CA ALA A 281 -27.66 -34.56 -5.44
C ALA A 281 -27.21 -36.01 -5.42
N GLY A 282 -26.41 -36.44 -6.39
CA GLY A 282 -25.92 -37.80 -6.44
C GLY A 282 -26.80 -38.78 -7.18
N ASP A 283 -28.04 -38.42 -7.50
CA ASP A 283 -28.97 -39.33 -8.17
C ASP A 283 -29.55 -38.75 -9.44
N LYS A 284 -29.07 -37.59 -9.89
CA LYS A 284 -29.53 -36.92 -11.11
C LYS A 284 -30.95 -36.42 -10.98
N SER A 285 -31.55 -36.47 -9.79
CA SER A 285 -32.94 -36.08 -9.63
C SER A 285 -33.15 -34.60 -9.92
N LEU A 286 -32.12 -33.78 -9.69
CA LEU A 286 -32.21 -32.35 -9.92
C LEU A 286 -31.69 -31.94 -11.29
N SER A 287 -31.49 -32.90 -12.19
CA SER A 287 -30.93 -32.62 -13.51
C SER A 287 -31.93 -31.92 -14.43
N ASN A 288 -33.21 -31.83 -14.06
CA ASN A 288 -34.15 -31.09 -14.87
C ASN A 288 -33.72 -29.65 -15.07
N VAL A 289 -32.92 -29.09 -14.15
CA VAL A 289 -32.35 -27.77 -14.36
C VAL A 289 -31.50 -27.74 -15.62
N ILE A 290 -30.81 -28.85 -15.93
CA ILE A 290 -30.03 -28.92 -17.16
C ILE A 290 -30.97 -28.91 -18.37
N ALA A 291 -32.08 -29.65 -18.29
CA ALA A 291 -33.07 -29.63 -19.36
C ALA A 291 -33.64 -28.23 -19.55
N HIS A 292 -33.66 -27.43 -18.48
CA HIS A 292 -34.13 -26.05 -18.58
C HIS A 292 -33.13 -25.20 -19.35
N GLU A 293 -31.88 -25.16 -18.88
CA GLU A 293 -30.86 -24.36 -19.54
C GLU A 293 -30.69 -24.79 -20.99
N ILE A 294 -30.84 -26.09 -21.28
CA ILE A 294 -30.75 -26.57 -22.65
C ILE A 294 -31.86 -25.97 -23.50
N SER A 295 -33.09 -26.01 -22.98
CA SER A 295 -34.23 -25.47 -23.73
C SER A 295 -34.03 -24.00 -24.06
N HIS A 296 -33.35 -23.25 -23.19
CA HIS A 296 -33.09 -21.84 -23.46
C HIS A 296 -32.33 -21.64 -24.76
N SER A 297 -31.59 -22.65 -25.24
CA SER A 297 -30.87 -22.53 -26.49
C SER A 297 -31.79 -22.19 -27.66
N TRP A 298 -33.09 -22.46 -27.53
CA TRP A 298 -34.08 -22.04 -28.51
C TRP A 298 -34.93 -20.89 -28.00
N THR A 299 -35.64 -21.10 -26.89
CA THR A 299 -36.51 -20.08 -26.31
C THR A 299 -35.67 -19.22 -25.36
N GLY A 300 -35.28 -18.04 -25.83
CA GLY A 300 -34.48 -17.13 -25.01
C GLY A 300 -33.19 -16.69 -25.67
N ASN A 301 -32.37 -17.64 -26.11
CA ASN A 301 -31.12 -17.32 -26.77
C ASN A 301 -31.27 -17.16 -28.28
N LEU A 302 -32.14 -17.97 -28.88
CA LEU A 302 -32.44 -17.84 -30.31
C LEU A 302 -33.58 -16.86 -30.54
N VAL A 303 -34.71 -17.09 -29.89
CA VAL A 303 -35.81 -16.13 -29.86
C VAL A 303 -35.74 -15.41 -28.51
N THR A 304 -35.48 -14.11 -28.54
CA THR A 304 -35.18 -13.35 -27.33
C THR A 304 -36.25 -12.31 -27.07
N ASN A 305 -36.46 -12.02 -25.78
CA ASN A 305 -37.37 -10.95 -25.38
C ASN A 305 -36.77 -9.61 -25.77
N LYS A 306 -37.63 -8.70 -26.24
CA LYS A 306 -37.15 -7.40 -26.70
C LYS A 306 -36.77 -6.51 -25.54
N THR A 307 -37.59 -6.48 -24.49
CA THR A 307 -37.27 -5.80 -23.25
C THR A 307 -37.44 -6.79 -22.11
N TRP A 308 -37.13 -6.34 -20.90
CA TRP A 308 -37.28 -7.20 -19.74
C TRP A 308 -38.70 -7.22 -19.22
N ASP A 309 -39.58 -6.35 -19.75
CA ASP A 309 -41.00 -6.46 -19.46
C ASP A 309 -41.60 -7.72 -20.06
N HIS A 310 -40.91 -8.34 -21.02
CA HIS A 310 -41.40 -9.55 -21.68
C HIS A 310 -40.54 -10.76 -21.34
N PHE A 311 -39.82 -10.70 -20.22
CA PHE A 311 -39.00 -11.82 -19.78
C PHE A 311 -39.77 -13.12 -19.75
N TRP A 312 -41.08 -13.06 -19.48
CA TRP A 312 -41.87 -14.27 -19.37
C TRP A 312 -41.82 -15.10 -20.65
N LEU A 313 -41.63 -14.45 -21.81
CA LEU A 313 -41.49 -15.20 -23.06
C LEU A 313 -40.30 -16.16 -23.00
N ASN A 314 -39.22 -15.77 -22.33
CA ASN A 314 -38.05 -16.64 -22.23
C ASN A 314 -38.32 -17.85 -21.34
N GLU A 315 -38.59 -17.61 -20.06
CA GLU A 315 -38.74 -18.73 -19.12
C GLU A 315 -40.06 -19.47 -19.35
N GLY A 316 -41.11 -18.74 -19.74
CA GLY A 316 -42.39 -19.38 -19.97
C GLY A 316 -42.30 -20.52 -20.97
N HIS A 317 -41.74 -20.24 -22.15
CA HIS A 317 -41.58 -21.30 -23.15
C HIS A 317 -40.49 -22.28 -22.74
N THR A 318 -39.44 -21.82 -22.06
CA THR A 318 -38.37 -22.71 -21.65
C THR A 318 -38.88 -23.76 -20.68
N VAL A 319 -39.68 -23.36 -19.68
CA VAL A 319 -40.27 -24.34 -18.78
C VAL A 319 -41.12 -25.34 -19.56
N TYR A 320 -41.88 -24.85 -20.53
CA TYR A 320 -42.72 -25.72 -21.34
C TYR A 320 -41.89 -26.80 -22.03
N LEU A 321 -40.84 -26.38 -22.75
CA LEU A 321 -39.96 -27.34 -23.42
C LEU A 321 -39.32 -28.30 -22.41
N GLU A 322 -38.82 -27.75 -21.30
CA GLU A 322 -38.15 -28.57 -20.30
C GLU A 322 -39.04 -29.73 -19.86
N ARG A 323 -40.27 -29.43 -19.45
CA ARG A 323 -41.17 -30.47 -18.95
C ARG A 323 -41.62 -31.43 -20.05
N HIS A 324 -41.57 -31.02 -21.32
CA HIS A 324 -41.77 -31.98 -22.41
C HIS A 324 -40.54 -32.87 -22.58
N ILE A 325 -39.34 -32.31 -22.42
CA ILE A 325 -38.13 -33.13 -22.44
C ILE A 325 -38.21 -34.21 -21.36
N CYS A 326 -38.52 -33.79 -20.13
CA CYS A 326 -38.68 -34.76 -19.05
C CYS A 326 -39.84 -35.72 -19.33
N GLY A 327 -40.90 -35.24 -19.98
CA GLY A 327 -42.00 -36.12 -20.30
C GLY A 327 -41.63 -37.18 -21.31
N ARG A 328 -40.77 -36.84 -22.27
CA ARG A 328 -40.28 -37.83 -23.24
C ARG A 328 -39.36 -38.84 -22.57
N LEU A 329 -38.69 -38.45 -21.49
CA LEU A 329 -37.74 -39.32 -20.82
C LEU A 329 -38.39 -40.17 -19.73
N PHE A 330 -39.48 -39.69 -19.12
CA PHE A 330 -40.06 -40.35 -17.96
C PHE A 330 -41.57 -40.54 -18.03
N GLY A 331 -42.20 -40.19 -19.15
CA GLY A 331 -43.61 -40.46 -19.33
C GLY A 331 -44.46 -39.23 -19.12
N GLU A 332 -45.61 -39.20 -19.81
CA GLU A 332 -46.53 -38.07 -19.68
C GLU A 332 -47.00 -37.90 -18.24
N LYS A 333 -47.15 -38.99 -17.49
CA LYS A 333 -47.53 -38.88 -16.09
C LYS A 333 -46.54 -38.02 -15.33
N PHE A 334 -45.25 -38.17 -15.61
CA PHE A 334 -44.25 -37.35 -14.94
C PHE A 334 -44.37 -35.90 -15.35
N ARG A 335 -44.68 -35.63 -16.61
CA ARG A 335 -44.81 -34.25 -17.06
C ARG A 335 -45.93 -33.53 -16.30
N HIS A 336 -47.09 -34.18 -16.15
CA HIS A 336 -48.16 -33.57 -15.38
C HIS A 336 -47.75 -33.37 -13.93
N PHE A 337 -46.93 -34.27 -13.40
CA PHE A 337 -46.45 -34.12 -12.03
C PHE A 337 -45.71 -32.80 -11.86
N ASN A 338 -44.74 -32.52 -12.73
CA ASN A 338 -44.00 -31.27 -12.64
C ASN A 338 -44.92 -30.07 -12.89
N ALA A 339 -45.82 -30.18 -13.86
CA ALA A 339 -46.77 -29.11 -14.12
C ALA A 339 -47.61 -28.80 -12.89
N LEU A 340 -48.15 -29.84 -12.25
CA LEU A 340 -48.93 -29.63 -11.04
C LEU A 340 -48.06 -29.06 -9.92
N GLY A 341 -46.89 -29.64 -9.72
CA GLY A 341 -45.96 -29.07 -8.74
C GLY A 341 -45.67 -27.61 -9.02
N GLY A 342 -45.50 -27.26 -10.30
CA GLY A 342 -45.26 -25.87 -10.65
C GLY A 342 -46.46 -24.98 -10.34
N TRP A 343 -47.67 -25.48 -10.59
CA TRP A 343 -48.85 -24.70 -10.21
C TRP A 343 -48.88 -24.48 -8.70
N GLY A 344 -48.41 -25.45 -7.92
CA GLY A 344 -48.32 -25.26 -6.48
C GLY A 344 -47.30 -24.19 -6.11
N GLU A 345 -46.18 -24.15 -6.83
CA GLU A 345 -45.22 -23.07 -6.63
C GLU A 345 -45.82 -21.72 -6.97
N LEU A 346 -46.60 -21.65 -8.06
CA LEU A 346 -47.22 -20.38 -8.43
C LEU A 346 -48.15 -19.88 -7.33
N GLN A 347 -48.83 -20.82 -6.64
CA GLN A 347 -49.62 -20.43 -5.48
C GLN A 347 -48.75 -19.82 -4.39
N ASN A 348 -47.59 -20.43 -4.12
CA ASN A 348 -46.70 -19.93 -3.08
C ASN A 348 -46.19 -18.53 -3.41
N SER A 349 -45.76 -18.30 -4.65
CA SER A 349 -45.26 -16.98 -5.01
C SER A 349 -46.33 -15.92 -4.81
N VAL A 350 -47.55 -16.18 -5.27
CA VAL A 350 -48.63 -15.21 -5.14
C VAL A 350 -48.93 -14.94 -3.67
N LYS A 351 -49.00 -16.00 -2.86
CA LYS A 351 -49.25 -15.81 -1.44
C LYS A 351 -48.17 -14.95 -0.80
N THR A 352 -46.91 -15.17 -1.19
CA THR A 352 -45.81 -14.40 -0.61
C THR A 352 -45.78 -12.98 -1.15
N PHE A 353 -45.95 -12.82 -2.46
CA PHE A 353 -45.97 -11.49 -3.06
C PHE A 353 -47.24 -10.72 -2.72
N GLY A 354 -48.38 -11.40 -2.69
CA GLY A 354 -49.66 -10.74 -2.53
C GLY A 354 -50.46 -10.85 -3.81
N GLU A 355 -51.76 -11.10 -3.68
CA GLU A 355 -52.61 -11.36 -4.84
C GLU A 355 -52.65 -10.17 -5.79
N THR A 356 -52.37 -8.97 -5.31
CA THR A 356 -52.40 -7.77 -6.14
C THR A 356 -51.02 -7.21 -6.46
N HIS A 357 -49.95 -7.88 -6.03
CA HIS A 357 -48.60 -7.34 -6.20
C HIS A 357 -48.29 -7.19 -7.69
N PRO A 358 -47.72 -6.06 -8.11
CA PRO A 358 -47.44 -5.87 -9.55
C PRO A 358 -46.46 -6.88 -10.11
N PHE A 359 -45.68 -7.57 -9.28
CA PHE A 359 -44.71 -8.53 -9.78
C PHE A 359 -45.33 -9.90 -10.05
N THR A 360 -46.63 -10.06 -9.84
CA THR A 360 -47.32 -11.28 -10.24
C THR A 360 -47.97 -11.15 -11.61
N LYS A 361 -47.97 -9.97 -12.21
CA LYS A 361 -48.43 -9.85 -13.59
C LYS A 361 -47.44 -10.53 -14.52
N LEU A 362 -47.98 -11.18 -15.56
CA LEU A 362 -47.13 -11.87 -16.51
C LEU A 362 -46.24 -10.89 -17.26
N VAL A 363 -46.84 -9.85 -17.84
CA VAL A 363 -46.12 -8.75 -18.47
C VAL A 363 -46.02 -7.62 -17.46
N VAL A 364 -44.79 -7.22 -17.14
CA VAL A 364 -44.54 -6.24 -16.08
C VAL A 364 -44.12 -4.91 -16.71
N ASP A 365 -44.00 -3.90 -15.85
CA ASP A 365 -43.53 -2.57 -16.24
C ASP A 365 -42.35 -2.24 -15.32
N LEU A 366 -41.14 -2.55 -15.78
CA LEU A 366 -39.94 -2.37 -14.95
C LEU A 366 -39.42 -0.94 -14.98
N THR A 367 -40.26 0.02 -15.35
CA THR A 367 -39.85 1.42 -15.35
C THR A 367 -39.52 1.84 -13.92
N ASP A 368 -38.25 2.23 -13.71
CA ASP A 368 -37.79 2.64 -12.38
C ASP A 368 -37.89 1.48 -11.39
N ILE A 369 -37.52 0.28 -11.83
CA ILE A 369 -37.51 -0.91 -11.00
C ILE A 369 -36.28 -1.74 -11.35
N ASP A 370 -35.48 -2.07 -10.35
CA ASP A 370 -34.33 -2.93 -10.56
C ASP A 370 -34.78 -4.32 -10.96
N PRO A 371 -34.50 -4.79 -12.18
CA PRO A 371 -35.00 -6.10 -12.59
C PRO A 371 -34.65 -7.23 -11.62
N ASP A 372 -33.54 -7.12 -10.89
CA ASP A 372 -33.22 -8.15 -9.91
C ASP A 372 -34.26 -8.24 -8.81
N VAL A 373 -34.88 -7.10 -8.48
CA VAL A 373 -35.90 -7.11 -7.42
C VAL A 373 -37.16 -7.80 -7.90
N ALA A 374 -37.44 -7.73 -9.21
CA ALA A 374 -38.63 -8.34 -9.77
C ALA A 374 -38.46 -9.83 -10.06
N TYR A 375 -37.24 -10.34 -10.04
CA TYR A 375 -37.02 -11.75 -10.38
C TYR A 375 -37.71 -12.67 -9.39
N SER A 376 -38.48 -13.61 -9.93
CA SER A 376 -39.12 -14.63 -9.12
C SER A 376 -39.52 -15.78 -10.06
N SER A 377 -40.10 -16.83 -9.48
CA SER A 377 -40.57 -17.95 -10.28
C SER A 377 -41.93 -17.67 -10.91
N VAL A 378 -42.52 -16.50 -10.64
CA VAL A 378 -43.84 -16.19 -11.20
C VAL A 378 -43.83 -16.22 -12.72
N PRO A 379 -42.94 -15.51 -13.42
CA PRO A 379 -42.92 -15.63 -14.88
C PRO A 379 -42.68 -17.05 -15.34
N TYR A 380 -41.97 -17.85 -14.53
CA TYR A 380 -41.76 -19.25 -14.88
C TYR A 380 -43.08 -20.01 -14.87
N GLU A 381 -43.74 -20.08 -13.72
CA GLU A 381 -44.94 -20.90 -13.59
C GLU A 381 -46.15 -20.25 -14.26
N LYS A 382 -46.35 -18.95 -14.03
CA LYS A 382 -47.46 -18.24 -14.67
C LYS A 382 -47.34 -18.30 -16.19
N GLY A 383 -46.12 -18.12 -16.71
CA GLY A 383 -45.92 -18.31 -18.14
C GLY A 383 -46.25 -19.71 -18.59
N PHE A 384 -45.72 -20.72 -17.89
CA PHE A 384 -46.00 -22.11 -18.26
C PHE A 384 -47.49 -22.43 -18.14
N ALA A 385 -48.15 -21.93 -17.10
CA ALA A 385 -49.57 -22.18 -16.95
C ALA A 385 -50.33 -21.72 -18.19
N LEU A 386 -49.98 -20.54 -18.71
CA LEU A 386 -50.62 -20.04 -19.92
C LEU A 386 -50.43 -20.99 -21.09
N LEU A 387 -49.19 -21.40 -21.34
CA LEU A 387 -48.91 -22.28 -22.47
C LEU A 387 -49.59 -23.63 -22.30
N PHE A 388 -49.50 -24.21 -21.09
CA PHE A 388 -50.19 -25.46 -20.82
C PHE A 388 -51.69 -25.31 -21.05
N TYR A 389 -52.27 -24.22 -20.54
CA TYR A 389 -53.69 -23.96 -20.75
C TYR A 389 -54.01 -23.85 -22.23
N LEU A 390 -53.15 -23.16 -22.99
CA LEU A 390 -53.36 -23.05 -24.44
C LEU A 390 -53.19 -24.40 -25.11
N GLU A 391 -52.18 -25.16 -24.70
CA GLU A 391 -51.98 -26.51 -25.24
C GLU A 391 -53.26 -27.34 -25.09
N GLN A 392 -53.83 -27.34 -23.89
CA GLN A 392 -55.08 -28.09 -23.70
C GLN A 392 -56.22 -27.45 -24.48
N LEU A 393 -56.25 -26.13 -24.55
CA LEU A 393 -57.36 -25.45 -25.20
C LEU A 393 -57.31 -25.62 -26.72
N LEU A 394 -56.12 -25.87 -27.28
CA LEU A 394 -55.93 -25.87 -28.71
C LEU A 394 -55.83 -27.27 -29.31
N GLY A 395 -55.90 -28.32 -28.50
CA GLY A 395 -56.03 -29.67 -29.03
C GLY A 395 -54.93 -30.64 -28.67
N GLY A 396 -54.13 -30.34 -27.65
CA GLY A 396 -53.17 -31.30 -27.16
C GLY A 396 -51.73 -30.89 -27.35
N PRO A 397 -50.81 -31.68 -26.80
CA PRO A 397 -49.38 -31.34 -26.91
C PRO A 397 -48.84 -31.47 -28.32
N GLU A 398 -49.38 -32.39 -29.14
CA GLU A 398 -48.91 -32.54 -30.50
C GLU A 398 -49.13 -31.26 -31.30
N ILE A 399 -50.36 -30.75 -31.30
CA ILE A 399 -50.67 -29.53 -32.06
C ILE A 399 -49.83 -28.37 -31.54
N PHE A 400 -49.81 -28.16 -30.23
CA PHE A 400 -49.15 -26.98 -29.69
C PHE A 400 -47.64 -27.04 -29.88
N LEU A 401 -47.05 -28.24 -29.82
CA LEU A 401 -45.61 -28.35 -30.07
C LEU A 401 -45.30 -27.95 -31.51
N GLY A 402 -46.19 -28.27 -32.45
CA GLY A 402 -46.00 -27.79 -33.81
C GLY A 402 -45.96 -26.28 -33.88
N PHE A 403 -46.76 -25.60 -33.05
CA PHE A 403 -46.70 -24.15 -32.99
C PHE A 403 -45.38 -23.66 -32.39
N LEU A 404 -44.93 -24.30 -31.32
CA LEU A 404 -43.70 -23.86 -30.68
C LEU A 404 -42.52 -23.92 -31.64
N LYS A 405 -42.41 -25.02 -32.41
CA LYS A 405 -41.28 -25.13 -33.35
C LYS A 405 -41.37 -24.07 -34.44
N ALA A 406 -42.58 -23.81 -34.96
CA ALA A 406 -42.75 -22.76 -35.94
C ALA A 406 -42.46 -21.40 -35.33
N TYR A 407 -42.94 -21.16 -34.11
CA TYR A 407 -42.64 -19.92 -33.39
C TYR A 407 -41.13 -19.69 -33.32
N VAL A 408 -40.36 -20.74 -33.05
CA VAL A 408 -38.92 -20.58 -32.89
C VAL A 408 -38.26 -20.25 -34.24
N GLU A 409 -38.68 -20.93 -35.31
CA GLU A 409 -38.10 -20.66 -36.62
C GLU A 409 -38.52 -19.29 -37.14
N LYS A 410 -39.74 -18.84 -36.80
CA LYS A 410 -40.23 -17.56 -37.27
C LYS A 410 -39.38 -16.40 -36.75
N PHE A 411 -39.02 -16.43 -35.47
CA PHE A 411 -38.30 -15.35 -34.82
C PHE A 411 -36.87 -15.72 -34.43
N SER A 412 -36.28 -16.71 -35.09
CA SER A 412 -34.89 -17.05 -34.80
C SER A 412 -33.99 -15.84 -35.03
N TYR A 413 -33.06 -15.62 -34.09
CA TYR A 413 -32.09 -14.52 -34.15
C TYR A 413 -32.74 -13.15 -34.03
N LYS A 414 -33.97 -13.07 -33.52
CA LYS A 414 -34.68 -11.81 -33.37
C LYS A 414 -35.10 -11.62 -31.92
N SER A 415 -35.66 -10.44 -31.65
CA SER A 415 -36.19 -10.08 -30.34
C SER A 415 -37.63 -9.63 -30.50
N ILE A 416 -38.54 -10.24 -29.74
CA ILE A 416 -39.95 -10.02 -29.91
C ILE A 416 -40.57 -9.55 -28.60
N THR A 417 -41.82 -9.13 -28.68
CA THR A 417 -42.62 -8.73 -27.53
C THR A 417 -43.77 -9.72 -27.36
N THR A 418 -44.55 -9.50 -26.29
CA THR A 418 -45.71 -10.35 -26.07
C THR A 418 -46.72 -10.21 -27.20
N ASP A 419 -46.84 -9.00 -27.77
CA ASP A 419 -47.74 -8.80 -28.89
C ASP A 419 -47.25 -9.54 -30.13
N ASP A 420 -45.94 -9.56 -30.36
CA ASP A 420 -45.39 -10.38 -31.45
C ASP A 420 -45.77 -11.84 -31.27
N TRP A 421 -45.63 -12.35 -30.04
CA TRP A 421 -45.99 -13.74 -29.77
C TRP A 421 -47.48 -13.96 -29.98
N LYS A 422 -48.32 -13.13 -29.36
CA LYS A 422 -49.76 -13.27 -29.52
C LYS A 422 -50.18 -13.15 -30.98
N ASP A 423 -49.60 -12.20 -31.70
CA ASP A 423 -49.98 -12.02 -33.11
C ASP A 423 -49.70 -13.28 -33.92
N PHE A 424 -48.52 -13.89 -33.72
CA PHE A 424 -48.20 -15.10 -34.48
C PHE A 424 -49.03 -16.29 -34.02
N LEU A 425 -49.39 -16.34 -32.73
CA LEU A 425 -50.31 -17.36 -32.25
C LEU A 425 -51.61 -17.35 -33.06
N TYR A 426 -52.22 -16.16 -33.18
CA TYR A 426 -53.45 -16.04 -33.98
C TYR A 426 -53.19 -16.35 -35.45
N SER A 427 -51.99 -16.05 -35.96
CA SER A 427 -51.67 -16.40 -37.34
C SER A 427 -51.53 -17.90 -37.48
N TYR A 428 -50.75 -18.54 -36.60
CA TYR A 428 -50.56 -19.98 -36.66
C TYR A 428 -51.88 -20.73 -36.46
N PHE A 429 -52.66 -20.32 -35.47
CA PHE A 429 -53.93 -20.98 -35.17
C PHE A 429 -55.10 -20.22 -35.76
N LYS A 430 -54.96 -19.85 -37.04
CA LYS A 430 -56.01 -19.09 -37.71
C LYS A 430 -57.30 -19.90 -37.85
N ASP A 431 -57.20 -21.23 -37.91
CA ASP A 431 -58.41 -22.04 -38.00
C ASP A 431 -59.21 -22.03 -36.70
N LYS A 432 -58.54 -21.85 -35.56
CA LYS A 432 -59.18 -21.86 -34.26
C LYS A 432 -59.15 -20.49 -33.59
N VAL A 433 -59.31 -19.44 -34.39
CA VAL A 433 -59.30 -18.09 -33.82
C VAL A 433 -60.43 -17.94 -32.81
N ASP A 434 -61.58 -18.54 -33.08
CA ASP A 434 -62.72 -18.43 -32.19
C ASP A 434 -62.44 -19.07 -30.84
N VAL A 435 -61.56 -20.07 -30.79
CA VAL A 435 -61.18 -20.66 -29.51
C VAL A 435 -60.23 -19.72 -28.76
N LEU A 436 -59.32 -19.06 -29.49
CA LEU A 436 -58.41 -18.12 -28.85
C LEU A 436 -59.17 -16.95 -28.23
N ASN A 437 -60.21 -16.48 -28.90
CA ASN A 437 -61.00 -15.37 -28.37
C ASN A 437 -61.70 -15.73 -27.07
N GLN A 438 -61.81 -17.01 -26.73
CA GLN A 438 -62.35 -17.40 -25.44
C GLN A 438 -61.37 -17.10 -24.31
N VAL A 439 -60.09 -16.91 -24.64
CA VAL A 439 -59.06 -16.67 -23.63
C VAL A 439 -59.19 -15.26 -23.08
N ASP A 440 -59.03 -15.12 -21.77
CA ASP A 440 -58.99 -13.81 -21.12
C ASP A 440 -57.56 -13.28 -21.20
N TRP A 441 -57.23 -12.69 -22.35
CA TRP A 441 -55.87 -12.25 -22.59
C TRP A 441 -55.46 -11.14 -21.63
N ASN A 442 -56.38 -10.20 -21.36
CA ASN A 442 -56.07 -9.12 -20.44
C ASN A 442 -55.71 -9.65 -19.05
N ALA A 443 -56.47 -10.63 -18.56
CA ALA A 443 -56.19 -11.19 -17.24
C ALA A 443 -54.91 -12.01 -17.24
N TRP A 444 -54.73 -12.86 -18.25
CA TRP A 444 -53.54 -13.71 -18.30
C TRP A 444 -52.27 -12.88 -18.40
N LEU A 445 -52.29 -11.81 -19.18
CA LEU A 445 -51.05 -11.10 -19.50
C LEU A 445 -50.75 -9.95 -18.55
N TYR A 446 -51.78 -9.23 -18.10
CA TYR A 446 -51.56 -7.99 -17.37
C TYR A 446 -52.22 -7.95 -16.00
N SER A 447 -53.01 -8.95 -15.64
CA SER A 447 -53.59 -8.89 -14.31
C SER A 447 -52.70 -9.65 -13.31
N PRO A 448 -52.53 -9.12 -12.11
CA PRO A 448 -51.73 -9.80 -11.09
C PRO A 448 -52.49 -10.97 -10.49
N GLY A 449 -51.83 -11.67 -9.58
CA GLY A 449 -52.41 -12.81 -8.90
C GLY A 449 -52.42 -14.07 -9.75
N LEU A 450 -53.16 -15.07 -9.28
CA LEU A 450 -53.23 -16.34 -9.98
C LEU A 450 -54.05 -16.21 -11.26
N PRO A 451 -53.76 -17.04 -12.26
CA PRO A 451 -54.46 -16.94 -13.54
C PRO A 451 -55.95 -17.10 -13.37
N PRO A 452 -56.75 -16.73 -14.39
CA PRO A 452 -58.21 -16.84 -14.26
C PRO A 452 -58.73 -18.26 -14.36
N ILE A 453 -57.95 -19.20 -14.90
CA ILE A 453 -58.39 -20.57 -15.11
C ILE A 453 -57.23 -21.51 -14.79
N LYS A 454 -57.55 -22.64 -14.19
CA LYS A 454 -56.52 -23.62 -13.86
C LYS A 454 -56.53 -24.75 -14.87
N PRO A 455 -55.39 -25.15 -15.40
CA PRO A 455 -55.37 -26.26 -16.37
C PRO A 455 -55.76 -27.56 -15.71
N ASN A 456 -55.93 -28.59 -16.55
CA ASN A 456 -56.27 -29.93 -16.07
C ASN A 456 -54.99 -30.73 -15.85
N TYR A 457 -54.79 -31.19 -14.62
CA TYR A 457 -53.56 -31.88 -14.23
C TYR A 457 -53.86 -33.32 -13.86
N ASP A 458 -52.99 -34.23 -14.31
CA ASP A 458 -53.08 -35.63 -13.94
C ASP A 458 -52.55 -35.84 -12.53
N MET A 459 -53.35 -36.49 -11.69
CA MET A 459 -53.08 -36.61 -10.26
C MET A 459 -52.33 -37.89 -9.89
N THR A 460 -51.96 -38.71 -10.87
CA THR A 460 -51.41 -40.03 -10.57
C THR A 460 -50.22 -39.96 -9.61
N LEU A 461 -49.10 -39.40 -10.07
CA LEU A 461 -47.89 -39.39 -9.26
C LEU A 461 -48.01 -38.49 -8.04
N THR A 462 -48.96 -37.56 -8.03
CA THR A 462 -49.11 -36.64 -6.90
C THR A 462 -49.95 -37.21 -5.78
N ASN A 463 -50.80 -38.20 -6.07
CA ASN A 463 -51.71 -38.72 -5.05
C ASN A 463 -50.96 -39.23 -3.83
N ALA A 464 -49.85 -39.95 -4.04
CA ALA A 464 -49.10 -40.47 -2.90
C ALA A 464 -48.64 -39.36 -1.98
N CYS A 465 -48.20 -38.23 -2.55
CA CYS A 465 -47.76 -37.10 -1.74
C CYS A 465 -48.92 -36.49 -0.97
N ILE A 466 -50.09 -36.42 -1.60
CA ILE A 466 -51.25 -35.80 -0.95
C ILE A 466 -51.71 -36.62 0.25
N ALA A 467 -51.71 -37.95 0.12
CA ALA A 467 -52.17 -38.81 1.21
C ALA A 467 -51.30 -38.64 2.44
N LEU A 468 -49.98 -38.71 2.26
CA LEU A 468 -49.06 -38.63 3.40
C LEU A 468 -49.07 -37.23 4.02
N SER A 469 -48.96 -36.19 3.18
CA SER A 469 -48.95 -34.83 3.71
C SER A 469 -50.24 -34.54 4.48
N GLN A 470 -51.37 -35.07 4.00
CA GLN A 470 -52.62 -34.88 4.72
C GLN A 470 -52.59 -35.59 6.07
N ARG A 471 -52.00 -36.78 6.13
CA ARG A 471 -51.92 -37.48 7.41
C ARG A 471 -51.16 -36.67 8.45
N TRP A 472 -50.06 -36.02 8.05
CA TRP A 472 -49.28 -35.23 9.00
C TRP A 472 -50.02 -33.97 9.41
N ILE A 473 -50.62 -33.26 8.45
CA ILE A 473 -51.28 -32.00 8.74
C ILE A 473 -52.46 -32.23 9.69
N THR A 474 -53.25 -33.27 9.43
CA THR A 474 -54.44 -33.55 10.21
C THR A 474 -54.20 -34.54 11.34
N ALA A 475 -52.94 -34.89 11.61
CA ALA A 475 -52.64 -35.89 12.63
C ALA A 475 -52.62 -35.26 14.01
N LYS A 476 -53.22 -35.95 14.97
CA LYS A 476 -53.14 -35.56 16.36
C LYS A 476 -52.04 -36.38 17.05
N GLU A 477 -51.97 -36.29 18.37
CA GLU A 477 -50.92 -36.98 19.11
C GLU A 477 -50.99 -38.50 18.90
N ASP A 478 -52.17 -39.08 19.15
CA ASP A 478 -52.30 -40.53 19.05
C ASP A 478 -51.98 -41.08 17.67
N ASP A 479 -51.83 -40.23 16.67
CA ASP A 479 -51.48 -40.67 15.32
C ASP A 479 -49.98 -40.64 15.07
N LEU A 480 -49.19 -40.05 15.95
CA LEU A 480 -47.77 -39.87 15.67
C LEU A 480 -46.97 -41.15 15.86
N ASN A 481 -47.40 -42.04 16.76
CA ASN A 481 -46.65 -43.28 16.97
C ASN A 481 -46.68 -44.19 15.74
N SER A 482 -47.68 -44.04 14.87
CA SER A 482 -47.83 -44.94 13.73
C SER A 482 -47.05 -44.49 12.50
N PHE A 483 -46.63 -43.23 12.43
CA PHE A 483 -45.78 -42.83 11.32
C PHE A 483 -44.48 -43.63 11.38
N ASN A 484 -43.98 -44.00 10.20
CA ASN A 484 -42.81 -44.87 10.12
C ASN A 484 -42.10 -44.63 8.79
N ALA A 485 -40.83 -45.03 8.75
CA ALA A 485 -40.03 -44.86 7.54
C ALA A 485 -40.69 -45.52 6.34
N THR A 486 -41.51 -46.55 6.56
CA THR A 486 -42.18 -47.23 5.46
C THR A 486 -43.14 -46.31 4.73
N ASP A 487 -43.49 -45.15 5.29
CA ASP A 487 -44.33 -44.20 4.56
C ASP A 487 -43.67 -43.72 3.29
N LEU A 488 -42.33 -43.74 3.24
CA LEU A 488 -41.55 -43.29 2.11
C LEU A 488 -41.03 -44.44 1.26
N LYS A 489 -41.51 -45.66 1.52
CA LYS A 489 -40.97 -46.85 0.87
C LYS A 489 -41.06 -46.75 -0.64
N ASP A 490 -42.14 -46.18 -1.15
CA ASP A 490 -42.37 -46.13 -2.60
C ASP A 490 -42.44 -44.70 -3.09
N LEU A 491 -41.73 -43.79 -2.44
CA LEU A 491 -41.68 -42.40 -2.84
C LEU A 491 -40.34 -42.06 -3.48
N SER A 492 -40.39 -41.33 -4.58
CA SER A 492 -39.17 -40.87 -5.22
C SER A 492 -38.67 -39.58 -4.59
N SER A 493 -37.48 -39.16 -5.00
CA SER A 493 -36.93 -37.91 -4.48
C SER A 493 -37.84 -36.74 -4.79
N HIS A 494 -38.42 -36.72 -5.99
CA HIS A 494 -39.36 -35.65 -6.34
C HIS A 494 -40.60 -35.71 -5.47
N GLN A 495 -41.22 -36.89 -5.36
CA GLN A 495 -42.39 -37.05 -4.50
C GLN A 495 -42.07 -36.69 -3.05
N LEU A 496 -40.90 -37.09 -2.57
CA LEU A 496 -40.48 -36.67 -1.24
C LEU A 496 -40.43 -35.14 -1.14
N ASN A 497 -39.92 -34.49 -2.19
CA ASN A 497 -39.84 -33.03 -2.18
C ASN A 497 -41.22 -32.40 -2.24
N GLU A 498 -42.11 -32.95 -3.08
CA GLU A 498 -43.46 -32.42 -3.17
C GLU A 498 -44.20 -32.57 -1.84
N PHE A 499 -44.06 -33.74 -1.19
CA PHE A 499 -44.68 -33.93 0.11
C PHE A 499 -44.29 -32.84 1.09
N LEU A 500 -43.00 -32.51 1.16
CA LEU A 500 -42.55 -31.43 2.03
C LEU A 500 -43.17 -30.10 1.60
N ALA A 501 -43.22 -29.84 0.30
CA ALA A 501 -43.83 -28.61 -0.18
C ALA A 501 -45.29 -28.54 0.21
N GLN A 502 -46.01 -29.66 0.10
CA GLN A 502 -47.41 -29.70 0.48
C GLN A 502 -47.58 -29.46 1.98
N THR A 503 -46.71 -30.05 2.78
CA THR A 503 -46.76 -29.83 4.22
C THR A 503 -46.31 -28.41 4.58
N LEU A 504 -45.30 -27.90 3.86
CA LEU A 504 -44.77 -26.58 4.15
C LEU A 504 -45.83 -25.49 4.04
N GLN A 505 -46.78 -25.65 3.12
CA GLN A 505 -47.80 -24.61 2.95
C GLN A 505 -48.64 -24.43 4.22
N ARG A 506 -49.04 -25.53 4.85
CA ARG A 506 -49.87 -25.45 6.04
C ARG A 506 -49.06 -25.27 7.32
N ALA A 507 -47.78 -24.91 7.21
CA ALA A 507 -46.97 -24.66 8.39
C ALA A 507 -47.47 -23.40 9.10
N PRO A 508 -47.20 -23.28 10.41
CA PRO A 508 -46.40 -24.25 11.18
C PRO A 508 -47.18 -25.47 11.65
N LEU A 509 -46.49 -26.58 11.80
CA LEU A 509 -47.05 -27.77 12.42
C LEU A 509 -46.64 -27.84 13.89
N PRO A 510 -47.45 -28.48 14.73
CA PRO A 510 -47.08 -28.61 16.14
C PRO A 510 -45.64 -29.09 16.30
N LEU A 511 -45.00 -28.63 17.38
CA LEU A 511 -43.59 -28.95 17.58
C LEU A 511 -43.37 -30.46 17.65
N GLY A 512 -44.29 -31.19 18.29
CA GLY A 512 -44.14 -32.63 18.38
C GLY A 512 -44.14 -33.31 17.02
N HIS A 513 -44.95 -32.81 16.09
CA HIS A 513 -44.97 -33.37 14.74
C HIS A 513 -43.59 -33.26 14.09
N ILE A 514 -42.99 -32.08 14.18
CA ILE A 514 -41.68 -31.87 13.54
C ILE A 514 -40.62 -32.75 14.19
N LYS A 515 -40.61 -32.82 15.51
CA LYS A 515 -39.68 -33.72 16.20
C LYS A 515 -39.93 -35.18 15.79
N ARG A 516 -41.20 -35.58 15.72
CA ARG A 516 -41.50 -36.94 15.29
C ARG A 516 -41.09 -37.17 13.84
N MET A 517 -41.30 -36.16 12.99
CA MET A 517 -40.96 -36.32 11.58
C MET A 517 -39.47 -36.56 11.40
N GLN A 518 -38.64 -35.89 12.19
CA GLN A 518 -37.20 -36.14 12.12
C GLN A 518 -36.87 -37.54 12.62
N GLU A 519 -37.57 -38.00 13.66
CA GLU A 519 -37.32 -39.34 14.18
C GLU A 519 -37.55 -40.40 13.09
N VAL A 520 -38.69 -40.32 12.41
CA VAL A 520 -39.11 -41.40 11.53
C VAL A 520 -38.54 -41.28 10.11
N TYR A 521 -38.36 -40.07 9.60
CA TYR A 521 -37.92 -39.90 8.22
C TYR A 521 -36.45 -39.51 8.10
N ASN A 522 -35.87 -38.89 9.12
CA ASN A 522 -34.45 -38.49 9.10
C ASN A 522 -34.14 -37.60 7.90
N PHE A 523 -34.95 -36.56 7.73
CA PHE A 523 -34.70 -35.62 6.64
C PHE A 523 -33.39 -34.88 6.83
N ASN A 524 -32.87 -34.82 8.07
CA ASN A 524 -31.60 -34.14 8.31
C ASN A 524 -30.44 -34.77 7.56
N ALA A 525 -30.56 -36.03 7.15
CA ALA A 525 -29.47 -36.73 6.49
C ALA A 525 -29.60 -36.73 4.96
N ILE A 526 -30.59 -36.06 4.40
CA ILE A 526 -30.79 -36.03 2.96
C ILE A 526 -29.93 -34.91 2.37
N ASN A 527 -29.14 -35.25 1.35
CA ASN A 527 -28.27 -34.26 0.73
C ASN A 527 -28.99 -33.40 -0.29
N ASN A 528 -30.03 -33.93 -0.93
CA ASN A 528 -30.83 -33.17 -1.90
C ASN A 528 -31.18 -31.80 -1.36
N SER A 529 -30.61 -30.75 -1.95
CA SER A 529 -30.80 -29.40 -1.43
C SER A 529 -32.24 -28.92 -1.59
N GLU A 530 -32.94 -29.37 -2.65
CA GLU A 530 -34.36 -29.06 -2.76
C GLU A 530 -35.14 -29.61 -1.57
N ILE A 531 -34.89 -30.88 -1.23
CA ILE A 531 -35.58 -31.51 -0.12
C ILE A 531 -35.12 -30.91 1.21
N ARG A 532 -33.81 -30.81 1.40
CA ARG A 532 -33.28 -30.24 2.64
C ARG A 532 -33.79 -28.82 2.86
N PHE A 533 -33.79 -28.02 1.79
CA PHE A 533 -34.26 -26.65 1.88
C PHE A 533 -35.67 -26.58 2.47
N ARG A 534 -36.58 -27.40 1.96
CA ARG A 534 -37.96 -27.33 2.43
C ARG A 534 -38.11 -27.93 3.82
N TRP A 535 -37.40 -29.02 4.12
CA TRP A 535 -37.45 -29.58 5.46
C TRP A 535 -36.99 -28.56 6.49
N LEU A 536 -35.91 -27.84 6.19
CA LEU A 536 -35.43 -26.81 7.12
C LEU A 536 -36.45 -25.69 7.25
N ARG A 537 -37.01 -25.22 6.13
CA ARG A 537 -38.04 -24.19 6.21
C ARG A 537 -39.19 -24.64 7.09
N LEU A 538 -39.60 -25.91 6.96
CA LEU A 538 -40.66 -26.44 7.80
C LEU A 538 -40.28 -26.42 9.27
N CYS A 539 -39.01 -26.66 9.58
CA CYS A 539 -38.57 -26.66 10.98
C CYS A 539 -38.56 -25.25 11.56
N ILE A 540 -37.97 -24.30 10.84
CA ILE A 540 -37.85 -22.94 11.38
C ILE A 540 -39.23 -22.29 11.49
N GLN A 541 -40.09 -22.50 10.49
CA GLN A 541 -41.44 -21.97 10.55
C GLN A 541 -42.26 -22.59 11.68
N SER A 542 -41.91 -23.80 12.11
CA SER A 542 -42.57 -24.45 13.23
C SER A 542 -41.91 -24.13 14.57
N LYS A 543 -40.91 -23.26 14.58
CA LYS A 543 -40.29 -22.74 15.81
C LYS A 543 -39.46 -23.81 16.52
N TRP A 544 -38.69 -24.59 15.75
CA TRP A 544 -37.82 -25.62 16.29
C TRP A 544 -36.40 -25.08 16.37
N GLU A 545 -35.96 -24.75 17.58
CA GLU A 545 -34.67 -24.12 17.76
C GLU A 545 -33.50 -25.03 17.37
N ASP A 546 -33.73 -26.34 17.29
CA ASP A 546 -32.66 -27.26 16.92
C ASP A 546 -32.24 -27.11 15.47
N ALA A 547 -33.11 -26.59 14.60
CA ALA A 547 -32.80 -26.44 13.19
C ALA A 547 -32.11 -25.12 12.87
N ILE A 548 -31.97 -24.23 13.84
CA ILE A 548 -31.37 -22.91 13.62
C ILE A 548 -29.98 -23.04 13.02
N PRO A 549 -29.04 -23.71 13.71
CA PRO A 549 -27.68 -23.79 13.15
C PRO A 549 -27.62 -24.51 11.81
N LEU A 550 -28.45 -25.53 11.61
CA LEU A 550 -28.46 -26.24 10.33
C LEU A 550 -28.92 -25.34 9.19
N ALA A 551 -29.83 -24.40 9.48
CA ALA A 551 -30.32 -23.51 8.44
C ALA A 551 -29.32 -22.40 8.12
N LEU A 552 -28.72 -21.80 9.16
CA LEU A 552 -27.69 -20.80 8.93
C LEU A 552 -26.54 -21.36 8.10
N LYS A 553 -26.19 -22.62 8.34
CA LYS A 553 -25.09 -23.23 7.58
C LYS A 553 -25.47 -23.39 6.11
N MET A 554 -26.68 -23.87 5.83
CA MET A 554 -27.10 -24.03 4.43
C MET A 554 -27.31 -22.69 3.75
N ALA A 555 -27.78 -21.68 4.47
CA ALA A 555 -27.99 -20.37 3.86
C ALA A 555 -26.67 -19.72 3.48
N THR A 556 -25.60 -20.03 4.21
CA THR A 556 -24.29 -19.44 3.97
C THR A 556 -23.28 -20.38 3.32
N GLU A 557 -23.47 -21.70 3.42
CA GLU A 557 -22.56 -22.61 2.74
C GLU A 557 -22.80 -22.61 1.24
N GLN A 558 -23.96 -22.18 0.78
CA GLN A 558 -24.25 -22.01 -0.63
C GLN A 558 -24.93 -20.65 -0.82
N GLY A 559 -24.91 -20.18 -2.07
CA GLY A 559 -25.39 -18.85 -2.36
C GLY A 559 -26.53 -18.79 -3.33
N ARG A 560 -27.05 -19.94 -3.73
CA ARG A 560 -28.21 -19.97 -4.61
C ARG A 560 -29.36 -19.22 -3.96
N MET A 561 -29.76 -18.11 -4.57
CA MET A 561 -30.74 -17.22 -3.93
C MET A 561 -32.07 -17.92 -3.70
N LYS A 562 -32.38 -18.96 -4.47
CA LYS A 562 -33.60 -19.72 -4.23
C LYS A 562 -33.66 -20.25 -2.80
N PHE A 563 -32.50 -20.62 -2.25
CA PHE A 563 -32.40 -21.17 -0.90
C PHE A 563 -31.94 -20.13 0.12
N THR A 564 -30.90 -19.37 -0.21
CA THR A 564 -30.31 -18.45 0.75
C THR A 564 -31.32 -17.40 1.21
N ARG A 565 -32.09 -16.83 0.27
CA ARG A 565 -33.03 -15.77 0.63
C ARG A 565 -34.14 -16.27 1.54
N PRO A 566 -34.91 -17.29 1.17
CA PRO A 566 -35.99 -17.75 2.06
C PRO A 566 -35.49 -18.20 3.42
N LEU A 567 -34.36 -18.92 3.46
CA LEU A 567 -33.82 -19.36 4.74
C LEU A 567 -33.54 -18.17 5.66
N PHE A 568 -32.87 -17.15 5.12
CA PHE A 568 -32.60 -15.96 5.93
C PHE A 568 -33.90 -15.30 6.39
N LYS A 569 -34.82 -15.06 5.45
CA LYS A 569 -36.07 -14.42 5.82
C LYS A 569 -36.82 -15.23 6.88
N ASP A 570 -36.76 -16.56 6.78
CA ASP A 570 -37.40 -17.39 7.79
C ASP A 570 -36.67 -17.30 9.13
N LEU A 571 -35.34 -17.33 9.10
CA LEU A 571 -34.58 -17.16 10.34
C LEU A 571 -34.84 -15.80 10.95
N ALA A 572 -35.01 -14.78 10.13
CA ALA A 572 -35.30 -13.45 10.64
C ALA A 572 -36.71 -13.37 11.20
N ALA A 573 -37.63 -14.20 10.70
CA ALA A 573 -38.99 -14.19 11.20
C ALA A 573 -39.12 -14.99 12.51
N PHE A 574 -38.23 -15.96 12.73
CA PHE A 574 -38.22 -16.70 13.98
C PHE A 574 -37.58 -15.86 15.08
N ASP A 575 -38.31 -15.66 16.18
CA ASP A 575 -37.80 -14.83 17.27
C ASP A 575 -36.51 -15.38 17.84
N LYS A 576 -36.37 -16.71 17.90
CA LYS A 576 -35.22 -17.32 18.54
C LYS A 576 -33.95 -17.25 17.71
N SER A 577 -34.03 -16.81 16.46
CA SER A 577 -32.88 -16.76 15.58
C SER A 577 -32.77 -15.43 14.83
N HIS A 578 -33.68 -14.49 15.07
CA HIS A 578 -33.63 -13.22 14.36
C HIS A 578 -32.27 -12.56 14.52
N ASP A 579 -31.79 -12.45 15.76
CA ASP A 579 -30.52 -11.78 16.01
C ASP A 579 -29.37 -12.52 15.32
N GLN A 580 -29.32 -13.84 15.51
CA GLN A 580 -28.27 -14.65 14.88
C GLN A 580 -28.32 -14.55 13.36
N ALA A 581 -29.50 -14.42 12.77
CA ALA A 581 -29.59 -14.33 11.32
C ALA A 581 -29.06 -13.00 10.81
N VAL A 582 -29.45 -11.90 11.46
CA VAL A 582 -28.97 -10.59 11.04
C VAL A 582 -27.47 -10.49 11.22
N ARG A 583 -26.98 -10.85 12.40
CA ARG A 583 -25.55 -10.78 12.66
C ARG A 583 -24.76 -11.61 11.66
N THR A 584 -25.24 -12.82 11.36
CA THR A 584 -24.57 -13.66 10.37
C THR A 584 -24.46 -12.96 9.03
N TYR A 585 -25.57 -12.38 8.56
CA TYR A 585 -25.55 -11.67 7.29
C TYR A 585 -24.46 -10.60 7.26
N GLN A 586 -24.43 -9.75 8.30
CA GLN A 586 -23.44 -8.68 8.35
C GLN A 586 -22.03 -9.20 8.16
N GLU A 587 -21.72 -10.35 8.76
CA GLU A 587 -20.38 -10.92 8.63
C GLU A 587 -20.11 -11.37 7.19
N HIS A 588 -21.02 -12.16 6.63
CA HIS A 588 -20.81 -12.71 5.29
C HIS A 588 -21.11 -11.71 4.19
N LYS A 589 -21.77 -10.59 4.49
CA LYS A 589 -22.15 -9.63 3.46
C LYS A 589 -20.97 -9.22 2.59
N ALA A 590 -19.79 -9.11 3.19
CA ALA A 590 -18.62 -8.60 2.45
C ALA A 590 -18.14 -9.59 1.41
N SER A 591 -18.37 -10.89 1.62
CA SER A 591 -17.88 -11.93 0.73
C SER A 591 -19.00 -12.67 0.01
N MET A 592 -20.21 -12.12 0.03
CA MET A 592 -21.32 -12.70 -0.71
C MET A 592 -21.32 -12.20 -2.15
N HIS A 593 -22.11 -12.84 -2.99
CA HIS A 593 -22.27 -12.33 -4.33
C HIS A 593 -22.88 -10.93 -4.27
N PRO A 594 -22.40 -9.98 -5.08
CA PRO A 594 -22.93 -8.61 -5.01
C PRO A 594 -24.45 -8.53 -5.15
N VAL A 595 -25.02 -9.23 -6.13
CA VAL A 595 -26.47 -9.21 -6.28
C VAL A 595 -27.14 -9.91 -5.10
N THR A 596 -26.61 -11.06 -4.69
CA THR A 596 -27.21 -11.78 -3.56
C THR A 596 -27.11 -10.98 -2.28
N ALA A 597 -25.95 -10.35 -2.04
CA ALA A 597 -25.77 -9.58 -0.82
C ALA A 597 -26.71 -8.39 -0.76
N MET A 598 -27.05 -7.81 -1.90
CA MET A 598 -27.96 -6.67 -1.93
C MET A 598 -29.39 -7.09 -1.65
N LEU A 599 -29.79 -8.26 -2.16
CA LEU A 599 -31.18 -8.69 -2.03
C LEU A 599 -31.49 -9.15 -0.61
N VAL A 600 -30.62 -9.97 -0.02
CA VAL A 600 -30.83 -10.40 1.36
C VAL A 600 -30.92 -9.18 2.28
N GLY A 601 -30.12 -8.15 2.01
CA GLY A 601 -30.21 -6.94 2.81
C GLY A 601 -31.57 -6.29 2.73
N LYS A 602 -32.15 -6.26 1.53
CA LYS A 602 -33.52 -5.76 1.40
C LYS A 602 -34.52 -6.65 2.11
N ASP A 603 -34.39 -7.98 1.93
CA ASP A 603 -35.23 -8.91 2.66
C ASP A 603 -35.12 -8.68 4.17
N LEU A 604 -33.90 -8.53 4.67
CA LEU A 604 -33.67 -8.34 6.10
C LEU A 604 -33.88 -6.90 6.56
N LYS A 605 -34.06 -5.95 5.65
CA LYS A 605 -34.27 -4.55 6.04
C LYS A 605 -33.08 -4.03 6.85
N VAL A 606 -31.90 -4.16 6.25
CA VAL A 606 -30.67 -3.71 6.90
C VAL A 606 -30.05 -2.55 6.14
N VAL B 1 -15.86 6.95 -0.32
CA VAL B 1 -14.71 6.12 -0.66
C VAL B 1 -13.53 6.98 -1.10
N ASP B 2 -12.63 7.26 -0.15
CA ASP B 2 -11.42 8.03 -0.41
C ASP B 2 -10.33 7.04 -0.85
N THR B 3 -10.03 7.03 -2.14
CA THR B 3 -9.09 6.06 -2.67
C THR B 3 -7.64 6.35 -2.29
N CYS B 4 -7.37 7.46 -1.58
CA CYS B 4 -6.03 7.79 -1.13
C CYS B 4 -5.78 7.38 0.31
N SER B 5 -6.80 6.92 1.02
CA SER B 5 -6.68 6.51 2.41
C SER B 5 -6.82 4.99 2.53
N LEU B 6 -6.00 4.40 3.40
CA LEU B 6 -6.08 2.98 3.70
C LEU B 6 -6.83 2.69 5.00
N ALA B 7 -7.55 3.67 5.52
CA ALA B 7 -8.23 3.54 6.81
C ALA B 7 -9.71 3.24 6.61
N SER B 8 -10.36 2.88 7.71
CA SER B 8 -11.79 2.60 7.66
C SER B 8 -12.53 3.82 7.12
N PRO B 9 -13.45 3.65 6.17
CA PRO B 9 -14.18 4.80 5.63
C PRO B 9 -15.05 5.45 6.69
N ALA B 10 -15.47 6.68 6.37
CA ALA B 10 -16.33 7.42 7.30
C ALA B 10 -17.65 6.70 7.55
N SER B 11 -18.06 5.81 6.65
CA SER B 11 -19.28 5.04 6.86
C SER B 11 -19.10 3.89 7.83
N VAL B 12 -17.86 3.62 8.24
CA VAL B 12 -17.58 2.61 9.27
C VAL B 12 -17.37 3.25 10.63
N CYS B 13 -16.59 4.33 10.69
CA CYS B 13 -16.37 5.06 11.93
C CYS B 13 -15.73 6.39 11.60
N ARG B 14 -15.88 7.35 12.52
CA ARG B 14 -15.33 8.68 12.37
C ARG B 14 -14.55 9.04 13.62
N THR B 15 -13.40 9.68 13.41
CA THR B 15 -12.66 10.27 14.53
C THR B 15 -13.31 11.59 14.88
N LYS B 16 -13.63 11.77 16.16
CA LYS B 16 -14.22 13.02 16.63
C LYS B 16 -13.20 13.95 17.27
N HIS B 17 -12.12 13.41 17.83
CA HIS B 17 -11.14 14.25 18.49
C HIS B 17 -9.80 13.53 18.51
N LEU B 18 -8.73 14.32 18.59
CA LEU B 18 -7.37 13.80 18.74
C LEU B 18 -6.68 14.60 19.84
N HIS B 19 -6.24 13.90 20.88
CA HIS B 19 -5.38 14.48 21.91
C HIS B 19 -3.96 13.98 21.68
N LEU B 20 -3.05 14.89 21.37
CA LEU B 20 -1.68 14.55 21.03
C LEU B 20 -0.75 15.01 22.13
N ARG B 21 -0.06 14.06 22.75
CA ARG B 21 1.04 14.33 23.67
C ARG B 21 2.31 13.79 23.03
N CYS B 22 3.27 14.68 22.79
CA CYS B 22 4.48 14.27 22.07
C CYS B 22 5.61 15.23 22.42
N SER B 23 6.82 14.79 22.10
CA SER B 23 8.04 15.54 22.36
C SER B 23 8.92 15.50 21.12
N VAL B 24 9.52 16.63 20.80
CA VAL B 24 10.36 16.77 19.60
C VAL B 24 11.80 16.54 20.03
N ASP B 25 12.46 15.56 19.40
CA ASP B 25 13.85 15.22 19.69
C ASP B 25 14.67 15.59 18.45
N PHE B 26 15.41 16.70 18.54
CA PHE B 26 16.27 17.10 17.44
C PHE B 26 17.52 16.22 17.34
N THR B 27 17.86 15.50 18.41
CA THR B 27 19.01 14.61 18.36
C THR B 27 18.75 13.42 17.44
N ARG B 28 17.51 12.94 17.40
CA ARG B 28 17.15 11.79 16.59
C ARG B 28 16.21 12.13 15.43
N ARG B 29 15.74 13.37 15.33
CA ARG B 29 14.76 13.76 14.33
C ARG B 29 13.55 12.83 14.37
N THR B 30 12.91 12.78 15.53
CA THR B 30 11.73 11.96 15.73
C THR B 30 10.75 12.68 16.63
N LEU B 31 9.46 12.38 16.44
CA LEU B 31 8.42 12.75 17.39
C LEU B 31 7.98 11.49 18.12
N THR B 32 8.06 11.53 19.45
CA THR B 32 7.64 10.44 20.31
C THR B 32 6.52 10.91 21.21
N GLY B 33 5.50 10.07 21.36
CA GLY B 33 4.38 10.44 22.22
C GLY B 33 3.20 9.52 22.01
N THR B 34 2.02 10.04 22.32
CA THR B 34 0.77 9.30 22.22
C THR B 34 -0.24 10.09 21.42
N ALA B 35 -1.09 9.38 20.69
CA ALA B 35 -2.20 9.96 19.93
C ALA B 35 -3.48 9.29 20.39
N ALA B 36 -4.25 9.99 21.21
CA ALA B 36 -5.55 9.50 21.69
C ALA B 36 -6.64 9.96 20.75
N LEU B 37 -7.30 9.00 20.09
CA LEU B 37 -8.34 9.28 19.10
C LEU B 37 -9.68 8.84 19.66
N THR B 38 -10.57 9.81 19.91
CA THR B 38 -11.95 9.50 20.26
C THR B 38 -12.69 9.16 18.96
N VAL B 39 -13.07 7.89 18.81
CA VAL B 39 -13.59 7.37 17.56
C VAL B 39 -15.03 6.95 17.78
N GLN B 40 -15.91 7.35 16.87
CA GLN B 40 -17.33 7.00 16.91
C GLN B 40 -17.62 5.93 15.85
N SER B 41 -18.32 4.88 16.27
CA SER B 41 -18.71 3.84 15.33
C SER B 41 -19.91 4.29 14.50
N GLN B 42 -19.92 3.86 13.23
CA GLN B 42 -21.01 4.16 12.31
C GLN B 42 -21.83 2.93 11.97
N GLU B 43 -21.57 1.80 12.64
CA GLU B 43 -22.28 0.58 12.37
C GLU B 43 -22.32 -0.24 13.66
N ASP B 44 -23.26 -1.18 13.71
CA ASP B 44 -23.40 -2.04 14.87
C ASP B 44 -22.32 -3.12 14.87
N ASN B 45 -21.90 -3.51 16.08
CA ASN B 45 -20.97 -4.62 16.25
C ASN B 45 -19.64 -4.35 15.56
N LEU B 46 -19.10 -3.16 15.80
CA LEU B 46 -17.78 -2.81 15.32
C LEU B 46 -16.73 -3.33 16.27
N ARG B 47 -15.86 -4.21 15.79
CA ARG B 47 -14.87 -4.82 16.72
C ARG B 47 -13.44 -4.45 16.29
N SER B 48 -13.27 -3.82 15.13
CA SER B 48 -11.93 -3.42 14.73
C SER B 48 -12.05 -2.33 13.68
N LEU B 49 -10.94 -1.59 13.51
CA LEU B 49 -10.86 -0.50 12.55
C LEU B 49 -9.43 -0.45 12.02
N VAL B 50 -9.25 0.31 10.94
CA VAL B 50 -7.96 0.44 10.28
C VAL B 50 -7.60 1.91 10.17
N LEU B 51 -6.35 2.23 10.46
CA LEU B 51 -5.83 3.59 10.40
C LEU B 51 -4.77 3.70 9.31
N ASP B 52 -4.43 4.94 8.99
CA ASP B 52 -3.34 5.24 8.07
C ASP B 52 -2.06 5.44 8.86
N THR B 53 -0.96 4.88 8.35
CA THR B 53 0.36 5.15 8.90
C THR B 53 1.36 5.12 7.76
N LYS B 54 2.43 5.91 7.90
CA LYS B 54 3.49 5.97 6.91
C LYS B 54 4.81 6.16 7.63
N ASP B 55 5.62 5.10 7.70
CA ASP B 55 6.93 5.16 8.32
C ASP B 55 6.86 5.48 9.80
N LEU B 56 5.76 5.11 10.45
CA LEU B 56 5.60 5.28 11.88
C LEU B 56 6.05 4.01 12.60
N THR B 57 6.52 4.19 13.83
CA THR B 57 6.82 3.08 14.74
C THR B 57 5.77 3.06 15.83
N ILE B 58 5.05 1.95 15.94
CA ILE B 58 3.98 1.81 16.91
C ILE B 58 4.49 0.95 18.05
N GLU B 59 4.49 1.50 19.27
CA GLU B 59 4.91 0.72 20.43
C GLU B 59 3.75 -0.09 21.00
N LYS B 60 2.57 0.53 21.13
CA LYS B 60 1.44 -0.16 21.73
C LYS B 60 0.17 0.64 21.48
N VAL B 61 -0.96 -0.01 21.69
CA VAL B 61 -2.28 0.59 21.58
C VAL B 61 -3.05 0.27 22.85
N VAL B 62 -3.42 1.31 23.61
CA VAL B 62 -4.10 1.16 24.89
C VAL B 62 -5.52 1.67 24.75
N ILE B 63 -6.48 0.86 25.21
CA ILE B 63 -7.90 1.23 25.19
C ILE B 63 -8.48 0.82 26.55
N ASN B 64 -8.94 1.81 27.32
CA ASN B 64 -9.44 1.56 28.66
C ASN B 64 -8.33 1.00 29.56
N GLY B 65 -7.15 1.58 29.46
CA GLY B 65 -6.06 1.17 30.32
C GLY B 65 -5.51 -0.22 30.05
N GLN B 66 -5.85 -0.84 28.93
CA GLN B 66 -5.33 -2.16 28.58
C GLN B 66 -4.81 -2.15 27.15
N GLU B 67 -3.63 -2.75 26.98
CA GLU B 67 -3.08 -2.92 25.64
C GLU B 67 -3.94 -3.90 24.85
N VAL B 68 -4.05 -3.66 23.54
CA VAL B 68 -4.90 -4.45 22.67
C VAL B 68 -4.10 -4.88 21.44
N LYS B 69 -4.58 -5.92 20.77
CA LYS B 69 -3.91 -6.44 19.59
C LYS B 69 -4.09 -5.49 18.41
N TYR B 70 -2.97 -5.21 17.72
CA TYR B 70 -2.99 -4.44 16.49
C TYR B 70 -2.09 -5.12 15.48
N ALA B 71 -2.27 -4.77 14.21
CA ALA B 71 -1.52 -5.40 13.15
C ALA B 71 -1.25 -4.39 12.05
N LEU B 72 -0.02 -4.41 11.53
CA LEU B 72 0.40 -3.52 10.47
C LEU B 72 0.44 -4.30 9.16
N GLY B 73 -0.21 -3.76 8.13
CA GLY B 73 -0.20 -4.40 6.84
C GLY B 73 1.01 -4.02 6.01
N GLU B 74 1.13 -4.67 4.86
CA GLU B 74 2.23 -4.37 3.96
C GLU B 74 2.14 -2.94 3.47
N ARG B 75 3.29 -2.29 3.33
CA ARG B 75 3.31 -0.93 2.82
C ARG B 75 2.73 -0.89 1.41
N GLN B 76 2.05 0.21 1.10
CA GLN B 76 1.54 0.43 -0.26
C GLN B 76 2.11 1.71 -0.84
N SER B 77 3.42 1.79 -0.94
CA SER B 77 4.10 2.92 -1.61
C SER B 77 3.73 4.21 -0.86
N TYR B 78 3.44 5.29 -1.58
CA TYR B 78 3.20 6.60 -0.95
C TYR B 78 2.03 6.58 0.02
N LYS B 79 1.13 5.59 -0.09
CA LYS B 79 -0.03 5.56 0.80
C LYS B 79 0.32 5.14 2.21
N GLY B 80 1.44 4.45 2.40
CA GLY B 80 1.83 3.98 3.72
C GLY B 80 1.37 2.57 3.99
N SER B 81 1.32 2.23 5.28
CA SER B 81 0.93 0.91 5.72
C SER B 81 -0.33 0.98 6.59
N PRO B 82 -1.34 0.17 6.32
CA PRO B 82 -2.54 0.19 7.15
C PRO B 82 -2.34 -0.50 8.49
N MET B 83 -3.02 0.03 9.50
CA MET B 83 -2.90 -0.42 10.89
C MET B 83 -4.26 -0.87 11.39
N GLU B 84 -4.41 -2.16 11.62
CA GLU B 84 -5.64 -2.72 12.18
C GLU B 84 -5.55 -2.78 13.70
N ILE B 85 -6.66 -2.46 14.35
CA ILE B 85 -6.74 -2.42 15.80
C ILE B 85 -7.94 -3.22 16.25
N SER B 86 -7.72 -4.19 17.13
CA SER B 86 -8.79 -5.02 17.68
C SER B 86 -9.33 -4.34 18.94
N LEU B 87 -10.62 -4.03 18.93
CA LEU B 87 -11.22 -3.35 20.06
C LEU B 87 -11.44 -4.32 21.21
N PRO B 88 -11.31 -3.85 22.47
CA PRO B 88 -11.62 -4.69 23.62
C PRO B 88 -13.11 -4.85 23.87
N ILE B 89 -13.95 -4.30 23.00
CA ILE B 89 -15.40 -4.40 23.14
C ILE B 89 -16.00 -4.21 21.75
N ALA B 90 -17.25 -4.62 21.58
CA ALA B 90 -17.97 -4.40 20.34
C ALA B 90 -18.83 -3.14 20.51
N LEU B 91 -18.62 -2.16 19.63
CA LEU B 91 -19.32 -0.89 19.69
C LEU B 91 -20.50 -0.91 18.73
N SER B 92 -21.68 -0.54 19.25
CA SER B 92 -22.84 -0.37 18.40
C SER B 92 -22.79 1.01 17.75
N LYS B 93 -23.75 1.28 16.88
CA LYS B 93 -23.73 2.50 16.09
C LYS B 93 -23.79 3.72 17.02
N ASN B 94 -22.90 4.67 16.78
CA ASN B 94 -22.79 5.95 17.48
C ASN B 94 -22.09 5.85 18.84
N GLN B 95 -21.64 4.67 19.25
CA GLN B 95 -20.86 4.57 20.48
C GLN B 95 -19.41 4.94 20.23
N GLU B 96 -18.72 5.38 21.28
CA GLU B 96 -17.38 5.92 21.15
C GLU B 96 -16.44 5.26 22.16
N ILE B 97 -15.18 5.12 21.76
CA ILE B 97 -14.09 4.69 22.63
C ILE B 97 -12.86 5.51 22.30
N VAL B 98 -11.94 5.59 23.26
CA VAL B 98 -10.70 6.33 23.12
C VAL B 98 -9.56 5.36 22.91
N ILE B 99 -8.81 5.55 21.83
CA ILE B 99 -7.68 4.68 21.49
C ILE B 99 -6.39 5.48 21.64
N GLU B 100 -5.53 5.02 22.54
CA GLU B 100 -4.27 5.69 22.84
C GLU B 100 -3.14 4.92 22.14
N ILE B 101 -2.53 5.55 21.14
CA ILE B 101 -1.49 4.93 20.32
C ILE B 101 -0.15 5.58 20.68
N SER B 102 0.77 4.78 21.19
CA SER B 102 2.13 5.23 21.43
C SER B 102 2.92 5.02 20.13
N PHE B 103 3.45 6.10 19.57
CA PHE B 103 4.05 6.05 18.24
C PHE B 103 5.37 6.82 18.25
N GLU B 104 6.04 6.78 17.11
CA GLU B 104 7.29 7.52 16.92
C GLU B 104 7.53 7.65 15.43
N THR B 105 7.72 8.88 14.96
CA THR B 105 7.91 9.12 13.56
C THR B 105 9.33 8.72 13.12
N SER B 106 9.48 8.51 11.85
CA SER B 106 10.78 8.24 11.27
C SER B 106 11.42 9.54 10.79
N PRO B 107 12.74 9.66 10.89
CA PRO B 107 13.38 10.86 10.36
C PRO B 107 13.02 11.13 8.90
N LYS B 108 12.66 10.08 8.17
CA LYS B 108 12.27 10.17 6.77
C LYS B 108 10.83 10.62 6.58
N SER B 109 10.13 11.00 7.65
CA SER B 109 8.75 11.45 7.56
C SER B 109 8.56 12.45 6.43
N SER B 110 7.74 12.09 5.45
CA SER B 110 7.47 12.98 4.32
C SER B 110 6.66 14.20 4.71
N ALA B 111 6.07 14.23 5.90
CA ALA B 111 5.30 15.36 6.37
C ALA B 111 6.13 16.43 7.04
N LEU B 112 7.39 16.14 7.35
CA LEU B 112 8.25 17.03 8.12
C LEU B 112 9.56 17.28 7.37
N GLN B 113 10.14 18.44 7.62
CA GLN B 113 11.52 18.72 7.26
C GLN B 113 12.27 19.15 8.51
N TRP B 114 13.39 18.48 8.79
CA TRP B 114 14.24 18.81 9.92
C TRP B 114 15.41 19.67 9.42
N LEU B 115 15.53 20.87 9.96
CA LEU B 115 16.57 21.81 9.56
C LEU B 115 17.67 21.86 10.62
N THR B 116 18.91 21.84 10.16
CA THR B 116 20.06 22.04 11.04
C THR B 116 20.19 23.51 11.39
N PRO B 117 20.93 23.82 12.46
CA PRO B 117 21.15 25.23 12.81
C PRO B 117 21.64 26.05 11.63
N GLU B 118 22.56 25.49 10.84
CA GLU B 118 23.12 26.21 9.69
C GLU B 118 22.09 26.45 8.59
N GLN B 119 20.99 25.71 8.58
CA GLN B 119 19.94 25.90 7.59
C GLN B 119 18.93 26.98 7.96
N THR B 120 19.14 27.68 9.07
CA THR B 120 18.21 28.71 9.53
C THR B 120 18.85 30.09 9.42
N SER B 121 18.03 31.10 9.73
CA SER B 121 18.53 32.48 9.74
C SER B 121 19.45 32.73 10.91
N GLY B 122 19.06 32.27 12.11
CA GLY B 122 19.85 32.55 13.30
C GLY B 122 21.15 31.79 13.37
N LYS B 123 21.23 30.64 12.71
CA LYS B 123 22.44 29.81 12.69
C LYS B 123 22.79 29.24 14.06
N GLU B 124 21.88 29.35 15.03
CA GLU B 124 22.18 28.92 16.39
C GLU B 124 21.35 27.73 16.86
N HIS B 125 20.11 27.60 16.41
CA HIS B 125 19.23 26.55 16.86
C HIS B 125 18.68 25.76 15.68
N PRO B 126 18.34 24.49 15.88
CA PRO B 126 17.71 23.72 14.80
C PRO B 126 16.29 24.19 14.55
N TYR B 127 15.59 23.56 13.61
CA TYR B 127 14.29 24.03 13.17
C TYR B 127 13.49 22.86 12.63
N LEU B 128 12.20 22.85 12.91
CA LEU B 128 11.29 21.81 12.44
C LEU B 128 9.98 22.44 12.01
N PHE B 129 9.50 22.08 10.82
CA PHE B 129 8.18 22.50 10.38
C PHE B 129 7.53 21.38 9.58
N SER B 130 6.20 21.33 9.63
CA SER B 130 5.42 20.28 9.02
C SER B 130 4.64 20.79 7.83
N GLN B 131 4.24 19.86 6.97
CA GLN B 131 3.41 20.15 5.81
C GLN B 131 2.62 18.88 5.51
N CYS B 132 1.36 18.84 5.94
CA CYS B 132 0.59 17.61 5.91
C CYS B 132 -0.19 17.41 4.61
N GLN B 133 -0.63 18.50 3.97
CA GLN B 133 -1.36 18.34 2.73
C GLN B 133 -0.46 17.79 1.64
N ALA B 134 -0.96 16.81 0.88
CA ALA B 134 -2.33 16.35 1.02
C ALA B 134 -2.48 15.17 1.96
N ILE B 135 -1.69 14.12 1.73
CA ILE B 135 -1.82 12.86 2.54
C ILE B 135 -0.48 12.57 3.25
N HIS B 136 -0.05 13.45 4.13
CA HIS B 136 1.19 13.26 4.87
C HIS B 136 1.00 13.25 6.37
N CYS B 137 -0.18 13.63 6.88
CA CYS B 137 -0.44 13.54 8.30
C CYS B 137 -0.22 12.11 8.80
N ARG B 138 -0.45 11.12 7.94
CA ARG B 138 -0.19 9.73 8.32
C ARG B 138 1.29 9.49 8.59
N ALA B 139 2.16 10.37 8.09
CA ALA B 139 3.59 10.29 8.39
C ALA B 139 3.94 10.96 9.71
N ILE B 140 2.96 11.54 10.40
CA ILE B 140 3.18 12.16 11.71
C ILE B 140 2.55 11.34 12.83
N LEU B 141 1.34 10.83 12.63
CA LEU B 141 0.64 10.09 13.66
C LEU B 141 -0.43 9.21 13.00
N PRO B 142 -0.83 8.12 13.65
CA PRO B 142 -1.89 7.28 13.10
C PRO B 142 -3.19 8.06 13.05
N CYS B 143 -3.98 7.83 12.01
CA CYS B 143 -5.19 8.61 11.82
C CYS B 143 -5.94 8.09 10.60
N GLN B 144 -7.17 8.59 10.45
CA GLN B 144 -7.93 8.43 9.20
C GLN B 144 -7.50 9.58 8.29
N ASP B 145 -6.40 9.37 7.58
CA ASP B 145 -5.78 10.41 6.77
C ASP B 145 -6.65 10.66 5.54
N THR B 146 -7.76 11.37 5.75
CA THR B 146 -8.69 11.65 4.67
C THR B 146 -9.49 12.89 5.02
N PRO B 147 -9.66 13.83 4.08
CA PRO B 147 -10.44 15.04 4.39
C PRO B 147 -11.91 14.77 4.60
N SER B 148 -12.38 13.54 4.40
CA SER B 148 -13.79 13.19 4.64
C SER B 148 -14.11 13.05 6.12
N VAL B 149 -13.10 13.07 7.00
CA VAL B 149 -13.31 13.04 8.45
C VAL B 149 -12.75 14.33 9.02
N LYS B 150 -13.53 15.00 9.86
CA LYS B 150 -13.12 16.23 10.52
C LYS B 150 -13.17 16.04 12.03
N LEU B 151 -12.16 16.57 12.72
CA LEU B 151 -12.01 16.34 14.14
C LEU B 151 -11.43 17.59 14.80
N THR B 152 -11.88 17.87 16.02
CA THR B 152 -11.16 18.81 16.85
C THR B 152 -9.91 18.13 17.39
N TYR B 153 -9.03 18.91 18.03
CA TYR B 153 -7.85 18.28 18.61
C TYR B 153 -7.24 19.19 19.66
N THR B 154 -6.45 18.59 20.53
CA THR B 154 -5.70 19.27 21.57
C THR B 154 -4.33 18.65 21.66
N ALA B 155 -3.31 19.46 21.94
CA ALA B 155 -1.94 18.98 21.90
C ALA B 155 -1.14 19.57 23.05
N GLU B 156 -0.12 18.81 23.47
CA GLU B 156 0.89 19.26 24.40
C GLU B 156 2.22 18.81 23.83
N VAL B 157 3.06 19.77 23.44
CA VAL B 157 4.29 19.49 22.71
C VAL B 157 5.47 19.86 23.58
N SER B 158 6.36 18.88 23.80
CA SER B 158 7.59 19.09 24.55
C SER B 158 8.72 19.45 23.58
N VAL B 159 9.43 20.53 23.90
CA VAL B 159 10.51 21.02 23.04
C VAL B 159 11.62 21.56 23.92
N PRO B 160 12.83 21.64 23.38
CA PRO B 160 13.92 22.28 24.13
C PRO B 160 13.49 23.66 24.62
N LYS B 161 13.70 23.90 25.91
CA LYS B 161 13.19 25.11 26.54
C LYS B 161 13.66 26.38 25.85
N GLU B 162 14.71 26.32 25.04
CA GLU B 162 15.18 27.49 24.34
C GLU B 162 14.33 27.82 23.11
N LEU B 163 13.53 26.87 22.63
CA LEU B 163 12.79 27.02 21.39
C LEU B 163 11.31 27.30 21.66
N VAL B 164 10.58 27.57 20.59
CA VAL B 164 9.15 27.82 20.63
C VAL B 164 8.45 26.82 19.73
N ALA B 165 7.27 26.36 20.18
CA ALA B 165 6.43 25.45 19.41
C ALA B 165 5.13 26.14 19.06
N LEU B 166 4.68 25.95 17.83
CA LEU B 166 3.42 26.51 17.36
C LEU B 166 2.67 25.45 16.57
N MET B 167 1.35 25.56 16.57
CA MET B 167 0.50 24.60 15.87
C MET B 167 -0.67 25.34 15.22
N SER B 168 -1.39 24.61 14.38
CA SER B 168 -2.63 25.10 13.77
C SER B 168 -3.78 25.03 14.78
N ALA B 169 -3.60 25.78 15.87
CA ALA B 169 -4.58 25.81 16.94
C ALA B 169 -4.27 26.98 17.85
N ILE B 170 -5.26 27.35 18.67
CA ILE B 170 -5.09 28.45 19.61
C ILE B 170 -4.13 28.03 20.72
N ARG B 171 -3.14 28.86 20.99
CA ARG B 171 -2.22 28.57 22.08
C ARG B 171 -2.96 28.55 23.40
N ASP B 172 -2.75 27.48 24.17
CA ASP B 172 -3.51 27.21 25.38
C ASP B 172 -2.63 27.17 26.63
N GLY B 173 -1.40 27.66 26.55
CA GLY B 173 -0.53 27.70 27.70
C GLY B 173 0.81 27.03 27.49
N GLU B 174 1.80 27.40 28.29
CA GLU B 174 3.13 26.80 28.24
C GLU B 174 3.67 26.70 29.65
N THR B 175 4.43 25.63 29.90
CA THR B 175 5.01 25.39 31.22
C THR B 175 6.30 24.59 31.03
N PRO B 176 7.21 24.63 32.00
CA PRO B 176 8.38 23.77 31.94
C PRO B 176 7.98 22.30 31.99
N ASP B 177 8.68 21.49 31.22
CA ASP B 177 8.39 20.06 31.18
C ASP B 177 8.63 19.44 32.55
N PRO B 178 7.62 18.82 33.16
CA PRO B 178 7.82 18.26 34.51
C PRO B 178 8.76 17.06 34.54
N GLU B 179 9.00 16.41 33.41
CA GLU B 179 9.86 15.23 33.35
C GLU B 179 11.25 15.53 32.83
N ASP B 180 11.52 16.78 32.46
CA ASP B 180 12.83 17.17 31.93
C ASP B 180 12.99 18.68 32.12
N PRO B 181 13.93 19.12 32.97
CA PRO B 181 14.04 20.56 33.24
C PRO B 181 14.54 21.36 32.06
N SER B 182 15.13 20.71 31.05
CA SER B 182 15.68 21.38 29.88
C SER B 182 14.65 21.60 28.78
N ARG B 183 13.37 21.38 29.07
CA ARG B 183 12.34 21.42 28.04
C ARG B 183 11.15 22.24 28.52
N LYS B 184 10.34 22.68 27.56
CA LYS B 184 9.09 23.37 27.82
C LYS B 184 7.96 22.62 27.13
N ILE B 185 6.76 22.74 27.69
CA ILE B 185 5.57 22.09 27.14
C ILE B 185 4.65 23.18 26.62
N TYR B 186 4.31 23.10 25.34
CA TYR B 186 3.38 24.03 24.73
C TYR B 186 2.04 23.33 24.51
N LYS B 187 0.97 23.96 24.98
CA LYS B 187 -0.38 23.42 24.87
C LYS B 187 -1.16 24.18 23.80
N PHE B 188 -1.98 23.46 23.05
CA PHE B 188 -2.79 24.04 21.99
C PHE B 188 -4.16 23.40 22.00
N ILE B 189 -5.15 24.16 21.54
CA ILE B 189 -6.53 23.67 21.44
C ILE B 189 -7.16 24.25 20.18
N GLN B 190 -7.71 23.36 19.36
CA GLN B 190 -8.40 23.71 18.13
C GLN B 190 -9.85 23.24 18.26
N LYS B 191 -10.76 24.16 18.54
CA LYS B 191 -12.14 23.79 18.85
C LYS B 191 -13.00 23.63 17.60
N VAL B 192 -12.53 24.01 16.43
CA VAL B 192 -13.28 23.87 15.18
C VAL B 192 -12.85 22.57 14.50
N PRO B 193 -13.77 21.69 14.16
CA PRO B 193 -13.37 20.41 13.55
C PRO B 193 -12.69 20.63 12.21
N ILE B 194 -11.57 19.95 12.01
CA ILE B 194 -10.77 20.13 10.81
C ILE B 194 -10.43 18.77 10.22
N PRO B 195 -10.11 18.72 8.94
CA PRO B 195 -9.48 17.52 8.38
C PRO B 195 -8.04 17.43 8.85
N CYS B 196 -7.56 16.19 8.98
CA CYS B 196 -6.25 15.99 9.59
C CYS B 196 -5.12 16.60 8.78
N TYR B 197 -5.34 16.94 7.51
CA TYR B 197 -4.25 17.53 6.73
C TYR B 197 -3.98 18.96 7.14
N LEU B 198 -4.86 19.58 7.92
CA LEU B 198 -4.63 20.93 8.46
C LEU B 198 -3.91 20.89 9.80
N ILE B 199 -3.51 19.72 10.28
CA ILE B 199 -2.69 19.66 11.49
C ILE B 199 -1.29 20.11 11.16
N ALA B 200 -0.78 21.07 11.91
CA ALA B 200 0.53 21.64 11.63
C ALA B 200 1.28 21.91 12.92
N LEU B 201 2.59 21.69 12.88
CA LEU B 201 3.48 21.98 13.99
C LEU B 201 4.73 22.66 13.46
N VAL B 202 5.29 23.53 14.28
CA VAL B 202 6.56 24.20 13.98
C VAL B 202 7.32 24.38 15.28
N VAL B 203 8.62 24.15 15.24
CA VAL B 203 9.51 24.32 16.39
C VAL B 203 10.75 25.04 15.92
N GLY B 204 11.09 26.13 16.59
CA GLY B 204 12.26 26.91 16.22
C GLY B 204 12.37 28.14 17.11
N ALA B 205 13.46 28.88 16.90
CA ALA B 205 13.71 30.11 17.65
C ALA B 205 12.82 31.22 17.05
N LEU B 206 11.56 31.22 17.47
CA LEU B 206 10.55 32.09 16.90
C LEU B 206 10.28 33.31 17.78
N GLU B 207 10.20 34.48 17.14
CA GLU B 207 9.73 35.71 17.77
C GLU B 207 8.46 36.17 17.06
N SER B 208 7.71 37.03 17.73
CA SER B 208 6.41 37.44 17.24
C SER B 208 6.28 38.96 17.28
N ARG B 209 5.45 39.48 16.39
CA ARG B 209 5.09 40.90 16.34
C ARG B 209 3.62 40.99 16.00
N GLN B 210 2.85 41.68 16.83
CA GLN B 210 1.42 41.83 16.60
C GLN B 210 1.19 42.94 15.57
N ILE B 211 0.55 42.58 14.46
CA ILE B 211 0.24 43.54 13.40
C ILE B 211 -1.25 43.79 13.29
N GLY B 212 -2.05 43.24 14.20
CA GLY B 212 -3.48 43.40 14.18
C GLY B 212 -4.15 42.84 15.41
N PRO B 213 -5.46 43.04 15.54
CA PRO B 213 -6.15 42.61 16.77
C PRO B 213 -6.15 41.10 16.96
N ARG B 214 -6.10 40.33 15.87
CA ARG B 214 -6.16 38.88 15.96
C ARG B 214 -5.04 38.24 15.15
N THR B 215 -3.94 38.96 14.97
CA THR B 215 -2.85 38.50 14.11
C THR B 215 -1.52 38.82 14.77
N LEU B 216 -0.73 37.79 15.02
CA LEU B 216 0.69 37.92 15.35
C LEU B 216 1.52 37.38 14.19
N VAL B 217 2.70 37.95 13.99
CA VAL B 217 3.62 37.50 12.96
C VAL B 217 4.78 36.78 13.63
N TRP B 218 5.07 35.58 13.15
CA TRP B 218 6.08 34.72 13.73
C TRP B 218 7.20 34.48 12.74
N SER B 219 8.44 34.46 13.24
CA SER B 219 9.61 34.12 12.45
C SER B 219 10.86 34.21 13.30
N GLU B 220 12.01 33.85 12.74
CA GLU B 220 13.26 34.11 13.43
C GLU B 220 13.47 35.62 13.53
N LYS B 221 14.27 36.03 14.52
CA LYS B 221 14.45 37.45 14.79
C LYS B 221 14.84 38.22 13.53
N GLU B 222 15.58 37.57 12.62
CA GLU B 222 16.11 38.27 11.45
C GLU B 222 15.01 38.71 10.49
N GLN B 223 13.85 38.03 10.50
CA GLN B 223 12.83 38.30 9.50
C GLN B 223 11.52 38.84 10.08
N VAL B 224 11.39 38.93 11.40
CA VAL B 224 10.12 39.31 12.01
C VAL B 224 9.72 40.72 11.59
N GLU B 225 10.63 41.69 11.80
CA GLU B 225 10.27 43.08 11.53
C GLU B 225 9.90 43.29 10.06
N LYS B 226 10.72 42.76 9.15
CA LYS B 226 10.39 42.88 7.74
C LYS B 226 9.04 42.24 7.42
N SER B 227 8.74 41.11 8.08
CA SER B 227 7.49 40.41 7.80
C SER B 227 6.29 41.16 8.36
N ALA B 228 6.43 41.71 9.57
CA ALA B 228 5.33 42.49 10.15
C ALA B 228 4.92 43.64 9.23
N TYR B 229 5.90 44.24 8.54
CA TYR B 229 5.60 45.30 7.57
C TYR B 229 4.97 44.75 6.30
N GLU B 230 5.58 43.70 5.73
CA GLU B 230 5.12 43.18 4.45
C GLU B 230 3.66 42.76 4.49
N PHE B 231 3.16 42.39 5.67
CA PHE B 231 1.81 41.87 5.83
C PHE B 231 0.96 42.78 6.70
N SER B 232 1.26 44.08 6.69
CA SER B 232 0.58 45.03 7.56
C SER B 232 -0.92 45.12 7.28
N GLU B 233 -1.36 44.68 6.10
CA GLU B 233 -2.76 44.82 5.70
C GLU B 233 -3.55 43.55 5.93
N THR B 234 -3.00 42.61 6.70
CA THR B 234 -3.69 41.34 6.95
C THR B 234 -5.07 41.57 7.53
N GLU B 235 -5.16 42.39 8.59
CA GLU B 235 -6.44 42.63 9.23
C GLU B 235 -7.46 43.22 8.26
N SER B 236 -7.04 44.20 7.45
CA SER B 236 -7.94 44.77 6.46
C SER B 236 -8.51 43.69 5.54
N MET B 237 -7.68 42.72 5.16
CA MET B 237 -8.16 41.66 4.27
C MET B 237 -9.07 40.70 5.01
N LEU B 238 -8.86 40.51 6.31
CA LEU B 238 -9.76 39.67 7.10
C LEU B 238 -11.16 40.25 7.11
N LYS B 239 -11.29 41.56 7.29
CA LYS B 239 -12.62 42.18 7.31
C LYS B 239 -13.30 42.04 5.96
N ILE B 240 -12.52 42.17 4.88
CA ILE B 240 -13.10 41.93 3.55
C ILE B 240 -13.49 40.47 3.41
N ALA B 241 -12.62 39.55 3.87
CA ALA B 241 -12.97 38.14 3.82
C ALA B 241 -14.23 37.86 4.61
N GLU B 242 -14.37 38.48 5.79
CA GLU B 242 -15.58 38.30 6.59
C GLU B 242 -16.79 38.87 5.86
N ASP B 243 -16.59 39.98 5.13
CA ASP B 243 -17.70 40.57 4.40
C ASP B 243 -18.20 39.66 3.28
N LEU B 244 -17.29 38.90 2.66
CA LEU B 244 -17.67 38.08 1.51
C LEU B 244 -18.17 36.69 1.91
N GLY B 245 -17.52 36.04 2.87
CA GLY B 245 -17.84 34.66 3.19
C GLY B 245 -18.47 34.42 4.54
N GLY B 246 -18.67 35.48 5.32
CA GLY B 246 -19.25 35.38 6.63
C GLY B 246 -18.21 35.44 7.74
N PRO B 247 -18.64 35.18 8.97
CA PRO B 247 -17.74 35.38 10.12
C PRO B 247 -16.53 34.46 10.09
N TYR B 248 -15.41 34.99 10.57
CA TYR B 248 -14.20 34.18 10.79
C TYR B 248 -14.35 33.40 12.08
N VAL B 249 -14.35 32.07 11.99
CA VAL B 249 -14.71 31.20 13.10
C VAL B 249 -13.51 30.62 13.84
N TRP B 250 -12.29 30.99 13.46
CA TRP B 250 -11.09 30.35 13.98
C TRP B 250 -10.41 31.18 15.06
N GLY B 251 -11.01 32.29 15.48
CA GLY B 251 -10.45 33.11 16.54
C GLY B 251 -9.23 33.90 16.12
N GLN B 252 -8.07 33.26 16.13
CA GLN B 252 -6.81 33.92 15.83
C GLN B 252 -6.40 33.64 14.39
N TYR B 253 -5.84 34.64 13.73
CA TYR B 253 -5.19 34.47 12.43
C TYR B 253 -3.76 34.99 12.55
N ASP B 254 -2.86 34.09 12.92
CA ASP B 254 -1.44 34.40 12.99
C ASP B 254 -0.77 34.06 11.66
N LEU B 255 0.46 34.55 11.48
CA LEU B 255 1.24 34.32 10.29
C LEU B 255 2.61 33.76 10.65
N LEU B 256 3.07 32.77 9.89
CA LEU B 256 4.37 32.16 10.08
C LEU B 256 5.17 32.24 8.80
N VAL B 257 6.32 32.93 8.86
CA VAL B 257 7.26 33.00 7.75
C VAL B 257 8.34 31.96 8.01
N LEU B 258 8.38 30.92 7.19
CA LEU B 258 9.26 29.79 7.39
C LEU B 258 10.60 30.01 6.72
N PRO B 259 11.55 29.11 6.92
CA PRO B 259 12.84 29.20 6.24
C PRO B 259 12.68 29.04 4.74
N PRO B 260 13.71 29.41 3.96
CA PRO B 260 13.54 29.49 2.49
C PRO B 260 13.16 28.17 1.84
N SER B 261 13.31 27.05 2.55
CA SER B 261 13.04 25.72 1.98
C SER B 261 11.58 25.32 2.02
N PHE B 262 10.68 26.21 2.44
CA PHE B 262 9.27 25.87 2.50
C PHE B 262 8.75 25.50 1.12
N PRO B 263 8.04 24.38 0.97
CA PRO B 263 7.79 23.85 -0.39
C PRO B 263 6.76 24.63 -1.18
N TYR B 264 5.94 25.46 -0.54
CA TYR B 264 4.86 26.15 -1.21
C TYR B 264 4.85 27.62 -0.83
N GLY B 265 4.07 28.40 -1.58
CA GLY B 265 3.94 29.82 -1.26
C GLY B 265 3.24 30.04 0.08
N GLY B 266 2.19 29.26 0.35
CA GLY B 266 1.49 29.35 1.61
C GLY B 266 0.70 28.10 1.89
N MET B 267 0.41 27.89 3.17
CA MET B 267 -0.40 26.77 3.63
C MET B 267 -1.46 27.30 4.58
N GLU B 268 -2.73 27.05 4.25
CA GLU B 268 -3.85 27.63 4.98
C GLU B 268 -4.11 26.88 6.30
N ASN B 269 -3.07 26.82 7.13
CA ASN B 269 -3.21 26.15 8.42
C ASN B 269 -4.10 27.00 9.34
N PRO B 270 -5.13 26.41 9.94
CA PRO B 270 -6.06 27.21 10.74
C PRO B 270 -5.34 27.86 11.93
N CYS B 271 -5.56 29.17 12.08
CA CYS B 271 -5.01 29.96 13.17
C CYS B 271 -3.56 30.35 12.92
N LEU B 272 -2.89 29.69 11.98
CA LEU B 272 -1.47 29.96 11.77
C LEU B 272 -1.11 29.62 10.32
N THR B 273 -1.31 30.58 9.43
CA THR B 273 -0.93 30.40 8.04
C THR B 273 0.59 30.32 7.90
N PHE B 274 1.06 29.39 7.08
CA PHE B 274 2.46 29.30 6.70
C PHE B 274 2.67 30.00 5.36
N VAL B 275 3.74 30.79 5.28
CA VAL B 275 4.06 31.51 4.06
C VAL B 275 5.54 31.36 3.76
N THR B 276 5.87 31.38 2.48
CA THR B 276 7.27 31.34 2.07
C THR B 276 7.93 32.68 2.35
N PRO B 277 9.20 32.69 2.77
CA PRO B 277 9.92 33.97 2.91
C PRO B 277 10.15 34.67 1.59
N THR B 278 9.84 34.03 0.46
CA THR B 278 10.01 34.65 -0.84
C THR B 278 8.93 35.69 -1.14
N LEU B 279 7.95 35.85 -0.26
CA LEU B 279 6.97 36.92 -0.40
C LEU B 279 7.49 38.26 0.07
N LEU B 280 8.65 38.29 0.74
CA LEU B 280 9.20 39.50 1.33
C LEU B 280 9.85 40.34 0.22
N ALA B 281 8.99 40.87 -0.65
CA ALA B 281 9.45 41.69 -1.77
C ALA B 281 9.80 43.11 -1.35
N GLY B 282 9.46 43.51 -0.13
CA GLY B 282 9.78 44.85 0.35
C GLY B 282 8.74 45.89 0.02
N ASP B 283 7.80 45.59 -0.88
CA ASP B 283 6.77 46.54 -1.29
C ASP B 283 5.37 45.98 -1.17
N LYS B 284 5.20 44.81 -0.56
CA LYS B 284 3.91 44.19 -0.33
C LYS B 284 3.23 43.70 -1.61
N SER B 285 3.95 43.67 -2.73
CA SER B 285 3.31 43.30 -4.00
C SER B 285 2.82 41.86 -3.98
N LEU B 286 3.47 40.98 -3.22
CA LEU B 286 3.11 39.58 -3.16
C LEU B 286 2.14 39.26 -2.03
N SER B 287 1.52 40.27 -1.42
CA SER B 287 0.62 40.04 -0.30
C SER B 287 -0.70 39.40 -0.73
N ASN B 288 -0.96 39.31 -2.04
CA ASN B 288 -2.15 38.60 -2.50
C ASN B 288 -2.16 37.17 -2.00
N VAL B 289 -0.98 36.60 -1.76
CA VAL B 289 -0.91 35.26 -1.19
C VAL B 289 -1.59 35.22 0.17
N ILE B 290 -1.49 36.32 0.94
CA ILE B 290 -2.17 36.37 2.22
C ILE B 290 -3.68 36.38 2.02
N ALA B 291 -4.17 37.12 1.04
CA ALA B 291 -5.60 37.12 0.73
C ALA B 291 -6.07 35.73 0.32
N HIS B 292 -5.19 34.94 -0.29
CA HIS B 292 -5.55 33.56 -0.64
C HIS B 292 -5.61 32.70 0.61
N GLU B 293 -4.52 32.65 1.39
CA GLU B 293 -4.52 31.86 2.61
C GLU B 293 -5.63 32.29 3.57
N ILE B 294 -5.94 33.59 3.60
CA ILE B 294 -7.06 34.06 4.42
C ILE B 294 -8.38 33.49 3.89
N SER B 295 -8.58 33.57 2.57
CA SER B 295 -9.83 33.07 2.00
C SER B 295 -10.03 31.59 2.28
N HIS B 296 -8.94 30.82 2.41
CA HIS B 296 -9.07 29.41 2.76
C HIS B 296 -9.77 29.20 4.09
N SER B 297 -9.79 30.21 4.97
CA SER B 297 -10.48 30.09 6.25
C SER B 297 -11.96 29.77 6.07
N TRP B 298 -12.54 30.06 4.92
CA TRP B 298 -13.90 29.67 4.59
C TRP B 298 -13.91 28.53 3.58
N THR B 299 -13.35 28.75 2.39
CA THR B 299 -13.29 27.75 1.33
C THR B 299 -12.04 26.93 1.52
N GLY B 300 -12.19 25.72 2.05
CA GLY B 300 -11.06 24.84 2.28
C GLY B 300 -10.98 24.34 3.71
N ASN B 301 -10.99 25.26 4.68
CA ASN B 301 -10.95 24.89 6.08
C ASN B 301 -12.33 24.70 6.68
N LEU B 302 -13.31 25.51 6.26
CA LEU B 302 -14.68 25.38 6.73
C LEU B 302 -15.48 24.41 5.86
N VAL B 303 -15.54 24.68 4.56
CA VAL B 303 -16.11 23.75 3.59
C VAL B 303 -14.95 23.05 2.92
N THR B 304 -14.82 21.73 3.16
CA THR B 304 -13.64 20.98 2.75
C THR B 304 -14.03 19.92 1.73
N ASN B 305 -13.06 19.58 0.87
CA ASN B 305 -13.25 18.50 -0.09
C ASN B 305 -13.35 17.15 0.61
N LYS B 306 -14.25 16.29 0.13
CA LYS B 306 -14.41 14.98 0.75
C LYS B 306 -13.27 14.03 0.35
N THR B 307 -12.87 14.04 -0.91
CA THR B 307 -11.67 13.36 -1.37
C THR B 307 -10.82 14.36 -2.14
N TRP B 308 -9.64 13.92 -2.58
CA TRP B 308 -8.74 14.81 -3.30
C TRP B 308 -9.05 14.91 -4.78
N ASP B 309 -9.96 14.10 -5.31
CA ASP B 309 -10.42 14.32 -6.68
C ASP B 309 -11.19 15.64 -6.81
N HIS B 310 -11.65 16.20 -5.69
CA HIS B 310 -12.40 17.45 -5.68
C HIS B 310 -11.61 18.56 -5.02
N PHE B 311 -10.29 18.42 -4.96
CA PHE B 311 -9.43 19.47 -4.42
C PHE B 311 -9.71 20.83 -5.06
N TRP B 312 -10.13 20.83 -6.34
CA TRP B 312 -10.34 22.10 -7.03
C TRP B 312 -11.35 22.97 -6.32
N LEU B 313 -12.30 22.36 -5.60
CA LEU B 313 -13.27 23.16 -4.85
C LEU B 313 -12.56 24.06 -3.83
N ASN B 314 -11.44 23.60 -3.28
CA ASN B 314 -10.70 24.40 -2.32
C ASN B 314 -10.08 25.62 -2.98
N GLU B 315 -9.14 25.40 -3.90
CA GLU B 315 -8.41 26.53 -4.48
C GLU B 315 -9.28 27.33 -5.44
N GLY B 316 -10.17 26.67 -6.18
CA GLY B 316 -11.01 27.39 -7.12
C GLY B 316 -11.79 28.51 -6.46
N HIS B 317 -12.51 28.20 -5.38
CA HIS B 317 -13.27 29.23 -4.67
C HIS B 317 -12.34 30.18 -3.91
N THR B 318 -11.22 29.68 -3.40
CA THR B 318 -10.30 30.54 -2.67
C THR B 318 -9.73 31.62 -3.59
N VAL B 319 -9.30 31.24 -4.80
CA VAL B 319 -8.84 32.22 -5.76
C VAL B 319 -9.93 33.22 -6.09
N TYR B 320 -11.16 32.73 -6.25
CA TYR B 320 -12.29 33.62 -6.50
C TYR B 320 -12.43 34.63 -5.37
N LEU B 321 -12.45 34.14 -4.12
CA LEU B 321 -12.52 35.05 -2.97
C LEU B 321 -11.30 35.97 -2.94
N GLU B 322 -10.10 35.40 -3.11
CA GLU B 322 -8.88 36.19 -3.05
C GLU B 322 -8.93 37.36 -4.02
N ARG B 323 -9.20 37.08 -5.29
CA ARG B 323 -9.23 38.13 -6.29
C ARG B 323 -10.36 39.12 -6.08
N HIS B 324 -11.40 38.73 -5.34
CA HIS B 324 -12.38 39.72 -4.89
C HIS B 324 -11.81 40.61 -3.81
N ILE B 325 -11.05 40.04 -2.86
CA ILE B 325 -10.37 40.86 -1.86
C ILE B 325 -9.46 41.86 -2.54
N CYS B 326 -8.60 41.39 -3.45
CA CYS B 326 -7.73 42.30 -4.18
C CYS B 326 -8.55 43.30 -4.98
N GLY B 327 -9.69 42.87 -5.51
CA GLY B 327 -10.56 43.80 -6.23
C GLY B 327 -11.18 44.83 -5.31
N ARG B 328 -11.67 44.39 -4.15
CA ARG B 328 -12.25 45.33 -3.20
C ARG B 328 -11.22 46.28 -2.61
N LEU B 329 -9.94 45.91 -2.67
CA LEU B 329 -8.88 46.80 -2.18
C LEU B 329 -8.32 47.70 -3.27
N PHE B 330 -8.37 47.27 -4.53
CA PHE B 330 -7.70 47.98 -5.61
C PHE B 330 -8.59 48.19 -6.84
N GLY B 331 -9.86 47.83 -6.77
CA GLY B 331 -10.74 48.15 -7.86
C GLY B 331 -11.01 46.98 -8.77
N GLU B 332 -12.17 47.01 -9.42
CA GLU B 332 -12.53 45.94 -10.35
C GLU B 332 -11.50 45.82 -11.47
N LYS B 333 -10.93 46.94 -11.91
CA LYS B 333 -9.90 46.88 -12.94
C LYS B 333 -8.75 45.96 -12.52
N PHE B 334 -8.34 46.06 -11.26
CA PHE B 334 -7.25 45.22 -10.78
C PHE B 334 -7.67 43.75 -10.71
N ARG B 335 -8.92 43.50 -10.32
CA ARG B 335 -9.41 42.12 -10.25
C ARG B 335 -9.33 41.45 -11.62
N HIS B 336 -9.78 42.14 -12.66
CA HIS B 336 -9.72 41.56 -14.00
C HIS B 336 -8.29 41.33 -14.46
N PHE B 337 -7.36 42.19 -14.05
CA PHE B 337 -5.95 41.99 -14.40
C PHE B 337 -5.46 40.63 -13.90
N ASN B 338 -5.67 40.35 -12.61
CA ASN B 338 -5.25 39.06 -12.07
C ASN B 338 -6.01 37.90 -12.72
N ALA B 339 -7.31 38.07 -12.94
CA ALA B 339 -8.07 37.03 -13.61
C ALA B 339 -7.49 36.73 -14.98
N LEU B 340 -7.19 37.78 -15.77
CA LEU B 340 -6.57 37.60 -17.07
C LEU B 340 -5.18 36.99 -16.92
N GLY B 341 -4.38 37.54 -16.01
CA GLY B 341 -3.08 36.93 -15.73
C GLY B 341 -3.19 35.47 -15.35
N GLY B 342 -4.21 35.13 -14.55
CA GLY B 342 -4.41 33.74 -14.18
C GLY B 342 -4.76 32.86 -15.36
N TRP B 343 -5.58 33.37 -16.29
CA TRP B 343 -5.91 32.61 -17.50
C TRP B 343 -4.66 32.29 -18.30
N GLY B 344 -3.69 33.21 -18.31
CA GLY B 344 -2.44 32.95 -18.99
C GLY B 344 -1.64 31.84 -18.34
N GLU B 345 -1.64 31.78 -17.00
CA GLU B 345 -0.99 30.67 -16.31
C GLU B 345 -1.63 29.35 -16.69
N LEU B 346 -2.96 29.31 -16.79
CA LEU B 346 -3.64 28.09 -17.21
C LEU B 346 -3.21 27.70 -18.61
N GLN B 347 -2.94 28.67 -19.48
CA GLN B 347 -2.40 28.36 -20.80
C GLN B 347 -1.06 27.64 -20.69
N ASN B 348 -0.17 28.14 -19.81
CA ASN B 348 1.12 27.52 -19.65
C ASN B 348 0.99 26.10 -19.15
N SER B 349 0.15 25.89 -18.12
CA SER B 349 -0.02 24.58 -17.55
C SER B 349 -0.54 23.59 -18.59
N VAL B 350 -1.56 23.99 -19.36
CA VAL B 350 -2.14 23.10 -20.35
C VAL B 350 -1.11 22.75 -21.42
N LYS B 351 -0.40 23.76 -21.92
CA LYS B 351 0.59 23.53 -22.95
C LYS B 351 1.68 22.58 -22.47
N THR B 352 2.09 22.72 -21.21
CA THR B 352 3.16 21.87 -20.68
C THR B 352 2.69 20.44 -20.47
N PHE B 353 1.49 20.27 -19.89
CA PHE B 353 0.97 18.92 -19.69
C PHE B 353 0.53 18.30 -21.01
N GLY B 354 -0.10 19.08 -21.87
CA GLY B 354 -0.72 18.55 -23.08
C GLY B 354 -2.22 18.66 -22.96
N GLU B 355 -2.87 19.03 -24.06
CA GLU B 355 -4.31 19.29 -24.03
C GLU B 355 -5.12 18.06 -23.61
N THR B 356 -4.56 16.85 -23.74
CA THR B 356 -5.27 15.64 -23.37
C THR B 356 -4.77 15.02 -22.08
N HIS B 357 -3.80 15.64 -21.41
CA HIS B 357 -3.21 15.04 -20.23
C HIS B 357 -4.27 14.92 -19.13
N PRO B 358 -4.36 13.76 -18.45
CA PRO B 358 -5.37 13.62 -17.40
C PRO B 358 -5.20 14.58 -16.24
N PHE B 359 -4.03 15.19 -16.07
CA PHE B 359 -3.82 16.13 -14.96
C PHE B 359 -4.30 17.53 -15.28
N THR B 360 -4.84 17.77 -16.48
CA THR B 360 -5.47 19.05 -16.80
C THR B 360 -6.97 19.03 -16.57
N LYS B 361 -7.55 17.87 -16.25
CA LYS B 361 -8.96 17.81 -15.90
C LYS B 361 -9.19 18.52 -14.57
N LEU B 362 -10.31 19.23 -14.47
CA LEU B 362 -10.64 19.91 -13.22
C LEU B 362 -10.86 18.91 -12.10
N VAL B 363 -11.75 17.94 -12.31
CA VAL B 363 -11.95 16.85 -11.39
C VAL B 363 -11.13 15.67 -11.89
N VAL B 364 -10.17 15.22 -11.09
CA VAL B 364 -9.23 14.21 -11.50
C VAL B 364 -9.56 12.90 -10.80
N ASP B 365 -8.85 11.85 -11.17
CA ASP B 365 -9.02 10.52 -10.57
C ASP B 365 -7.66 10.08 -10.05
N LEU B 366 -7.40 10.35 -8.78
CA LEU B 366 -6.11 10.09 -8.15
C LEU B 366 -5.95 8.65 -7.71
N THR B 367 -6.73 7.72 -8.24
CA THR B 367 -6.56 6.31 -7.92
C THR B 367 -5.20 5.84 -8.40
N ASP B 368 -4.36 5.41 -7.45
CA ASP B 368 -3.00 4.96 -7.76
C ASP B 368 -2.16 6.09 -8.36
N ILE B 369 -2.30 7.29 -7.78
CA ILE B 369 -1.53 8.46 -8.18
C ILE B 369 -1.18 9.25 -6.92
N ASP B 370 0.11 9.53 -6.74
CA ASP B 370 0.58 10.33 -5.62
C ASP B 370 0.03 11.74 -5.78
N PRO B 371 -0.85 12.19 -4.88
CA PRO B 371 -1.43 13.53 -5.05
C PRO B 371 -0.39 14.62 -5.23
N ASP B 372 0.81 14.43 -4.69
CA ASP B 372 1.87 15.40 -4.91
C ASP B 372 2.25 15.50 -6.38
N VAL B 373 2.13 14.40 -7.13
CA VAL B 373 2.48 14.39 -8.54
C VAL B 373 1.45 15.17 -9.36
N ALA B 374 0.19 15.17 -8.92
CA ALA B 374 -0.87 15.85 -9.64
C ALA B 374 -0.95 17.34 -9.35
N TYR B 375 -0.24 17.83 -8.34
CA TYR B 375 -0.36 19.23 -7.95
C TYR B 375 0.17 20.15 -9.06
N SER B 376 -0.66 21.12 -9.46
CA SER B 376 -0.28 22.15 -10.40
C SER B 376 -1.28 23.30 -10.26
N SER B 377 -1.11 24.32 -11.08
CA SER B 377 -2.03 25.46 -11.05
C SER B 377 -3.34 25.21 -11.79
N VAL B 378 -3.51 24.04 -12.41
CA VAL B 378 -4.74 23.78 -13.15
C VAL B 378 -5.97 23.88 -12.25
N PRO B 379 -6.04 23.18 -11.12
CA PRO B 379 -7.22 23.35 -10.25
C PRO B 379 -7.39 24.77 -9.73
N TYR B 380 -6.30 25.52 -9.57
CA TYR B 380 -6.40 26.92 -9.16
C TYR B 380 -7.08 27.76 -10.24
N GLU B 381 -6.44 27.88 -11.40
CA GLU B 381 -6.93 28.77 -12.45
C GLU B 381 -8.13 28.19 -13.18
N LYS B 382 -8.09 26.90 -13.53
CA LYS B 382 -9.24 26.30 -14.19
C LYS B 382 -10.48 26.37 -13.30
N GLY B 383 -10.31 26.10 -12.00
CA GLY B 383 -11.41 26.30 -11.07
C GLY B 383 -11.90 27.73 -11.06
N PHE B 384 -10.98 28.68 -10.92
CA PHE B 384 -11.37 30.09 -10.94
C PHE B 384 -12.01 30.46 -12.27
N ALA B 385 -11.47 29.95 -13.38
CA ALA B 385 -12.05 30.24 -14.68
C ALA B 385 -13.51 29.82 -14.72
N LEU B 386 -13.83 28.64 -14.19
CA LEU B 386 -15.21 28.18 -14.17
C LEU B 386 -16.09 29.13 -13.35
N LEU B 387 -15.64 29.49 -12.15
CA LEU B 387 -16.41 30.38 -11.30
C LEU B 387 -16.56 31.76 -11.93
N PHE B 388 -15.48 32.30 -12.47
CA PHE B 388 -15.56 33.58 -13.17
C PHE B 388 -16.54 33.48 -14.33
N TYR B 389 -16.47 32.39 -15.09
CA TYR B 389 -17.42 32.17 -16.18
C TYR B 389 -18.85 32.13 -15.68
N LEU B 390 -19.08 31.50 -14.53
CA LEU B 390 -20.42 31.45 -13.95
C LEU B 390 -20.87 32.82 -13.47
N GLU B 391 -19.98 33.59 -12.82
CA GLU B 391 -20.33 34.93 -12.38
C GLU B 391 -20.87 35.76 -13.53
N GLN B 392 -20.17 35.76 -14.66
CA GLN B 392 -20.63 36.49 -15.83
C GLN B 392 -21.92 35.89 -16.38
N LEU B 393 -22.02 34.56 -16.33
CA LEU B 393 -23.19 33.90 -16.92
C LEU B 393 -24.45 34.13 -16.09
N LEU B 394 -24.30 34.39 -14.79
CA LEU B 394 -25.44 34.47 -13.89
C LEU B 394 -25.81 35.90 -13.50
N GLY B 395 -25.09 36.90 -13.97
CA GLY B 395 -25.54 38.27 -13.80
C GLY B 395 -24.64 39.20 -13.01
N GLY B 396 -23.38 38.83 -12.82
CA GLY B 396 -22.41 39.72 -12.22
C GLY B 396 -21.86 39.25 -10.89
N PRO B 397 -20.85 39.98 -10.38
CA PRO B 397 -20.21 39.56 -9.12
C PRO B 397 -21.09 39.73 -7.90
N GLU B 398 -21.94 40.77 -7.86
CA GLU B 398 -22.84 40.93 -6.73
C GLU B 398 -23.68 39.68 -6.52
N ILE B 399 -24.33 39.22 -7.58
CA ILE B 399 -25.19 38.03 -7.48
C ILE B 399 -24.36 36.82 -7.06
N PHE B 400 -23.24 36.59 -7.75
CA PHE B 400 -22.48 35.36 -7.51
C PHE B 400 -21.85 35.35 -6.11
N LEU B 401 -21.46 36.51 -5.59
CA LEU B 401 -20.95 36.55 -4.22
C LEU B 401 -22.02 36.14 -3.23
N GLY B 402 -23.28 36.52 -3.49
CA GLY B 402 -24.37 36.04 -2.67
C GLY B 402 -24.48 34.54 -2.68
N PHE B 403 -24.19 33.91 -3.82
CA PHE B 403 -24.18 32.46 -3.90
C PHE B 403 -23.08 31.86 -3.05
N LEU B 404 -21.86 32.42 -3.16
CA LEU B 404 -20.74 31.88 -2.42
C LEU B 404 -20.99 31.92 -0.91
N LYS B 405 -21.53 33.04 -0.41
CA LYS B 405 -21.78 33.14 1.03
C LYS B 405 -22.82 32.12 1.48
N ALA B 406 -23.87 31.93 0.69
CA ALA B 406 -24.84 30.89 1.02
C ALA B 406 -24.22 29.50 0.92
N TYR B 407 -23.44 29.27 -0.14
CA TYR B 407 -22.73 28.00 -0.29
C TYR B 407 -21.85 27.70 0.93
N VAL B 408 -21.16 28.72 1.46
CA VAL B 408 -20.26 28.50 2.59
C VAL B 408 -21.04 28.13 3.84
N GLU B 409 -22.15 28.82 4.11
CA GLU B 409 -22.93 28.51 5.30
C GLU B 409 -23.61 27.15 5.21
N LYS B 410 -24.01 26.75 4.00
CA LYS B 410 -24.71 25.47 3.85
C LYS B 410 -23.82 24.30 4.24
N PHE B 411 -22.54 24.34 3.86
CA PHE B 411 -21.62 23.24 4.06
C PHE B 411 -20.52 23.58 5.08
N SER B 412 -20.77 24.54 5.97
CA SER B 412 -19.81 24.84 7.01
C SER B 412 -19.57 23.61 7.88
N TYR B 413 -18.29 23.34 8.16
CA TYR B 413 -17.87 22.21 8.99
C TYR B 413 -18.17 20.87 8.34
N LYS B 414 -18.39 20.86 7.02
CA LYS B 414 -18.74 19.65 6.28
C LYS B 414 -17.74 19.43 5.16
N SER B 415 -17.70 18.20 4.66
CA SER B 415 -16.90 17.82 3.50
C SER B 415 -17.84 17.41 2.37
N ILE B 416 -17.66 18.03 1.19
CA ILE B 416 -18.57 17.87 0.08
C ILE B 416 -17.79 17.44 -1.16
N THR B 417 -18.53 17.09 -2.20
CA THR B 417 -18.00 16.73 -3.51
C THR B 417 -18.43 17.78 -4.53
N THR B 418 -17.96 17.62 -5.76
CA THR B 418 -18.37 18.55 -6.82
C THR B 418 -19.86 18.46 -7.09
N ASP B 419 -20.44 17.26 -6.98
CA ASP B 419 -21.88 17.13 -7.21
C ASP B 419 -22.68 17.82 -6.12
N ASP B 420 -22.22 17.76 -4.86
CA ASP B 420 -22.85 18.56 -3.82
C ASP B 420 -22.83 20.04 -4.18
N TRP B 421 -21.69 20.53 -4.66
CA TRP B 421 -21.57 21.92 -5.05
C TRP B 421 -22.50 22.25 -6.21
N LYS B 422 -22.45 21.45 -7.28
CA LYS B 422 -23.32 21.68 -8.42
C LYS B 422 -24.79 21.65 -8.02
N ASP B 423 -25.16 20.72 -7.14
CA ASP B 423 -26.55 20.64 -6.70
C ASP B 423 -26.99 21.94 -6.02
N PHE B 424 -26.16 22.48 -5.13
CA PHE B 424 -26.54 23.70 -4.43
C PHE B 424 -26.52 24.91 -5.36
N LEU B 425 -25.61 24.92 -6.34
CA LEU B 425 -25.64 25.96 -7.36
C LEU B 425 -27.02 25.99 -8.05
N TYR B 426 -27.49 24.83 -8.50
CA TYR B 426 -28.80 24.74 -9.12
C TYR B 426 -29.91 25.08 -8.14
N SER B 427 -29.74 24.73 -6.86
CA SER B 427 -30.74 25.08 -5.86
C SER B 427 -30.77 26.58 -5.63
N TYR B 428 -29.59 27.17 -5.40
CA TYR B 428 -29.52 28.62 -5.17
C TYR B 428 -30.02 29.39 -6.39
N PHE B 429 -29.60 28.98 -7.58
CA PHE B 429 -29.97 29.65 -8.83
C PHE B 429 -31.12 28.94 -9.51
N LYS B 430 -32.17 28.61 -8.75
CA LYS B 430 -33.31 27.90 -9.31
C LYS B 430 -34.05 28.75 -10.34
N ASP B 431 -33.97 30.08 -10.24
CA ASP B 431 -34.62 30.92 -11.24
C ASP B 431 -33.90 30.87 -12.58
N LYS B 432 -32.61 30.57 -12.58
CA LYS B 432 -31.78 30.58 -13.80
C LYS B 432 -31.33 29.17 -14.18
N VAL B 433 -32.20 28.18 -13.98
CA VAL B 433 -31.88 26.80 -14.33
C VAL B 433 -31.60 26.69 -15.83
N ASP B 434 -32.36 27.42 -16.65
CA ASP B 434 -32.15 27.35 -18.08
C ASP B 434 -30.78 27.87 -18.49
N VAL B 435 -30.23 28.80 -17.71
CA VAL B 435 -28.88 29.27 -17.96
C VAL B 435 -27.84 28.24 -17.54
N LEU B 436 -28.07 27.57 -16.40
CA LEU B 436 -27.12 26.56 -15.94
C LEU B 436 -27.06 25.38 -16.91
N ASN B 437 -28.20 24.93 -17.43
CA ASN B 437 -28.18 23.82 -18.38
C ASN B 437 -27.43 24.15 -19.66
N GLN B 438 -27.24 25.44 -20.00
CA GLN B 438 -26.41 25.73 -21.16
C GLN B 438 -24.92 25.48 -20.89
N VAL B 439 -24.53 25.35 -19.63
CA VAL B 439 -23.12 25.18 -19.33
C VAL B 439 -22.69 23.78 -19.75
N ASP B 440 -21.50 23.68 -20.35
CA ASP B 440 -20.93 22.39 -20.72
C ASP B 440 -20.22 21.81 -19.51
N TRP B 441 -21.01 21.17 -18.64
CA TRP B 441 -20.47 20.66 -17.39
C TRP B 441 -19.44 19.56 -17.62
N ASN B 442 -19.69 18.67 -18.59
CA ASN B 442 -18.74 17.60 -18.85
C ASN B 442 -17.38 18.15 -19.26
N ALA B 443 -17.36 19.14 -20.14
CA ALA B 443 -16.10 19.70 -20.60
C ALA B 443 -15.40 20.48 -19.50
N TRP B 444 -16.15 21.30 -18.75
CA TRP B 444 -15.55 22.10 -17.70
C TRP B 444 -14.95 21.22 -16.59
N LEU B 445 -15.67 20.15 -16.22
CA LEU B 445 -15.33 19.40 -15.02
C LEU B 445 -14.43 18.19 -15.28
N TYR B 446 -14.61 17.50 -16.41
CA TYR B 446 -13.93 16.23 -16.63
C TYR B 446 -13.13 16.15 -17.91
N SER B 447 -13.19 17.16 -18.79
CA SER B 447 -12.38 17.12 -20.00
C SER B 447 -11.07 17.86 -19.78
N PRO B 448 -9.98 17.33 -20.29
CA PRO B 448 -8.67 17.98 -20.14
C PRO B 448 -8.53 19.17 -21.07
N GLY B 449 -7.37 19.82 -20.99
CA GLY B 449 -7.08 20.95 -21.85
C GLY B 449 -7.73 22.24 -21.39
N LEU B 450 -7.69 23.22 -22.29
CA LEU B 450 -8.23 24.54 -21.99
C LEU B 450 -9.76 24.47 -21.92
N PRO B 451 -10.37 25.33 -21.12
CA PRO B 451 -11.83 25.28 -20.92
C PRO B 451 -12.58 25.42 -22.23
N PRO B 452 -13.87 25.11 -22.25
CA PRO B 452 -14.63 25.24 -23.50
C PRO B 452 -14.96 26.67 -23.88
N ILE B 453 -14.92 27.61 -22.94
CA ILE B 453 -15.25 29.00 -23.20
C ILE B 453 -14.35 29.88 -22.35
N LYS B 454 -13.89 30.99 -22.92
CA LYS B 454 -13.04 31.92 -22.18
C LYS B 454 -13.84 33.11 -21.70
N PRO B 455 -13.73 33.49 -20.44
CA PRO B 455 -14.53 34.61 -19.92
C PRO B 455 -14.12 35.93 -20.57
N ASN B 456 -14.90 36.97 -20.26
CA ASN B 456 -14.64 38.32 -20.74
C ASN B 456 -13.79 39.05 -19.71
N TYR B 457 -12.62 39.51 -20.13
CA TYR B 457 -11.65 40.14 -19.25
C TYR B 457 -11.46 41.61 -19.62
N ASP B 458 -11.35 42.45 -18.61
CA ASP B 458 -11.05 43.86 -18.81
C ASP B 458 -9.57 44.00 -19.15
N MET B 459 -9.28 44.64 -20.27
CA MET B 459 -7.92 44.71 -20.81
C MET B 459 -7.15 45.95 -20.40
N THR B 460 -7.74 46.81 -19.56
CA THR B 460 -7.14 48.10 -19.24
C THR B 460 -5.71 47.97 -18.75
N LEU B 461 -5.52 47.37 -17.57
CA LEU B 461 -4.19 47.31 -16.97
C LEU B 461 -3.24 46.40 -17.76
N THR B 462 -3.76 45.50 -18.58
CA THR B 462 -2.92 44.56 -19.31
C THR B 462 -2.37 45.13 -20.62
N ASN B 463 -3.02 46.17 -21.17
CA ASN B 463 -2.60 46.68 -22.48
C ASN B 463 -1.14 47.11 -22.47
N ALA B 464 -0.70 47.79 -21.41
CA ALA B 464 0.68 48.23 -21.35
C ALA B 464 1.64 47.05 -21.43
N CYS B 465 1.32 45.95 -20.74
CA CYS B 465 2.19 44.78 -20.76
C CYS B 465 2.25 44.17 -22.16
N ILE B 466 1.11 44.11 -22.85
CA ILE B 466 1.07 43.51 -24.17
C ILE B 466 1.84 44.36 -25.17
N ALA B 467 1.77 45.68 -25.03
CA ALA B 467 2.46 46.56 -25.98
C ALA B 467 3.97 46.34 -25.92
N LEU B 468 4.55 46.34 -24.71
CA LEU B 468 6.00 46.22 -24.59
C LEU B 468 6.49 44.84 -24.99
N SER B 469 5.84 43.80 -24.46
CA SER B 469 6.26 42.43 -24.79
C SER B 469 6.18 42.19 -26.30
N GLN B 470 5.18 42.77 -26.96
CA GLN B 470 5.08 42.64 -28.42
C GLN B 470 6.27 43.29 -29.10
N ARG B 471 6.71 44.45 -28.60
CA ARG B 471 7.86 45.11 -29.20
C ARG B 471 9.10 44.22 -29.14
N TRP B 472 9.32 43.55 -28.00
CA TRP B 472 10.51 42.70 -27.87
C TRP B 472 10.39 41.45 -28.73
N ILE B 473 9.22 40.82 -28.73
CA ILE B 473 9.06 39.58 -29.49
C ILE B 473 9.22 39.83 -30.98
N THR B 474 8.60 40.89 -31.49
CA THR B 474 8.62 41.20 -32.92
C THR B 474 9.73 42.17 -33.31
N ALA B 475 10.68 42.45 -32.41
CA ALA B 475 11.73 43.42 -32.69
C ALA B 475 12.84 42.80 -33.51
N LYS B 476 13.38 43.57 -34.45
CA LYS B 476 14.56 43.19 -35.20
C LYS B 476 15.79 43.70 -34.45
N GLU B 477 16.97 43.56 -35.05
CA GLU B 477 18.17 44.04 -34.39
C GLU B 477 18.17 45.57 -34.30
N ASP B 478 17.76 46.25 -35.38
CA ASP B 478 17.68 47.70 -35.37
C ASP B 478 16.65 48.23 -34.38
N ASP B 479 15.90 47.33 -33.75
CA ASP B 479 14.83 47.75 -32.81
C ASP B 479 15.35 47.72 -31.37
N LEU B 480 16.56 47.21 -31.16
CA LEU B 480 17.08 47.07 -29.79
C LEU B 480 17.69 48.36 -29.27
N ASN B 481 18.28 49.17 -30.15
CA ASN B 481 18.91 50.41 -29.70
C ASN B 481 17.91 51.40 -29.12
N SER B 482 16.63 51.29 -29.49
CA SER B 482 15.63 52.24 -29.03
C SER B 482 14.98 51.84 -27.71
N PHE B 483 15.11 50.58 -27.29
CA PHE B 483 14.62 50.19 -25.98
C PHE B 483 15.39 50.93 -24.89
N ASN B 484 14.68 51.32 -23.83
CA ASN B 484 15.27 52.13 -22.79
C ASN B 484 14.52 51.90 -21.47
N ALA B 485 15.18 52.25 -20.37
CA ALA B 485 14.58 52.08 -19.05
C ALA B 485 13.24 52.82 -18.94
N THR B 486 13.05 53.87 -19.73
CA THR B 486 11.79 54.61 -19.68
C THR B 486 10.60 53.76 -20.09
N ASP B 487 10.83 52.60 -20.70
CA ASP B 487 9.73 51.71 -21.05
C ASP B 487 8.99 51.21 -19.83
N LEU B 488 9.65 51.16 -18.67
CA LEU B 488 9.03 50.67 -17.45
C LEU B 488 8.60 51.80 -16.52
N LYS B 489 8.66 53.05 -16.97
CA LYS B 489 8.43 54.16 -16.05
C LYS B 489 7.04 54.09 -15.42
N ASP B 490 6.06 53.59 -16.16
CA ASP B 490 4.67 53.58 -15.73
C ASP B 490 4.15 52.15 -15.54
N LEU B 491 5.04 51.22 -15.24
CA LEU B 491 4.70 49.83 -15.00
C LEU B 491 4.90 49.48 -13.54
N SER B 492 3.91 48.78 -12.96
CA SER B 492 4.02 48.28 -11.61
C SER B 492 4.72 46.93 -11.59
N SER B 493 5.00 46.43 -10.39
CA SER B 493 5.64 45.13 -10.27
C SER B 493 4.81 44.03 -10.95
N HIS B 494 3.49 44.08 -10.79
CA HIS B 494 2.63 43.12 -11.47
C HIS B 494 2.70 43.30 -12.97
N GLN B 495 2.55 44.54 -13.46
CA GLN B 495 2.68 44.79 -14.88
C GLN B 495 4.07 44.38 -15.37
N LEU B 496 5.11 44.69 -14.59
CA LEU B 496 6.44 44.20 -14.91
C LEU B 496 6.46 42.68 -14.96
N ASN B 497 5.79 42.03 -14.02
CA ASN B 497 5.75 40.57 -13.98
C ASN B 497 4.98 40.01 -15.16
N GLU B 498 3.83 40.59 -15.48
CA GLU B 498 3.05 40.11 -16.62
C GLU B 498 3.82 40.28 -17.93
N PHE B 499 4.52 41.41 -18.09
CA PHE B 499 5.34 41.61 -19.28
C PHE B 499 6.31 40.46 -19.47
N LEU B 500 7.00 40.07 -18.39
CA LEU B 500 7.91 38.92 -18.46
C LEU B 500 7.14 37.64 -18.77
N ALA B 501 5.98 37.46 -18.13
CA ALA B 501 5.18 36.26 -18.40
C ALA B 501 4.79 36.18 -19.86
N GLN B 502 4.38 37.31 -20.45
CA GLN B 502 4.00 37.33 -21.85
C GLN B 502 5.20 37.08 -22.76
N THR B 503 6.36 37.64 -22.41
CA THR B 503 7.55 37.43 -23.24
C THR B 503 8.07 36.00 -23.11
N LEU B 504 8.05 35.45 -21.90
CA LEU B 504 8.57 34.10 -21.70
C LEU B 504 7.78 33.08 -22.52
N GLN B 505 6.46 33.30 -22.65
CA GLN B 505 5.64 32.37 -23.41
C GLN B 505 6.04 32.29 -24.87
N ARG B 506 6.80 33.27 -25.36
CA ARG B 506 7.31 33.26 -26.73
C ARG B 506 8.77 32.88 -26.80
N ALA B 507 9.36 32.44 -25.69
CA ALA B 507 10.75 32.05 -25.69
C ALA B 507 10.96 30.86 -26.65
N PRO B 508 12.17 30.70 -27.18
CA PRO B 508 13.31 31.55 -26.83
C PRO B 508 13.37 32.86 -27.62
N LEU B 509 13.96 33.89 -27.03
CA LEU B 509 14.27 35.08 -27.79
C LEU B 509 15.72 35.07 -28.23
N PRO B 510 16.04 35.70 -29.36
CA PRO B 510 17.44 35.79 -29.79
C PRO B 510 18.34 36.26 -28.66
N LEU B 511 19.59 35.78 -28.68
CA LEU B 511 20.51 36.11 -27.61
C LEU B 511 20.72 37.61 -27.47
N GLY B 512 20.76 38.32 -28.60
CA GLY B 512 20.91 39.76 -28.54
C GLY B 512 19.76 40.46 -27.83
N HIS B 513 18.54 39.96 -28.04
CA HIS B 513 17.38 40.54 -27.36
C HIS B 513 17.49 40.38 -25.85
N ILE B 514 17.80 39.18 -25.37
CA ILE B 514 17.91 38.97 -23.93
C ILE B 514 19.07 39.77 -23.35
N LYS B 515 20.22 39.77 -24.04
CA LYS B 515 21.34 40.60 -23.59
C LYS B 515 20.94 42.07 -23.55
N ARG B 516 20.17 42.52 -24.54
CA ARG B 516 19.71 43.91 -24.56
C ARG B 516 18.82 44.21 -23.36
N MET B 517 17.97 43.24 -22.98
CA MET B 517 17.09 43.46 -21.83
C MET B 517 17.88 43.69 -20.56
N GLN B 518 18.99 42.97 -20.37
CA GLN B 518 19.80 43.18 -19.18
C GLN B 518 20.46 44.55 -19.20
N GLU B 519 20.93 45.00 -20.36
CA GLU B 519 21.53 46.32 -20.45
C GLU B 519 20.53 47.41 -20.04
N VAL B 520 19.32 47.36 -20.60
CA VAL B 520 18.40 48.47 -20.47
C VAL B 520 17.54 48.38 -19.21
N TYR B 521 17.16 47.18 -18.78
CA TYR B 521 16.27 47.04 -17.63
C TYR B 521 16.99 46.59 -16.38
N ASN B 522 18.10 45.87 -16.50
CA ASN B 522 18.86 45.41 -15.35
C ASN B 522 17.97 44.57 -14.42
N PHE B 523 17.27 43.60 -15.02
CA PHE B 523 16.41 42.71 -14.23
C PHE B 523 17.20 41.86 -13.26
N ASN B 524 18.52 41.71 -13.48
CA ASN B 524 19.34 40.92 -12.56
C ASN B 524 19.33 41.50 -11.15
N ALA B 525 18.98 42.77 -11.00
CA ALA B 525 19.01 43.47 -9.72
C ALA B 525 17.66 43.50 -9.02
N ILE B 526 16.64 42.83 -9.55
CA ILE B 526 15.31 42.87 -8.98
C ILE B 526 15.20 41.84 -7.85
N ASN B 527 14.68 42.30 -6.71
CA ASN B 527 14.55 41.42 -5.55
C ASN B 527 13.30 40.55 -5.64
N ASN B 528 12.25 41.04 -6.29
CA ASN B 528 11.01 40.30 -6.50
C ASN B 528 11.28 38.89 -7.04
N SER B 529 10.99 37.86 -6.24
CA SER B 529 11.29 36.50 -6.66
C SER B 529 10.42 36.07 -7.83
N GLU B 530 9.18 36.56 -7.89
CA GLU B 530 8.34 36.29 -9.06
C GLU B 530 8.96 36.88 -10.32
N ILE B 531 9.41 38.13 -10.25
CA ILE B 531 10.00 38.78 -11.42
C ILE B 531 11.33 38.11 -11.77
N ARG B 532 12.20 37.93 -10.78
CA ARG B 532 13.49 37.30 -11.02
C ARG B 532 13.31 35.89 -11.59
N PHE B 533 12.37 35.12 -11.02
CA PHE B 533 12.12 33.77 -11.49
C PHE B 533 11.85 33.73 -12.99
N ARG B 534 10.96 34.61 -13.47
CA ARG B 534 10.61 34.58 -14.89
C ARG B 534 11.74 35.14 -15.76
N TRP B 535 12.42 36.18 -15.28
CA TRP B 535 13.56 36.71 -16.02
C TRP B 535 14.63 35.64 -16.22
N LEU B 536 14.92 34.87 -15.18
CA LEU B 536 15.89 33.79 -15.30
C LEU B 536 15.40 32.71 -16.25
N ARG B 537 14.12 32.34 -16.14
CA ARG B 537 13.56 31.38 -17.09
C ARG B 537 13.70 31.88 -18.53
N LEU B 538 13.43 33.16 -18.76
CA LEU B 538 13.58 33.73 -20.10
C LEU B 538 15.04 33.66 -20.56
N CYS B 539 15.98 33.84 -19.64
CA CYS B 539 17.40 33.79 -20.00
C CYS B 539 17.83 32.37 -20.33
N ILE B 540 17.47 31.40 -19.48
CA ILE B 540 17.91 30.03 -19.67
C ILE B 540 17.27 29.42 -20.91
N GLN B 541 15.99 29.69 -21.14
CA GLN B 541 15.34 29.17 -22.34
C GLN B 541 15.92 29.80 -23.60
N SER B 542 16.47 31.00 -23.50
CA SER B 542 17.08 31.67 -24.64
C SER B 542 18.56 31.34 -24.78
N LYS B 543 19.09 30.43 -23.96
CA LYS B 543 20.46 29.92 -24.11
C LYS B 543 21.51 30.97 -23.75
N TRP B 544 21.28 31.71 -22.65
CA TRP B 544 22.25 32.69 -22.17
C TRP B 544 23.02 32.07 -21.00
N GLU B 545 24.26 31.66 -21.27
CA GLU B 545 25.05 30.97 -20.25
C GLU B 545 25.36 31.85 -19.05
N ASP B 546 25.23 33.17 -19.18
CA ASP B 546 25.49 34.05 -18.04
C ASP B 546 24.45 33.88 -16.94
N ALA B 547 23.25 33.41 -17.28
CA ALA B 547 22.18 33.22 -16.32
C ALA B 547 22.25 31.87 -15.62
N ILE B 548 23.15 30.99 -16.03
CA ILE B 548 23.28 29.66 -15.43
C ILE B 548 23.50 29.80 -13.93
N PRO B 549 24.57 30.48 -13.49
CA PRO B 549 24.81 30.59 -12.04
C PRO B 549 23.71 31.33 -11.30
N LEU B 550 23.12 32.36 -11.91
CA LEU B 550 22.04 33.09 -11.25
C LEU B 550 20.80 32.22 -11.05
N ALA B 551 20.54 31.30 -11.99
CA ALA B 551 19.37 30.44 -11.86
C ALA B 551 19.62 29.30 -10.88
N LEU B 552 20.80 28.67 -10.96
CA LEU B 552 21.14 27.62 -9.99
C LEU B 552 21.11 28.16 -8.56
N LYS B 553 21.53 29.41 -8.38
CA LYS B 553 21.54 29.99 -7.04
C LYS B 553 20.13 30.18 -6.50
N MET B 554 19.23 30.70 -7.34
CA MET B 554 17.84 30.85 -6.90
C MET B 554 17.14 29.51 -6.77
N ALA B 555 17.49 28.54 -7.62
CA ALA B 555 16.83 27.24 -7.56
C ALA B 555 17.17 26.50 -6.28
N THR B 556 18.34 26.78 -5.68
CA THR B 556 18.76 26.11 -4.46
C THR B 556 18.73 27.00 -3.22
N GLU B 557 18.77 28.33 -3.38
CA GLU B 557 18.72 29.21 -2.22
C GLU B 557 17.34 29.26 -1.58
N GLN B 558 16.29 28.91 -2.33
CA GLN B 558 14.96 28.77 -1.77
C GLN B 558 14.35 27.48 -2.30
N GLY B 559 13.30 27.02 -1.63
CA GLY B 559 12.74 25.71 -1.94
C GLY B 559 11.31 25.72 -2.42
N ARG B 560 10.74 26.90 -2.63
CA ARG B 560 9.38 26.99 -3.18
C ARG B 560 9.34 26.29 -4.53
N MET B 561 8.58 25.20 -4.61
CA MET B 561 8.59 24.38 -5.82
C MET B 561 8.10 25.14 -7.04
N LYS B 562 7.29 26.18 -6.86
CA LYS B 562 6.86 27.00 -7.99
C LYS B 562 8.06 27.53 -8.77
N PHE B 563 9.14 27.87 -8.07
CA PHE B 563 10.35 28.41 -8.67
C PHE B 563 11.45 27.35 -8.87
N THR B 564 11.71 26.54 -7.84
CA THR B 564 12.82 25.59 -7.91
C THR B 564 12.60 24.57 -9.03
N ARG B 565 11.40 24.02 -9.14
CA ARG B 565 11.15 22.98 -10.13
C ARG B 565 11.30 23.51 -11.56
N PRO B 566 10.61 24.57 -11.97
CA PRO B 566 10.82 25.07 -13.35
C PRO B 566 12.26 25.48 -13.61
N LEU B 567 12.90 26.14 -12.64
CA LEU B 567 14.29 26.54 -12.82
C LEU B 567 15.19 25.34 -13.09
N PHE B 568 15.05 24.28 -12.29
CA PHE B 568 15.85 23.07 -12.51
C PHE B 568 15.56 22.46 -13.87
N LYS B 569 14.28 22.25 -14.19
CA LYS B 569 13.92 21.63 -15.46
C LYS B 569 14.44 22.44 -16.65
N ASP B 570 14.40 23.78 -16.53
CA ASP B 570 14.96 24.61 -17.59
C ASP B 570 16.49 24.48 -17.65
N LEU B 571 17.14 24.47 -16.49
CA LEU B 571 18.59 24.29 -16.46
C LEU B 571 18.98 22.92 -17.02
N ALA B 572 18.16 21.90 -16.76
CA ALA B 572 18.46 20.56 -17.26
C ALA B 572 18.23 20.45 -18.76
N ALA B 573 17.32 21.24 -19.31
CA ALA B 573 17.07 21.23 -20.75
C ALA B 573 18.12 22.01 -21.53
N PHE B 574 18.79 22.97 -20.89
CA PHE B 574 19.87 23.69 -21.53
C PHE B 574 21.10 22.80 -21.62
N ASP B 575 21.64 22.62 -22.83
CA ASP B 575 22.78 21.72 -22.99
C ASP B 575 23.98 22.18 -22.17
N LYS B 576 24.16 23.50 -22.05
CA LYS B 576 25.35 24.06 -21.42
C LYS B 576 25.32 23.98 -19.90
N SER B 577 24.20 23.58 -19.30
CA SER B 577 24.07 23.52 -17.86
C SER B 577 23.44 22.23 -17.36
N HIS B 578 23.12 21.29 -18.26
CA HIS B 578 22.45 20.07 -17.85
C HIS B 578 23.21 19.36 -16.74
N ASP B 579 24.51 19.14 -16.94
CA ASP B 579 25.30 18.43 -15.93
C ASP B 579 25.34 19.22 -14.63
N GLN B 580 25.62 20.52 -14.70
CA GLN B 580 25.68 21.32 -13.48
C GLN B 580 24.33 21.28 -12.75
N ALA B 581 23.23 21.20 -13.49
CA ALA B 581 21.90 21.16 -12.88
C ALA B 581 21.65 19.83 -12.17
N VAL B 582 21.97 18.71 -12.82
CA VAL B 582 21.77 17.42 -12.18
C VAL B 582 22.68 17.29 -10.96
N ARG B 583 23.96 17.60 -11.13
CA ARG B 583 24.90 17.54 -10.01
C ARG B 583 24.44 18.41 -8.86
N THR B 584 23.96 19.63 -9.15
CA THR B 584 23.46 20.50 -8.10
C THR B 584 22.37 19.80 -7.29
N TYR B 585 21.38 19.23 -7.97
CA TYR B 585 20.32 18.50 -7.28
C TYR B 585 20.91 17.41 -6.39
N GLN B 586 21.81 16.59 -6.96
CA GLN B 586 22.40 15.49 -6.21
C GLN B 586 23.06 15.98 -4.93
N GLU B 587 23.77 17.13 -5.00
CA GLU B 587 24.43 17.66 -3.82
C GLU B 587 23.43 18.17 -2.79
N HIS B 588 22.49 19.02 -3.21
CA HIS B 588 21.53 19.60 -2.29
C HIS B 588 20.42 18.64 -1.91
N LYS B 589 20.33 17.48 -2.57
CA LYS B 589 19.23 16.56 -2.35
C LYS B 589 19.09 16.17 -0.88
N ALA B 590 20.21 15.90 -0.21
CA ALA B 590 20.15 15.39 1.15
C ALA B 590 19.51 16.37 2.13
N SER B 591 19.57 17.67 1.83
CA SER B 591 19.07 18.70 2.73
C SER B 591 17.89 19.47 2.14
N MET B 592 17.26 18.93 1.10
CA MET B 592 16.06 19.54 0.54
C MET B 592 14.82 19.04 1.29
N HIS B 593 13.71 19.72 1.06
CA HIS B 593 12.45 19.25 1.63
C HIS B 593 12.14 17.86 1.06
N PRO B 594 11.66 16.93 1.89
CA PRO B 594 11.41 15.57 1.40
C PRO B 594 10.53 15.51 0.16
N VAL B 595 9.42 16.26 0.14
CA VAL B 595 8.54 16.25 -1.02
C VAL B 595 9.22 16.89 -2.23
N THR B 596 9.90 18.01 -2.03
CA THR B 596 10.53 18.71 -3.16
C THR B 596 11.62 17.86 -3.80
N ALA B 597 12.45 17.20 -2.98
CA ALA B 597 13.55 16.41 -3.53
C ALA B 597 13.04 15.25 -4.36
N MET B 598 11.87 14.70 -4.02
CA MET B 598 11.31 13.60 -4.81
C MET B 598 10.78 14.11 -6.14
N LEU B 599 10.17 15.31 -6.14
CA LEU B 599 9.59 15.85 -7.36
C LEU B 599 10.67 16.38 -8.30
N VAL B 600 11.62 17.15 -7.78
CA VAL B 600 12.74 17.60 -8.61
C VAL B 600 13.49 16.39 -9.17
N GLY B 601 13.63 15.34 -8.37
CA GLY B 601 14.25 14.12 -8.86
C GLY B 601 13.48 13.50 -10.01
N LYS B 602 12.15 13.46 -9.90
CA LYS B 602 11.33 13.00 -11.02
C LYS B 602 11.43 13.96 -12.19
N ASP B 603 11.38 15.26 -11.93
CA ASP B 603 11.56 16.25 -12.99
C ASP B 603 12.89 16.03 -13.73
N LEU B 604 13.97 15.82 -12.96
CA LEU B 604 15.28 15.61 -13.57
C LEU B 604 15.46 14.18 -14.08
N LYS B 605 14.54 13.27 -13.75
CA LYS B 605 14.62 11.88 -14.21
C LYS B 605 15.90 11.23 -13.70
N VAL B 606 16.12 11.33 -12.39
CA VAL B 606 17.31 10.74 -11.75
C VAL B 606 16.89 9.62 -10.80
N VAL C 1 24.78 5.99 -3.59
CA VAL C 1 24.28 6.96 -2.64
C VAL C 1 24.34 6.40 -1.21
N ASP C 2 25.43 6.73 -0.51
CA ASP C 2 25.68 6.25 0.86
C ASP C 2 25.23 7.32 1.84
N THR C 3 24.09 7.10 2.49
CA THR C 3 23.52 8.10 3.39
C THR C 3 24.28 8.19 4.72
N CYS C 4 25.30 7.36 4.94
CA CYS C 4 26.07 7.42 6.17
C CYS C 4 27.38 8.19 6.03
N SER C 5 27.77 8.54 4.80
CA SER C 5 29.01 9.26 4.55
C SER C 5 28.72 10.68 4.10
N LEU C 6 29.52 11.63 4.58
CA LEU C 6 29.45 13.01 4.16
C LEU C 6 30.52 13.35 3.13
N ALA C 7 31.18 12.34 2.56
CA ALA C 7 32.29 12.54 1.65
C ALA C 7 31.83 12.34 0.21
N SER C 8 32.71 12.73 -0.72
CA SER C 8 32.41 12.57 -2.13
C SER C 8 32.16 11.10 -2.45
N PRO C 9 31.09 10.77 -3.15
CA PRO C 9 30.83 9.36 -3.48
C PRO C 9 31.87 8.79 -4.42
N ALA C 10 31.89 7.46 -4.50
CA ALA C 10 32.82 6.75 -5.38
C ALA C 10 32.63 7.12 -6.85
N SER C 11 31.45 7.60 -7.23
CA SER C 11 31.21 8.01 -8.60
C SER C 11 31.82 9.37 -8.92
N VAL C 12 32.32 10.08 -7.93
CA VAL C 12 33.04 11.33 -8.13
C VAL C 12 34.54 11.12 -8.08
N CYS C 13 35.01 10.36 -7.09
CA CYS C 13 36.41 10.02 -6.96
C CYS C 13 36.53 8.85 -6.01
N ARG C 14 37.64 8.11 -6.13
CA ARG C 14 37.90 6.93 -5.32
C ARG C 14 39.28 7.00 -4.72
N THR C 15 39.40 6.62 -3.45
CA THR C 15 40.71 6.43 -2.85
C THR C 15 41.27 5.08 -3.28
N LYS C 16 42.56 5.05 -3.59
CA LYS C 16 43.22 3.81 -3.96
C LYS C 16 44.19 3.32 -2.91
N HIS C 17 44.81 4.23 -2.15
CA HIS C 17 45.78 3.84 -1.14
C HIS C 17 45.79 4.89 -0.02
N LEU C 18 46.21 4.45 1.16
CA LEU C 18 46.42 5.32 2.31
C LEU C 18 47.77 4.97 2.91
N HIS C 19 48.66 5.95 2.97
CA HIS C 19 49.92 5.81 3.68
C HIS C 19 49.80 6.58 4.99
N LEU C 20 49.82 5.86 6.11
CA LEU C 20 49.58 6.43 7.42
C LEU C 20 50.88 6.44 8.21
N ARG C 21 51.34 7.63 8.57
CA ARG C 21 52.46 7.82 9.48
C ARG C 21 51.92 8.53 10.72
N CYS C 22 52.02 7.89 11.87
CA CYS C 22 51.40 8.46 13.06
C CYS C 22 52.08 7.92 14.31
N SER C 23 51.82 8.60 15.43
CA SER C 23 52.44 8.30 16.70
C SER C 23 51.38 8.29 17.80
N VAL C 24 51.46 7.28 18.67
CA VAL C 24 50.49 7.08 19.74
C VAL C 24 51.03 7.69 21.03
N ASP C 25 50.27 8.63 21.60
CA ASP C 25 50.59 9.25 22.88
C ASP C 25 49.51 8.84 23.86
N PHE C 26 49.85 7.92 24.77
CA PHE C 26 48.86 7.49 25.76
C PHE C 26 48.59 8.55 26.80
N THR C 27 49.49 9.52 26.97
CA THR C 27 49.24 10.59 27.93
C THR C 27 48.13 11.52 27.44
N ARG C 28 48.17 11.89 26.17
CA ARG C 28 47.15 12.72 25.55
C ARG C 28 46.03 11.91 24.92
N ARG C 29 46.20 10.60 24.77
CA ARG C 29 45.20 9.74 24.14
C ARG C 29 44.88 10.26 22.74
N THR C 30 45.91 10.37 21.92
CA THR C 30 45.75 10.86 20.56
C THR C 30 46.69 10.11 19.62
N LEU C 31 46.25 10.01 18.37
CA LEU C 31 47.11 9.60 17.27
C LEU C 31 47.46 10.85 16.48
N THR C 32 48.75 11.14 16.35
CA THR C 32 49.23 12.29 15.61
C THR C 32 50.09 11.80 14.45
N GLY C 33 49.90 12.42 13.28
CA GLY C 33 50.66 12.03 12.12
C GLY C 33 50.07 12.61 10.85
N THR C 34 50.31 11.91 9.74
CA THR C 34 49.84 12.30 8.43
C THR C 34 49.11 11.13 7.78
N ALA C 35 48.10 11.47 6.96
CA ALA C 35 47.36 10.48 6.19
C ALA C 35 47.47 10.87 4.72
N ALA C 36 48.29 10.14 3.98
CA ALA C 36 48.48 10.37 2.55
C ALA C 36 47.45 9.55 1.78
N LEU C 37 46.57 10.24 1.07
CA LEU C 37 45.47 9.60 0.34
C LEU C 37 45.75 9.72 -1.16
N THR C 38 46.02 8.59 -1.80
CA THR C 38 46.10 8.52 -3.26
C THR C 38 44.67 8.46 -3.79
N VAL C 39 44.24 9.52 -4.46
CA VAL C 39 42.85 9.67 -4.86
C VAL C 39 42.76 9.67 -6.38
N GLN C 40 41.86 8.85 -6.92
CA GLN C 40 41.62 8.76 -8.36
C GLN C 40 40.28 9.42 -8.70
N SER C 41 40.30 10.30 -9.69
CA SER C 41 39.10 10.97 -10.14
C SER C 41 38.25 10.04 -11.00
N GLN C 42 36.93 10.20 -10.91
CA GLN C 42 36.00 9.43 -11.71
C GLN C 42 35.25 10.30 -12.72
N GLU C 43 35.59 11.57 -12.83
CA GLU C 43 34.92 12.46 -13.76
C GLU C 43 35.87 13.55 -14.21
N ASP C 44 35.53 14.20 -15.32
CA ASP C 44 36.35 15.25 -15.86
C ASP C 44 36.19 16.54 -15.07
N ASN C 45 37.28 17.31 -14.99
CA ASN C 45 37.28 18.62 -14.34
C ASN C 45 36.92 18.53 -12.86
N LEU C 46 37.57 17.61 -12.17
CA LEU C 46 37.41 17.50 -10.72
C LEU C 46 38.35 18.48 -10.04
N ARG C 47 37.79 19.47 -9.34
CA ARG C 47 38.56 20.53 -8.72
C ARG C 47 38.52 20.52 -7.20
N SER C 48 37.71 19.66 -6.58
CA SER C 48 37.67 19.55 -5.14
C SER C 48 36.94 18.27 -4.76
N LEU C 49 37.14 17.83 -3.52
CA LEU C 49 36.48 16.66 -2.98
C LEU C 49 36.19 16.89 -1.51
N VAL C 50 35.34 16.03 -0.95
CA VAL C 50 34.92 16.13 0.44
C VAL C 50 35.19 14.79 1.11
N LEU C 51 35.76 14.84 2.31
CA LEU C 51 36.09 13.66 3.09
C LEU C 51 35.28 13.63 4.38
N ASP C 52 35.29 12.47 5.03
CA ASP C 52 34.68 12.31 6.34
C ASP C 52 35.70 12.53 7.44
N THR C 53 35.30 13.26 8.47
CA THR C 53 36.07 13.41 9.70
C THR C 53 35.10 13.56 10.84
N LYS C 54 35.52 13.13 12.03
CA LYS C 54 34.69 13.23 13.23
C LYS C 54 35.60 13.56 14.40
N ASP C 55 35.54 14.81 14.87
CA ASP C 55 36.32 15.27 16.02
C ASP C 55 37.82 15.22 15.74
N LEU C 56 38.21 15.39 14.48
CA LEU C 56 39.61 15.43 14.11
C LEU C 56 40.14 16.85 14.16
N THR C 57 41.44 16.98 14.44
CA THR C 57 42.13 18.26 14.38
C THR C 57 43.05 18.25 13.16
N ILE C 58 42.84 19.21 12.26
CA ILE C 58 43.58 19.30 11.01
C ILE C 58 44.62 20.41 11.14
N GLU C 59 45.88 20.05 10.95
CA GLU C 59 46.96 21.03 10.96
C GLU C 59 47.12 21.68 9.58
N LYS C 60 47.15 20.87 8.53
CA LYS C 60 47.35 21.36 7.17
C LYS C 60 47.08 20.23 6.20
N VAL C 61 46.89 20.60 4.93
CA VAL C 61 46.73 19.65 3.84
C VAL C 61 47.69 20.05 2.74
N VAL C 62 48.66 19.18 2.47
CA VAL C 62 49.72 19.44 1.51
C VAL C 62 49.51 18.54 0.29
N ILE C 63 49.60 19.12 -0.89
CA ILE C 63 49.45 18.40 -2.15
C ILE C 63 50.57 18.86 -3.07
N ASN C 64 51.49 17.96 -3.40
CA ASN C 64 52.65 18.30 -4.23
C ASN C 64 53.51 19.37 -3.56
N GLY C 65 53.75 19.19 -2.27
CA GLY C 65 54.62 20.09 -1.54
C GLY C 65 54.09 21.48 -1.31
N GLN C 66 52.80 21.72 -1.56
CA GLN C 66 52.19 23.02 -1.30
C GLN C 66 50.89 22.84 -0.52
N GLU C 67 50.72 23.66 0.50
CA GLU C 67 49.46 23.67 1.25
C GLU C 67 48.33 24.20 0.37
N VAL C 68 47.14 23.66 0.59
CA VAL C 68 45.96 24.02 -0.19
C VAL C 68 44.82 24.36 0.74
N LYS C 69 43.82 25.06 0.20
CA LYS C 69 42.67 25.47 1.00
C LYS C 69 41.81 24.26 1.34
N TYR C 70 41.41 24.17 2.60
CA TYR C 70 40.47 23.16 3.06
C TYR C 70 39.46 23.83 3.99
N ALA C 71 38.33 23.16 4.19
CA ALA C 71 37.28 23.71 5.04
C ALA C 71 36.50 22.57 5.69
N LEU C 72 36.19 22.74 6.97
CA LEU C 72 35.37 21.80 7.72
C LEU C 72 33.98 22.40 7.93
N GLY C 73 32.95 21.62 7.59
CA GLY C 73 31.59 22.06 7.80
C GLY C 73 31.09 21.80 9.21
N GLU C 74 29.89 22.29 9.50
CA GLU C 74 29.32 22.05 10.82
C GLU C 74 29.14 20.56 11.05
N ARG C 75 29.36 20.13 12.29
CA ARG C 75 29.17 18.73 12.63
C ARG C 75 27.73 18.31 12.40
N GLN C 76 27.56 17.06 11.98
CA GLN C 76 26.22 16.51 11.80
C GLN C 76 26.00 15.28 12.67
N SER C 77 26.09 15.47 13.98
CA SER C 77 25.78 14.41 14.95
C SER C 77 26.76 13.25 14.72
N TYR C 78 26.29 12.00 14.76
CA TYR C 78 27.18 10.85 14.68
C TYR C 78 27.99 10.83 13.39
N LYS C 79 27.56 11.54 12.36
CA LYS C 79 28.22 11.50 11.07
C LYS C 79 29.55 12.23 11.05
N GLY C 80 29.75 13.17 11.96
CA GLY C 80 30.99 13.93 12.00
C GLY C 80 30.90 15.22 11.20
N SER C 81 32.07 15.74 10.83
CA SER C 81 32.16 16.96 10.07
C SER C 81 32.82 16.70 8.72
N PRO C 82 32.22 17.13 7.62
CA PRO C 82 32.83 16.93 6.30
C PRO C 82 33.97 17.90 6.06
N MET C 83 34.98 17.43 5.33
CA MET C 83 36.20 18.20 5.07
C MET C 83 36.39 18.34 3.57
N GLU C 84 36.19 19.55 3.05
CA GLU C 84 36.38 19.82 1.63
C GLU C 84 37.80 20.29 1.38
N ILE C 85 38.38 19.84 0.27
CA ILE C 85 39.76 20.15 -0.09
C ILE C 85 39.78 20.67 -1.52
N SER C 86 40.36 21.84 -1.72
CA SER C 86 40.49 22.45 -3.05
C SER C 86 41.76 21.94 -3.70
N LEU C 87 41.62 21.28 -4.85
CA LEU C 87 42.79 20.74 -5.52
C LEU C 87 43.57 21.85 -6.22
N PRO C 88 44.90 21.73 -6.26
CA PRO C 88 45.71 22.70 -7.00
C PRO C 88 45.68 22.52 -8.51
N ILE C 89 44.86 21.59 -9.01
CA ILE C 89 44.74 21.33 -10.45
C ILE C 89 43.38 20.71 -10.71
N ALA C 90 42.97 20.69 -11.98
CA ALA C 90 41.75 20.02 -12.40
C ALA C 90 42.12 18.63 -12.91
N LEU C 91 41.52 17.60 -12.31
CA LEU C 91 41.82 16.21 -12.65
C LEU C 91 40.78 15.68 -13.63
N SER C 92 41.27 15.09 -14.73
CA SER C 92 40.38 14.39 -15.65
C SER C 92 40.11 12.98 -15.14
N LYS C 93 39.24 12.26 -15.83
CA LYS C 93 38.86 10.93 -15.38
C LYS C 93 40.06 10.01 -15.31
N ASN C 94 40.20 9.30 -14.20
CA ASN C 94 41.22 8.30 -13.94
C ASN C 94 42.56 8.93 -13.57
N GLN C 95 42.65 10.25 -13.47
CA GLN C 95 43.88 10.86 -12.98
C GLN C 95 43.91 10.83 -11.46
N GLU C 96 45.11 10.84 -10.90
CA GLU C 96 45.31 10.63 -9.47
C GLU C 96 46.22 11.72 -8.90
N ILE C 97 45.97 12.06 -7.64
CA ILE C 97 46.84 12.94 -6.87
C ILE C 97 46.96 12.38 -5.46
N VAL C 98 48.05 12.76 -4.80
CA VAL C 98 48.32 12.33 -3.42
C VAL C 98 48.08 13.53 -2.51
N ILE C 99 47.20 13.35 -1.53
CA ILE C 99 46.83 14.39 -0.58
C ILE C 99 47.36 13.99 0.80
N GLU C 100 48.23 14.81 1.36
CA GLU C 100 48.83 14.56 2.67
C GLU C 100 48.15 15.43 3.71
N ILE C 101 47.43 14.80 4.64
CA ILE C 101 46.65 15.49 5.66
C ILE C 101 47.33 15.30 7.01
N SER C 102 47.75 16.40 7.63
CA SER C 102 48.26 16.38 8.99
C SER C 102 47.10 16.51 9.96
N PHE C 103 46.91 15.50 10.80
CA PHE C 103 45.72 15.39 11.64
C PHE C 103 46.12 14.99 13.06
N GLU C 104 45.11 14.89 13.93
CA GLU C 104 45.29 14.44 15.30
C GLU C 104 43.93 14.01 15.84
N THR C 105 43.86 12.79 16.38
CA THR C 105 42.58 12.30 16.87
C THR C 105 42.22 12.96 18.20
N SER C 106 40.93 12.89 18.52
CA SER C 106 40.45 13.42 19.80
C SER C 106 40.43 12.32 20.85
N PRO C 107 40.72 12.66 22.12
CA PRO C 107 40.64 11.65 23.18
C PRO C 107 39.27 10.98 23.24
N LYS C 108 38.21 11.68 22.82
CA LYS C 108 36.87 11.14 22.83
C LYS C 108 36.53 10.36 21.56
N SER C 109 37.50 10.20 20.66
CA SER C 109 37.33 9.45 19.42
C SER C 109 36.42 8.24 19.63
N SER C 110 35.31 8.21 18.91
CA SER C 110 34.37 7.10 19.01
C SER C 110 34.92 5.80 18.42
N ALA C 111 36.03 5.87 17.70
CA ALA C 111 36.63 4.68 17.11
C ALA C 111 37.62 3.98 18.04
N LEU C 112 38.02 4.61 19.14
CA LEU C 112 39.07 4.09 19.99
C LEU C 112 38.60 4.04 21.44
N GLN C 113 39.17 3.09 22.19
CA GLN C 113 39.09 3.08 23.64
C GLN C 113 40.50 3.06 24.20
N TRP C 114 40.78 4.01 25.09
CA TRP C 114 42.08 4.10 25.77
C TRP C 114 41.94 3.50 27.16
N LEU C 115 42.72 2.47 27.44
CA LEU C 115 42.67 1.76 28.72
C LEU C 115 43.84 2.16 29.60
N THR C 116 43.54 2.43 30.86
CA THR C 116 44.60 2.63 31.85
C THR C 116 45.18 1.28 32.25
N PRO C 117 46.39 1.27 32.81
CA PRO C 117 46.97 -0.01 33.25
C PRO C 117 46.03 -0.84 34.11
N GLU C 118 45.29 -0.22 35.03
CA GLU C 118 44.42 -0.97 35.92
C GLU C 118 43.28 -1.67 35.18
N GLN C 119 42.95 -1.21 33.97
CA GLN C 119 41.93 -1.85 33.15
C GLN C 119 42.47 -3.01 32.32
N THR C 120 43.74 -3.34 32.48
CA THR C 120 44.39 -4.41 31.72
C THR C 120 44.74 -5.57 32.65
N SER C 121 45.22 -6.66 32.06
CA SER C 121 45.63 -7.81 32.85
C SER C 121 46.94 -7.54 33.57
N GLY C 122 47.93 -6.98 32.86
CA GLY C 122 49.24 -6.80 33.45
C GLY C 122 49.31 -5.70 34.50
N LYS C 123 48.42 -4.72 34.40
CA LYS C 123 48.31 -3.61 35.35
C LYS C 123 49.53 -2.69 35.34
N GLU C 124 50.41 -2.81 34.34
CA GLU C 124 51.63 -2.01 34.28
C GLU C 124 51.66 -1.03 33.13
N HIS C 125 51.05 -1.34 32.00
CA HIS C 125 51.09 -0.48 30.82
C HIS C 125 49.68 -0.19 30.34
N PRO C 126 49.49 0.95 29.66
CA PRO C 126 48.17 1.27 29.09
C PRO C 126 47.84 0.41 27.88
N TYR C 127 46.69 0.65 27.27
CA TYR C 127 46.21 -0.20 26.18
C TYR C 127 45.32 0.62 25.28
N LEU C 128 45.43 0.38 23.98
CA LEU C 128 44.62 1.06 22.97
C LEU C 128 44.17 0.05 21.92
N PHE C 129 42.87 0.05 21.61
CA PHE C 129 42.35 -0.78 20.54
C PHE C 129 41.27 0.00 19.80
N SER C 130 41.12 -0.31 18.51
CA SER C 130 40.20 0.40 17.65
C SER C 130 39.05 -0.50 17.23
N GLN C 131 37.96 0.15 16.82
CA GLN C 131 36.79 -0.56 16.30
C GLN C 131 36.09 0.40 15.34
N CYS C 132 36.32 0.21 14.04
CA CYS C 132 35.87 1.18 13.05
C CYS C 132 34.48 0.89 12.50
N GLN C 133 34.09 -0.38 12.42
CA GLN C 133 32.77 -0.70 11.88
C GLN C 133 31.70 -0.15 12.82
N ALA C 134 30.70 0.51 12.25
CA ALA C 134 30.59 0.64 10.80
C ALA C 134 31.26 1.92 10.29
N ILE C 135 30.92 3.06 10.89
CA ILE C 135 31.44 4.34 10.43
C ILE C 135 32.16 5.04 11.57
N HIS C 136 33.31 4.50 11.97
CA HIS C 136 34.15 5.11 13.00
C HIS C 136 35.57 5.37 12.52
N CYS C 137 35.96 4.83 11.37
CA CYS C 137 37.28 5.16 10.83
C CYS C 137 37.43 6.67 10.66
N ARG C 138 36.34 7.38 10.38
CA ARG C 138 36.41 8.83 10.26
C ARG C 138 36.82 9.47 11.58
N ALA C 139 36.69 8.77 12.70
CA ALA C 139 37.18 9.25 13.98
C ALA C 139 38.66 8.98 14.19
N ILE C 140 39.32 8.33 13.24
CA ILE C 140 40.74 8.06 13.31
C ILE C 140 41.53 8.93 12.34
N LEU C 141 41.04 9.10 11.12
CA LEU C 141 41.74 9.86 10.10
C LEU C 141 40.73 10.27 9.03
N PRO C 142 41.00 11.36 8.30
CA PRO C 142 40.11 11.75 7.20
C PRO C 142 40.12 10.68 6.11
N CYS C 143 38.96 10.46 5.49
CA CYS C 143 38.82 9.40 4.51
C CYS C 143 37.42 9.45 3.92
N GLN C 144 37.22 8.65 2.86
CA GLN C 144 35.89 8.35 2.35
C GLN C 144 35.34 7.19 3.17
N ASP C 145 34.74 7.51 4.31
CA ASP C 145 34.31 6.49 5.27
C ASP C 145 33.08 5.77 4.71
N THR C 146 33.33 4.87 3.75
CA THR C 146 32.22 4.17 3.11
C THR C 146 32.71 2.84 2.56
N PRO C 147 31.95 1.75 2.75
CA PRO C 147 32.38 0.45 2.22
C PRO C 147 32.33 0.34 0.71
N SER C 148 31.80 1.35 0.01
CA SER C 148 31.77 1.33 -1.45
C SER C 148 33.11 1.64 -2.07
N VAL C 149 34.09 2.08 -1.28
CA VAL C 149 35.43 2.38 -1.75
C VAL C 149 36.39 1.44 -1.05
N LYS C 150 37.28 0.83 -1.82
CA LYS C 150 38.30 -0.09 -1.29
C LYS C 150 39.68 0.43 -1.66
N LEU C 151 40.60 0.35 -0.70
CA LEU C 151 41.93 0.92 -0.86
C LEU C 151 42.93 0.03 -0.14
N THR C 152 44.11 -0.10 -0.72
CA THR C 152 45.24 -0.65 0.01
C THR C 152 45.77 0.41 0.98
N TYR C 153 46.66 0.01 1.88
CA TYR C 153 47.24 0.98 2.78
C TYR C 153 48.54 0.45 3.37
N THR C 154 49.37 1.39 3.80
CA THR C 154 50.65 1.11 4.44
C THR C 154 50.79 2.07 5.60
N ALA C 155 51.35 1.59 6.70
CA ALA C 155 51.36 2.37 7.92
C ALA C 155 52.69 2.24 8.64
N GLU C 156 53.04 3.29 9.37
CA GLU C 156 54.19 3.30 10.27
C GLU C 156 53.71 3.95 11.56
N VAL C 157 53.67 3.17 12.64
CA VAL C 157 53.09 3.60 13.91
C VAL C 157 54.20 3.67 14.94
N SER C 158 54.37 4.85 15.55
CA SER C 158 55.36 5.05 16.60
C SER C 158 54.72 4.87 17.96
N VAL C 159 55.35 4.06 18.81
CA VAL C 159 54.82 3.76 20.15
C VAL C 159 55.97 3.62 21.11
N PRO C 160 55.70 3.82 22.41
CA PRO C 160 56.73 3.57 23.43
C PRO C 160 57.35 2.19 23.26
N LYS C 161 58.68 2.15 23.25
CA LYS C 161 59.40 0.92 22.90
C LYS C 161 58.99 -0.28 23.73
N GLU C 162 58.36 -0.08 24.89
CA GLU C 162 57.93 -1.22 25.68
C GLU C 162 56.69 -1.90 25.12
N LEU C 163 55.97 -1.24 24.23
CA LEU C 163 54.71 -1.76 23.73
C LEU C 163 54.88 -2.35 22.33
N VAL C 164 53.81 -2.99 21.86
CA VAL C 164 53.74 -3.57 20.53
C VAL C 164 52.56 -2.97 19.81
N ALA C 165 52.73 -2.74 18.50
CA ALA C 165 51.67 -2.24 17.65
C ALA C 165 51.34 -3.29 16.60
N LEU C 166 50.04 -3.50 16.38
CA LEU C 166 49.57 -4.42 15.37
C LEU C 166 48.43 -3.75 14.62
N MET C 167 48.28 -4.11 13.35
CA MET C 167 47.22 -3.55 12.52
C MET C 167 46.63 -4.63 11.64
N SER C 168 45.53 -4.30 10.99
CA SER C 168 44.87 -5.20 10.03
C SER C 168 45.66 -5.21 8.72
N ALA C 169 46.90 -5.65 8.82
CA ALA C 169 47.82 -5.71 7.69
C ALA C 169 49.01 -6.57 8.10
N ILE C 170 49.80 -6.96 7.09
CA ILE C 170 51.00 -7.77 7.34
C ILE C 170 52.07 -6.92 8.01
N ARG C 171 52.67 -7.45 9.07
CA ARG C 171 53.78 -6.78 9.73
C ARG C 171 54.94 -6.62 8.76
N ASP C 172 55.44 -5.38 8.63
CA ASP C 172 56.43 -5.04 7.62
C ASP C 172 57.74 -4.55 8.20
N GLY C 173 57.98 -4.75 9.49
CA GLY C 173 59.24 -4.36 10.09
C GLY C 173 59.08 -3.45 11.29
N GLU C 174 60.10 -3.42 12.14
CA GLU C 174 60.11 -2.58 13.32
C GLU C 174 61.53 -2.06 13.53
N THR C 175 61.63 -0.82 13.99
CA THR C 175 62.92 -0.20 14.26
C THR C 175 62.72 0.84 15.36
N PRO C 176 63.79 1.20 16.06
CA PRO C 176 63.69 2.31 17.02
C PRO C 176 63.34 3.60 16.31
N ASP C 177 62.51 4.41 16.95
CA ASP C 177 62.13 5.69 16.39
C ASP C 177 63.37 6.55 16.25
N PRO C 178 63.71 7.04 15.05
CA PRO C 178 64.93 7.85 14.91
C PRO C 178 64.85 9.18 15.62
N GLU C 179 63.65 9.66 15.95
CA GLU C 179 63.46 10.94 16.61
C GLU C 179 63.19 10.80 18.10
N ASP C 180 63.12 9.58 18.64
CA ASP C 180 62.83 9.39 20.05
C ASP C 180 63.35 8.04 20.52
N PRO C 181 64.37 8.02 21.39
CA PRO C 181 64.96 6.73 21.79
C PRO C 181 64.04 5.88 22.65
N SER C 182 62.98 6.45 23.20
CA SER C 182 62.07 5.72 24.07
C SER C 182 60.95 5.03 23.29
N ARG C 183 61.01 5.02 21.97
CA ARG C 183 59.93 4.49 21.15
C ARG C 183 60.46 3.57 20.07
N LYS C 184 59.54 2.77 19.53
CA LYS C 184 59.78 1.92 18.38
C LYS C 184 58.76 2.27 17.31
N ILE C 185 59.14 2.03 16.05
CA ILE C 185 58.27 2.29 14.90
C ILE C 185 57.92 0.94 14.29
N TYR C 186 56.62 0.66 14.19
CA TYR C 186 56.13 -0.56 13.57
C TYR C 186 55.57 -0.25 12.19
N LYS C 187 56.02 -1.00 11.19
CA LYS C 187 55.56 -0.85 9.83
C LYS C 187 54.61 -1.99 9.47
N PHE C 188 53.59 -1.67 8.69
CA PHE C 188 52.59 -2.64 8.27
C PHE C 188 52.25 -2.38 6.81
N ILE C 189 51.82 -3.43 6.11
CA ILE C 189 51.43 -3.32 4.71
C ILE C 189 50.24 -4.22 4.45
N GLN C 190 49.19 -3.67 3.87
CA GLN C 190 47.98 -4.39 3.52
C GLN C 190 47.84 -4.31 2.00
N LYS C 191 48.23 -5.38 1.32
CA LYS C 191 48.28 -5.37 -0.15
C LYS C 191 46.93 -5.68 -0.79
N VAL C 192 45.95 -6.12 -0.02
CA VAL C 192 44.62 -6.42 -0.54
C VAL C 192 43.73 -5.21 -0.28
N PRO C 193 43.08 -4.66 -1.30
CA PRO C 193 42.24 -3.49 -1.07
C PRO C 193 41.06 -3.82 -0.15
N ILE C 194 40.83 -2.94 0.82
CA ILE C 194 39.77 -3.17 1.80
C ILE C 194 38.95 -1.90 1.94
N PRO C 195 37.71 -2.02 2.42
CA PRO C 195 36.98 -0.83 2.86
C PRO C 195 37.59 -0.28 4.15
N CYS C 196 37.47 1.04 4.32
CA CYS C 196 38.17 1.70 5.42
C CYS C 196 37.67 1.24 6.80
N TYR C 197 36.50 0.61 6.87
CA TYR C 197 36.02 0.14 8.17
C TYR C 197 36.77 -1.10 8.66
N LEU C 198 37.57 -1.73 7.81
CA LEU C 198 38.40 -2.86 8.22
C LEU C 198 39.77 -2.42 8.73
N ILE C 199 40.02 -1.12 8.83
CA ILE C 199 41.25 -0.62 9.43
C ILE C 199 41.17 -0.77 10.94
N ALA C 200 42.20 -1.39 11.52
CA ALA C 200 42.24 -1.66 12.94
C ALA C 200 43.66 -1.45 13.45
N LEU C 201 43.77 -0.92 14.66
CA LEU C 201 45.05 -0.73 15.32
C LEU C 201 44.95 -1.20 16.76
N VAL C 202 46.07 -1.69 17.29
CA VAL C 202 46.16 -2.06 18.70
C VAL C 202 47.58 -1.76 19.17
N VAL C 203 47.69 -1.21 20.38
CA VAL C 203 48.99 -0.91 20.98
C VAL C 203 48.92 -1.36 22.44
N GLY C 204 49.85 -2.21 22.85
CA GLY C 204 49.85 -2.70 24.22
C GLY C 204 50.95 -3.72 24.41
N ALA C 205 51.09 -4.18 25.65
CA ALA C 205 52.08 -5.18 26.01
C ALA C 205 51.56 -6.55 25.56
N LEU C 206 51.74 -6.84 24.28
CA LEU C 206 51.18 -8.02 23.64
C LEU C 206 52.24 -9.12 23.52
N GLU C 207 51.83 -10.35 23.81
CA GLU C 207 52.62 -11.53 23.58
C GLU C 207 51.94 -12.39 22.51
N SER C 208 52.71 -13.27 21.89
CA SER C 208 52.21 -14.08 20.79
C SER C 208 52.62 -15.53 20.97
N ARG C 209 51.81 -16.42 20.41
CA ARG C 209 52.09 -17.84 20.38
C ARG C 209 51.60 -18.37 19.04
N GLN C 210 52.47 -19.04 18.29
CA GLN C 210 52.09 -19.55 16.98
C GLN C 210 51.29 -20.83 17.16
N ILE C 211 50.05 -20.84 16.65
CA ILE C 211 49.18 -22.00 16.76
C ILE C 211 48.91 -22.64 15.41
N GLY C 212 49.56 -22.17 14.35
CA GLY C 212 49.34 -22.71 13.03
C GLY C 212 50.31 -22.16 12.00
N PRO C 213 50.25 -22.69 10.78
CA PRO C 213 51.22 -22.26 9.76
C PRO C 213 51.10 -20.80 9.39
N ARG C 214 49.91 -20.22 9.51
CA ARG C 214 49.68 -18.82 9.14
C ARG C 214 48.92 -18.07 10.23
N THR C 215 49.03 -18.51 11.48
CA THR C 215 48.24 -17.94 12.56
C THR C 215 49.08 -17.81 13.83
N LEU C 216 49.17 -16.60 14.35
CA LEU C 216 49.66 -16.33 15.69
C LEU C 216 48.51 -15.82 16.55
N VAL C 217 48.59 -16.10 17.85
CA VAL C 217 47.62 -15.60 18.82
C VAL C 217 48.30 -14.52 19.65
N TRP C 218 47.65 -13.37 19.77
CA TRP C 218 48.18 -12.21 20.46
C TRP C 218 47.33 -11.90 21.68
N SER C 219 48.00 -11.47 22.76
CA SER C 219 47.31 -11.04 23.96
C SER C 219 48.32 -10.61 25.01
N GLU C 220 47.84 -10.11 26.15
CA GLU C 220 48.73 -9.90 27.28
C GLU C 220 49.28 -11.24 27.77
N LYS C 221 50.41 -11.16 28.47
CA LYS C 221 51.07 -12.38 28.95
C LYS C 221 50.12 -13.26 29.73
N GLU C 222 49.15 -12.66 30.43
CA GLU C 222 48.27 -13.42 31.31
C GLU C 222 47.32 -14.34 30.53
N GLN C 223 46.99 -13.99 29.29
CA GLN C 223 45.97 -14.72 28.54
C GLN C 223 46.46 -15.39 27.27
N VAL C 224 47.71 -15.17 26.86
CA VAL C 224 48.17 -15.69 25.57
C VAL C 224 48.12 -17.22 25.55
N GLU C 225 48.73 -17.86 26.55
CA GLU C 225 48.78 -19.32 26.55
C GLU C 225 47.40 -19.95 26.64
N LYS C 226 46.48 -19.31 27.37
CA LYS C 226 45.12 -19.83 27.46
C LYS C 226 44.39 -19.68 26.13
N SER C 227 44.60 -18.57 25.44
CA SER C 227 43.90 -18.32 24.19
C SER C 227 44.41 -19.23 23.08
N ALA C 228 45.72 -19.45 23.02
CA ALA C 228 46.28 -20.36 22.03
C ALA C 228 45.65 -21.75 22.14
N TYR C 229 45.32 -22.18 23.36
CA TYR C 229 44.62 -23.46 23.51
C TYR C 229 43.17 -23.34 23.06
N GLU C 230 42.47 -22.29 23.51
CA GLU C 230 41.06 -22.15 23.18
C GLU C 230 40.83 -22.10 21.68
N PHE C 231 41.84 -21.68 20.91
CA PHE C 231 41.74 -21.49 19.47
C PHE C 231 42.69 -22.41 18.71
N SER C 232 43.03 -23.56 19.27
CA SER C 232 44.00 -24.45 18.64
C SER C 232 43.56 -24.92 17.27
N GLU C 233 42.27 -24.85 16.95
CA GLU C 233 41.71 -25.41 15.75
C GLU C 233 41.55 -24.38 14.63
N THR C 234 42.18 -23.22 14.76
CA THR C 234 42.03 -22.16 13.76
C THR C 234 42.42 -22.65 12.37
N GLU C 235 43.61 -23.23 12.24
CA GLU C 235 44.07 -23.68 10.92
C GLU C 235 43.09 -24.68 10.32
N SER C 236 42.60 -25.61 11.14
CA SER C 236 41.61 -26.57 10.65
C SER C 236 40.40 -25.87 10.05
N MET C 237 39.94 -24.79 10.68
CA MET C 237 38.77 -24.09 10.15
C MET C 237 39.13 -23.24 8.94
N LEU C 238 40.36 -22.73 8.87
CA LEU C 238 40.79 -21.99 7.69
C LEU C 238 40.77 -22.89 6.46
N LYS C 239 41.28 -24.11 6.58
CA LYS C 239 41.33 -25.01 5.43
C LYS C 239 39.92 -25.41 4.98
N ILE C 240 39.00 -25.60 5.92
CA ILE C 240 37.62 -25.89 5.53
C ILE C 240 37.01 -24.69 4.82
N ALA C 241 37.24 -23.49 5.35
CA ALA C 241 36.73 -22.28 4.72
C ALA C 241 37.25 -22.14 3.29
N GLU C 242 38.53 -22.46 3.06
CA GLU C 242 39.08 -22.34 1.72
C GLU C 242 38.36 -23.25 0.73
N ASP C 243 37.95 -24.44 1.19
CA ASP C 243 37.22 -25.35 0.30
C ASP C 243 35.85 -24.77 -0.07
N LEU C 244 35.25 -23.99 0.83
CA LEU C 244 33.92 -23.46 0.61
C LEU C 244 33.92 -22.15 -0.17
N GLY C 245 34.85 -21.24 0.12
CA GLY C 245 34.85 -19.93 -0.50
C GLY C 245 36.01 -19.63 -1.43
N GLY C 246 36.94 -20.57 -1.56
CA GLY C 246 38.09 -20.36 -2.40
C GLY C 246 39.33 -19.97 -1.62
N PRO C 247 40.38 -19.58 -2.33
CA PRO C 247 41.67 -19.32 -1.66
C PRO C 247 41.58 -18.20 -0.64
N TYR C 248 42.33 -18.36 0.44
CA TYR C 248 42.53 -17.28 1.40
C TYR C 248 43.57 -16.31 0.85
N VAL C 249 43.16 -15.06 0.61
CA VAL C 249 43.97 -14.12 -0.13
C VAL C 249 44.72 -13.15 0.76
N TRP C 250 44.61 -13.29 2.08
CA TRP C 250 45.12 -12.30 3.02
C TRP C 250 46.44 -12.71 3.65
N GLY C 251 47.05 -13.79 3.21
CA GLY C 251 48.35 -14.20 3.71
C GLY C 251 48.29 -14.72 5.13
N GLN C 252 48.27 -13.81 6.10
CA GLN C 252 48.29 -14.15 7.51
C GLN C 252 46.88 -14.11 8.09
N TYR C 253 46.58 -15.05 8.97
CA TYR C 253 45.37 -15.01 9.77
C TYR C 253 45.78 -15.10 11.25
N ASP C 254 46.02 -13.94 11.85
CA ASP C 254 46.31 -13.86 13.26
C ASP C 254 45.04 -13.62 14.06
N LEU C 255 45.15 -13.82 15.38
CA LEU C 255 44.04 -13.60 16.30
C LEU C 255 44.50 -12.67 17.41
N LEU C 256 43.63 -11.74 17.80
CA LEU C 256 43.90 -10.81 18.88
C LEU C 256 42.82 -10.96 19.95
N VAL C 257 43.21 -11.34 21.15
CA VAL C 257 42.31 -11.43 22.28
C VAL C 257 42.47 -10.14 23.06
N LEU C 258 41.45 -9.30 23.04
CA LEU C 258 41.51 -7.98 23.63
C LEU C 258 41.10 -8.04 25.09
N PRO C 259 41.25 -6.94 25.82
CA PRO C 259 40.75 -6.89 27.20
C PRO C 259 39.24 -7.01 27.24
N PRO C 260 38.67 -7.29 28.42
CA PRO C 260 37.25 -7.66 28.48
C PRO C 260 36.28 -6.59 28.00
N SER C 261 36.71 -5.34 27.86
CA SER C 261 35.76 -4.28 27.49
C SER C 261 35.51 -4.21 26.00
N PHE C 262 36.04 -5.14 25.21
CA PHE C 262 35.82 -5.11 23.77
C PHE C 262 34.33 -5.21 23.47
N PRO C 263 33.80 -4.34 22.61
CA PRO C 263 32.34 -4.22 22.49
C PRO C 263 31.66 -5.40 21.80
N TYR C 264 32.39 -6.23 21.07
CA TYR C 264 31.78 -7.29 20.28
C TYR C 264 32.49 -8.62 20.52
N GLY C 265 31.85 -9.70 20.08
CA GLY C 265 32.47 -11.00 20.19
C GLY C 265 33.70 -11.12 19.31
N GLY C 266 33.62 -10.60 18.09
CA GLY C 266 34.77 -10.58 17.20
C GLY C 266 34.59 -9.54 16.13
N MET C 267 35.72 -9.12 15.56
CA MET C 267 35.74 -8.17 14.45
C MET C 267 36.65 -8.70 13.36
N GLU C 268 36.11 -8.86 12.16
CA GLU C 268 36.82 -9.52 11.06
C GLU C 268 37.86 -8.59 10.42
N ASN C 269 38.76 -8.12 11.26
CA ASN C 269 39.81 -7.22 10.78
C ASN C 269 40.81 -8.04 9.96
N PRO C 270 41.13 -7.63 8.73
CA PRO C 270 41.97 -8.46 7.87
C PRO C 270 43.35 -8.71 8.48
N CYS C 271 43.75 -9.99 8.49
CA CYS C 271 45.05 -10.42 8.99
C CYS C 271 45.10 -10.50 10.50
N LEU C 272 44.14 -9.89 11.21
CA LEU C 272 44.22 -9.84 12.66
C LEU C 272 42.78 -9.72 13.21
N THR C 273 42.14 -10.87 13.39
CA THR C 273 40.80 -10.89 13.96
C THR C 273 40.85 -10.45 15.42
N PHE C 274 39.88 -9.62 15.82
CA PHE C 274 39.70 -9.23 17.21
C PHE C 274 38.60 -10.09 17.82
N VAL C 275 38.84 -10.59 19.03
CA VAL C 275 37.87 -11.44 19.71
C VAL C 275 37.76 -11.01 21.17
N THR C 276 36.57 -11.20 21.74
CA THR C 276 36.35 -10.92 23.14
C THR C 276 37.01 -12.01 24.00
N PRO C 277 37.58 -11.65 25.15
CA PRO C 277 38.11 -12.68 26.06
C PRO C 277 37.02 -13.55 26.66
N THR C 278 35.74 -13.23 26.44
CA THR C 278 34.65 -14.03 26.96
C THR C 278 34.46 -15.33 26.20
N LEU C 279 35.24 -15.58 25.13
CA LEU C 279 35.23 -16.86 24.45
C LEU C 279 36.06 -17.93 25.16
N LEU C 280 36.89 -17.53 26.14
CA LEU C 280 37.80 -18.45 26.80
C LEU C 280 37.02 -19.27 27.85
N ALA C 281 36.17 -20.15 27.34
CA ALA C 281 35.35 -21.01 28.18
C ALA C 281 36.12 -22.19 28.77
N GLY C 282 37.35 -22.43 28.30
CA GLY C 282 38.15 -23.53 28.80
C GLY C 282 37.94 -24.84 28.08
N ASP C 283 36.91 -24.96 27.26
CA ASP C 283 36.58 -26.20 26.58
C ASP C 283 36.45 -26.03 25.07
N LYS C 284 36.78 -24.85 24.53
CA LYS C 284 36.70 -24.55 23.11
C LYS C 284 35.27 -24.55 22.59
N SER C 285 34.27 -24.62 23.47
CA SER C 285 32.89 -24.72 23.02
C SER C 285 32.43 -23.48 22.28
N LEU C 286 33.00 -22.32 22.59
CA LEU C 286 32.62 -21.07 21.96
C LEU C 286 33.48 -20.73 20.76
N SER C 287 34.24 -21.68 20.23
CA SER C 287 35.15 -21.40 19.12
C SER C 287 34.41 -21.16 17.80
N ASN C 288 33.10 -21.39 17.74
CA ASN C 288 32.35 -21.05 16.53
C ASN C 288 32.51 -19.58 16.19
N VAL C 289 32.75 -18.73 17.19
CA VAL C 289 33.01 -17.33 16.91
C VAL C 289 34.22 -17.18 16.00
N ILE C 290 35.21 -18.06 16.16
CA ILE C 290 36.39 -18.01 15.31
C ILE C 290 36.03 -18.41 13.87
N ALA C 291 35.20 -19.43 13.72
CA ALA C 291 34.73 -19.82 12.39
C ALA C 291 33.94 -18.69 11.73
N HIS C 292 33.30 -17.83 12.52
CA HIS C 292 32.57 -16.70 11.97
C HIS C 292 33.53 -15.67 11.39
N GLU C 293 34.46 -15.18 12.21
CA GLU C 293 35.43 -14.20 11.75
C GLU C 293 36.24 -14.71 10.56
N ILE C 294 36.52 -16.01 10.52
CA ILE C 294 37.23 -16.59 9.37
C ILE C 294 36.39 -16.44 8.11
N SER C 295 35.10 -16.79 8.20
CA SER C 295 34.24 -16.71 7.03
C SER C 295 34.20 -15.30 6.45
N HIS C 296 34.31 -14.28 7.30
CA HIS C 296 34.34 -12.91 6.81
C HIS C 296 35.48 -12.65 5.84
N SER C 297 36.55 -13.46 5.90
CA SER C 297 37.64 -13.30 4.95
C SER C 297 37.16 -13.43 3.52
N TRP C 298 36.01 -14.06 3.31
CA TRP C 298 35.35 -14.14 2.01
C TRP C 298 34.10 -13.26 1.95
N THR C 299 33.12 -13.54 2.81
CA THR C 299 31.87 -12.78 2.82
C THR C 299 32.04 -11.56 3.72
N GLY C 300 32.24 -10.40 3.10
CA GLY C 300 32.42 -9.16 3.85
C GLY C 300 33.70 -8.43 3.50
N ASN C 301 34.83 -9.12 3.58
CA ASN C 301 36.13 -8.52 3.29
C ASN C 301 36.51 -8.64 1.82
N LEU C 302 36.15 -9.74 1.16
CA LEU C 302 36.37 -9.87 -0.27
C LEU C 302 35.18 -9.32 -1.05
N VAL C 303 33.98 -9.82 -0.76
CA VAL C 303 32.75 -9.27 -1.29
C VAL C 303 32.14 -8.43 -0.16
N THR C 304 32.05 -7.11 -0.38
CA THR C 304 31.68 -6.17 0.67
C THR C 304 30.36 -5.50 0.32
N ASN C 305 29.62 -5.13 1.36
CA ASN C 305 28.40 -4.35 1.16
C ASN C 305 28.76 -2.96 0.67
N LYS C 306 27.96 -2.44 -0.26
CA LYS C 306 28.23 -1.13 -0.85
C LYS C 306 27.84 0.00 0.11
N THR C 307 26.71 -0.13 0.78
CA THR C 307 26.30 0.77 1.86
C THR C 307 25.96 -0.07 3.08
N TRP C 308 25.63 0.60 4.18
CA TRP C 308 25.28 -0.12 5.39
C TRP C 308 23.84 -0.58 5.42
N ASP C 309 23.03 -0.15 4.45
CA ASP C 309 21.69 -0.72 4.29
C ASP C 309 21.76 -2.18 3.87
N HIS C 310 22.90 -2.62 3.35
CA HIS C 310 23.09 -3.98 2.87
C HIS C 310 24.07 -4.76 3.74
N PHE C 311 24.25 -4.34 4.99
CA PHE C 311 25.09 -5.06 5.92
C PHE C 311 24.71 -6.52 6.01
N TRP C 312 23.42 -6.84 5.82
CA TRP C 312 22.97 -8.22 5.94
C TRP C 312 23.70 -9.14 4.97
N LEU C 313 24.13 -8.62 3.82
CA LEU C 313 24.89 -9.44 2.89
C LEU C 313 26.16 -9.97 3.55
N ASN C 314 26.75 -9.19 4.45
CA ASN C 314 27.96 -9.64 5.15
C ASN C 314 27.65 -10.77 6.11
N GLU C 315 26.82 -10.50 7.13
CA GLU C 315 26.61 -11.48 8.19
C GLU C 315 25.75 -12.64 7.72
N GLY C 316 24.78 -12.39 6.83
CA GLY C 316 23.93 -13.47 6.35
C GLY C 316 24.74 -14.60 5.74
N HIS C 317 25.64 -14.27 4.82
CA HIS C 317 26.47 -15.30 4.20
C HIS C 317 27.53 -15.83 5.15
N THR C 318 28.09 -14.96 6.01
CA THR C 318 29.11 -15.40 6.94
C THR C 318 28.56 -16.42 7.92
N VAL C 319 27.38 -16.14 8.48
CA VAL C 319 26.73 -17.11 9.35
C VAL C 319 26.47 -18.41 8.59
N TYR C 320 26.06 -18.30 7.34
CA TYR C 320 25.86 -19.49 6.51
C TYR C 320 27.14 -20.29 6.39
N LEU C 321 28.23 -19.64 6.00
CA LEU C 321 29.52 -20.33 5.90
C LEU C 321 29.95 -20.88 7.25
N GLU C 322 29.84 -20.07 8.30
CA GLU C 322 30.26 -20.51 9.63
C GLU C 322 29.60 -21.82 10.01
N ARG C 323 28.26 -21.86 9.96
CA ARG C 323 27.54 -23.05 10.36
C ARG C 323 27.80 -24.22 9.44
N HIS C 324 28.26 -23.97 8.21
CA HIS C 324 28.73 -25.06 7.37
C HIS C 324 30.08 -25.58 7.86
N ILE C 325 30.97 -24.68 8.26
CA ILE C 325 32.23 -25.12 8.86
C ILE C 325 31.97 -25.99 10.07
N CYS C 326 31.12 -25.52 10.99
CA CYS C 326 30.77 -26.32 12.16
C CYS C 326 30.11 -27.63 11.74
N GLY C 327 29.33 -27.61 10.66
CA GLY C 327 28.74 -28.85 10.18
C GLY C 327 29.77 -29.81 9.61
N ARG C 328 30.74 -29.28 8.86
CA ARG C 328 31.79 -30.13 8.31
C ARG C 328 32.60 -30.80 9.41
N LEU C 329 32.70 -30.15 10.57
CA LEU C 329 33.49 -30.69 11.68
C LEU C 329 32.69 -31.56 12.63
N PHE C 330 31.38 -31.36 12.72
CA PHE C 330 30.59 -32.03 13.76
C PHE C 330 29.31 -32.67 13.24
N GLY C 331 29.08 -32.65 11.93
CA GLY C 331 27.93 -33.36 11.40
C GLY C 331 26.79 -32.44 11.03
N GLU C 332 25.97 -32.89 10.07
CA GLU C 332 24.83 -32.10 9.62
C GLU C 332 23.86 -31.82 10.77
N LYS C 333 23.70 -32.78 11.69
CA LYS C 333 22.82 -32.55 12.83
C LYS C 333 23.24 -31.32 13.63
N PHE C 334 24.55 -31.12 13.80
CA PHE C 334 25.01 -29.95 14.56
C PHE C 334 24.70 -28.66 13.81
N ARG C 335 24.85 -28.68 12.48
CA ARG C 335 24.51 -27.51 11.67
C ARG C 335 23.05 -27.14 11.85
N HIS C 336 22.16 -28.14 11.79
CA HIS C 336 20.74 -27.88 12.00
C HIS C 336 20.47 -27.39 13.41
N PHE C 337 21.23 -27.88 14.40
CA PHE C 337 21.08 -27.39 15.76
C PHE C 337 21.33 -25.89 15.83
N ASN C 338 22.45 -25.44 15.28
CA ASN C 338 22.76 -24.01 15.28
C ASN C 338 21.75 -23.22 14.46
N ALA C 339 21.35 -23.75 13.30
CA ALA C 339 20.35 -23.06 12.48
C ALA C 339 19.07 -22.83 13.26
N LEU C 340 18.58 -23.88 13.94
CA LEU C 340 17.37 -23.73 14.74
C LEU C 340 17.61 -22.76 15.90
N GLY C 341 18.71 -22.94 16.62
CA GLY C 341 19.04 -22.01 17.68
C GLY C 341 19.06 -20.57 17.20
N GLY C 342 19.62 -20.34 16.01
CA GLY C 342 19.62 -19.00 15.45
C GLY C 342 18.22 -18.51 15.15
N TRP C 343 17.36 -19.41 14.64
CA TRP C 343 15.97 -19.03 14.42
C TRP C 343 15.28 -18.65 15.72
N GLY C 344 15.62 -19.34 16.82
CA GLY C 344 15.05 -18.98 18.10
C GLY C 344 15.53 -17.63 18.58
N GLU C 345 16.81 -17.33 18.36
CA GLU C 345 17.32 -16.02 18.71
C GLU C 345 16.62 -14.92 17.91
N LEU C 346 16.36 -15.18 16.62
CA LEU C 346 15.65 -14.22 15.80
C LEU C 346 14.24 -13.96 16.33
N GLN C 347 13.59 -15.00 16.87
CA GLN C 347 12.30 -14.77 17.52
C GLN C 347 12.45 -13.78 18.67
N ASN C 348 13.51 -13.91 19.46
CA ASN C 348 13.74 -12.99 20.57
C ASN C 348 13.93 -11.56 20.07
N SER C 349 14.75 -11.38 19.03
CA SER C 349 15.04 -10.04 18.53
C SER C 349 13.78 -9.32 18.06
N VAL C 350 12.93 -10.00 17.29
CA VAL C 350 11.73 -9.35 16.78
C VAL C 350 10.82 -8.93 17.93
N LYS C 351 10.64 -9.81 18.91
CA LYS C 351 9.81 -9.46 20.05
C LYS C 351 10.37 -8.25 20.79
N THR C 352 11.70 -8.16 20.88
CA THR C 352 12.31 -7.03 21.59
C THR C 352 12.20 -5.74 20.79
N PHE C 353 12.46 -5.80 19.48
CA PHE C 353 12.30 -4.59 18.66
C PHE C 353 10.83 -4.26 18.46
N GLY C 354 10.01 -5.27 18.25
CA GLY C 354 8.60 -5.11 17.89
C GLY C 354 8.40 -5.58 16.46
N GLU C 355 7.30 -6.29 16.23
CA GLU C 355 7.06 -6.90 14.93
C GLU C 355 6.95 -5.88 13.81
N THR C 356 6.67 -4.62 14.13
CA THR C 356 6.56 -3.57 13.13
C THR C 356 7.78 -2.66 13.10
N HIS C 357 8.76 -2.90 13.94
CA HIS C 357 9.91 -2.01 14.03
C HIS C 357 10.69 -2.06 12.72
N PRO C 358 11.07 -0.91 12.16
CA PRO C 358 11.81 -0.93 10.89
C PRO C 358 13.14 -1.64 10.97
N PHE C 359 13.66 -1.88 12.17
CA PHE C 359 14.93 -2.57 12.34
C PHE C 359 14.79 -4.09 12.27
N THR C 360 13.58 -4.60 12.06
CA THR C 360 13.39 -6.03 11.80
C THR C 360 13.41 -6.34 10.32
N LYS C 361 13.44 -5.31 9.46
CA LYS C 361 13.61 -5.51 8.02
C LYS C 361 15.02 -5.99 7.73
N LEU C 362 15.13 -6.89 6.74
CA LEU C 362 16.45 -7.38 6.35
C LEU C 362 17.29 -6.24 5.76
N VAL C 363 16.75 -5.53 4.78
CA VAL C 363 17.38 -4.35 4.19
C VAL C 363 16.80 -3.12 4.86
N VAL C 364 17.66 -2.31 5.47
CA VAL C 364 17.22 -1.16 6.26
C VAL C 364 17.52 0.14 5.51
N ASP C 365 17.04 1.25 6.06
CA ASP C 365 17.25 2.60 5.54
C ASP C 365 17.84 3.45 6.66
N LEU C 366 19.17 3.55 6.70
CA LEU C 366 19.89 4.22 7.77
C LEU C 366 19.98 5.74 7.59
N THR C 367 19.08 6.36 6.81
CA THR C 367 19.09 7.81 6.69
C THR C 367 18.80 8.47 8.03
N ASP C 368 19.78 9.22 8.53
CA ASP C 368 19.67 9.91 9.82
C ASP C 368 19.47 8.91 10.96
N ILE C 369 20.23 7.82 10.93
CA ILE C 369 20.19 6.80 11.98
C ILE C 369 21.62 6.33 12.24
N ASP C 370 22.04 6.38 13.49
CA ASP C 370 23.36 5.91 13.88
C ASP C 370 23.42 4.39 13.66
N PRO C 371 24.23 3.91 12.73
CA PRO C 371 24.25 2.45 12.45
C PRO C 371 24.45 1.60 13.70
N ASP C 372 25.13 2.13 14.71
CA ASP C 372 25.32 1.36 15.95
C ASP C 372 24.00 1.07 16.65
N VAL C 373 23.03 1.98 16.53
CA VAL C 373 21.75 1.76 17.20
C VAL C 373 20.95 0.67 16.50
N ALA C 374 21.14 0.49 15.20
CA ALA C 374 20.42 -0.54 14.46
C ALA C 374 21.07 -1.91 14.60
N TYR C 375 22.28 -1.98 15.13
CA TYR C 375 22.99 -3.25 15.21
C TYR C 375 22.26 -4.20 16.16
N SER C 376 21.97 -5.40 15.65
CA SER C 376 21.37 -6.47 16.43
C SER C 376 21.58 -7.77 15.66
N SER C 377 21.05 -8.85 16.20
CA SER C 377 21.15 -10.14 15.53
C SER C 377 20.16 -10.29 14.40
N VAL C 378 19.30 -9.30 14.16
CA VAL C 378 18.29 -9.42 13.10
C VAL C 378 18.95 -9.65 11.73
N PRO C 379 19.88 -8.81 11.28
CA PRO C 379 20.54 -9.10 9.99
C PRO C 379 21.29 -10.42 9.99
N TYR C 380 21.80 -10.85 11.15
CA TYR C 380 22.49 -12.13 11.24
C TYR C 380 21.55 -13.29 10.93
N GLU C 381 20.54 -13.48 11.78
CA GLU C 381 19.69 -14.66 11.69
C GLU C 381 18.70 -14.56 10.52
N LYS C 382 18.05 -13.41 10.35
CA LYS C 382 17.14 -13.25 9.21
C LYS C 382 17.87 -13.46 7.90
N GLY C 383 19.08 -12.91 7.78
CA GLY C 383 19.89 -13.18 6.61
C GLY C 383 20.15 -14.66 6.44
N PHE C 384 20.58 -15.32 7.51
CA PHE C 384 20.80 -16.77 7.45
C PHE C 384 19.50 -17.49 7.12
N ALA C 385 18.39 -17.04 7.71
CA ALA C 385 17.09 -17.65 7.40
C ALA C 385 16.80 -17.57 5.90
N LEU C 386 17.03 -16.41 5.29
CA LEU C 386 16.80 -16.28 3.86
C LEU C 386 17.70 -17.22 3.08
N LEU C 387 19.00 -17.21 3.38
CA LEU C 387 19.94 -18.07 2.67
C LEU C 387 19.64 -19.55 2.93
N PHE C 388 19.39 -19.90 4.21
CA PHE C 388 19.01 -21.27 4.52
C PHE C 388 17.74 -21.66 3.79
N TYR C 389 16.74 -20.76 3.75
CA TYR C 389 15.52 -21.04 3.03
C TYR C 389 15.80 -21.31 1.56
N LEU C 390 16.69 -20.53 0.94
CA LEU C 390 17.01 -20.75 -0.47
C LEU C 390 17.74 -22.08 -0.66
N GLU C 391 18.68 -22.41 0.22
CA GLU C 391 19.38 -23.69 0.11
C GLU C 391 18.40 -24.85 0.01
N GLN C 392 17.40 -24.86 0.90
CA GLN C 392 16.41 -25.94 0.87
C GLN C 392 15.58 -25.89 -0.41
N LEU C 393 15.28 -24.69 -0.89
CA LEU C 393 14.41 -24.56 -2.07
C LEU C 393 15.11 -24.97 -3.36
N LEU C 394 16.44 -24.87 -3.42
CA LEU C 394 17.18 -25.08 -4.66
C LEU C 394 17.87 -26.43 -4.73
N GLY C 395 17.77 -27.26 -3.71
CA GLY C 395 18.24 -28.64 -3.87
C GLY C 395 19.34 -29.11 -2.93
N GLY C 396 19.54 -28.42 -1.81
CA GLY C 396 20.47 -28.91 -0.81
C GLY C 396 21.68 -28.03 -0.61
N PRO C 397 22.51 -28.38 0.36
CA PRO C 397 23.69 -27.55 0.66
C PRO C 397 24.71 -27.59 -0.47
N GLU C 398 25.06 -28.79 -0.91
CA GLU C 398 26.05 -28.92 -1.98
C GLU C 398 25.70 -28.04 -3.17
N ILE C 399 24.43 -27.97 -3.54
CA ILE C 399 24.02 -27.11 -4.64
C ILE C 399 24.22 -25.64 -4.26
N PHE C 400 23.71 -25.24 -3.10
CA PHE C 400 23.80 -23.83 -2.72
C PHE C 400 25.23 -23.44 -2.38
N LEU C 401 26.02 -24.34 -1.80
CA LEU C 401 27.42 -24.02 -1.53
C LEU C 401 28.18 -23.77 -2.82
N GLY C 402 27.85 -24.52 -3.88
CA GLY C 402 28.45 -24.23 -5.17
C GLY C 402 28.15 -22.83 -5.66
N PHE C 403 26.94 -22.34 -5.39
CA PHE C 403 26.60 -20.97 -5.75
C PHE C 403 27.37 -19.97 -4.91
N LEU C 404 27.46 -20.21 -3.60
CA LEU C 404 28.16 -19.28 -2.72
C LEU C 404 29.60 -19.08 -3.17
N LYS C 405 30.27 -20.16 -3.56
CA LYS C 405 31.65 -20.04 -4.02
C LYS C 405 31.74 -19.21 -5.29
N ALA C 406 30.83 -19.44 -6.24
CA ALA C 406 30.79 -18.64 -7.45
C ALA C 406 30.44 -17.18 -7.13
N TYR C 407 29.47 -16.98 -6.25
CA TYR C 407 29.13 -15.64 -5.80
C TYR C 407 30.36 -14.90 -5.30
N VAL C 408 31.25 -15.60 -4.60
CA VAL C 408 32.43 -14.95 -4.04
C VAL C 408 33.40 -14.53 -5.15
N GLU C 409 33.64 -15.40 -6.13
CA GLU C 409 34.56 -15.06 -7.20
C GLU C 409 34.00 -13.96 -8.10
N LYS C 410 32.68 -13.94 -8.30
CA LYS C 410 32.08 -12.92 -9.15
C LYS C 410 32.33 -11.52 -8.60
N PHE C 411 32.22 -11.36 -7.27
CA PHE C 411 32.34 -10.06 -6.64
C PHE C 411 33.58 -9.94 -5.76
N SER C 412 34.61 -10.75 -6.02
CA SER C 412 35.85 -10.62 -5.26
C SER C 412 36.43 -9.22 -5.44
N TYR C 413 36.86 -8.61 -4.33
CA TYR C 413 37.44 -7.28 -4.32
C TYR C 413 36.45 -6.18 -4.71
N LYS C 414 35.15 -6.44 -4.58
CA LYS C 414 34.12 -5.52 -5.02
C LYS C 414 33.15 -5.22 -3.89
N SER C 415 32.40 -4.13 -4.05
CA SER C 415 31.33 -3.75 -3.12
C SER C 415 30.00 -3.82 -3.88
N ILE C 416 29.04 -4.57 -3.33
CA ILE C 416 27.80 -4.87 -4.03
C ILE C 416 26.61 -4.47 -3.15
N THR C 417 25.42 -4.51 -3.75
CA THR C 417 24.15 -4.25 -3.08
C THR C 417 23.30 -5.52 -3.08
N THR C 418 22.14 -5.44 -2.42
CA THR C 418 21.22 -6.58 -2.39
C THR C 418 20.70 -6.90 -3.78
N ASP C 419 20.49 -5.88 -4.62
CA ASP C 419 20.05 -6.15 -5.98
C ASP C 419 21.14 -6.84 -6.78
N ASP C 420 22.39 -6.48 -6.54
CA ASP C 420 23.50 -7.18 -7.16
C ASP C 420 23.47 -8.67 -6.80
N TRP C 421 23.23 -8.97 -5.53
CA TRP C 421 23.18 -10.35 -5.07
C TRP C 421 22.01 -11.11 -5.69
N LYS C 422 20.80 -10.55 -5.59
CA LYS C 422 19.64 -11.22 -6.16
C LYS C 422 19.81 -11.46 -7.65
N ASP C 423 20.33 -10.46 -8.37
CA ASP C 423 20.52 -10.62 -9.81
C ASP C 423 21.47 -11.78 -10.11
N PHE C 424 22.57 -11.91 -9.37
CA PHE C 424 23.47 -13.02 -9.63
C PHE C 424 22.86 -14.35 -9.21
N LEU C 425 22.04 -14.34 -8.15
CA LEU C 425 21.32 -15.55 -7.78
C LEU C 425 20.49 -16.06 -8.95
N TYR C 426 19.69 -15.17 -9.56
CA TYR C 426 18.88 -15.57 -10.71
C TYR C 426 19.74 -15.97 -11.90
N SER C 427 20.92 -15.36 -12.05
CA SER C 427 21.81 -15.75 -13.13
C SER C 427 22.36 -17.16 -12.93
N TYR C 428 22.89 -17.43 -11.73
CA TYR C 428 23.44 -18.75 -11.45
C TYR C 428 22.37 -19.82 -11.57
N PHE C 429 21.19 -19.56 -10.99
CA PHE C 429 20.09 -20.52 -10.98
C PHE C 429 19.03 -20.20 -12.02
N LYS C 430 19.41 -19.90 -13.27
CA LYS C 430 18.38 -19.62 -14.28
C LYS C 430 17.54 -20.86 -14.58
N ASP C 431 18.09 -22.05 -14.36
CA ASP C 431 17.32 -23.26 -14.62
C ASP C 431 16.15 -23.38 -13.67
N LYS C 432 16.27 -22.82 -12.46
CA LYS C 432 15.22 -22.86 -11.44
C LYS C 432 14.66 -21.47 -11.19
N VAL C 433 14.57 -20.67 -12.26
CA VAL C 433 14.07 -19.30 -12.14
C VAL C 433 12.65 -19.28 -11.59
N ASP C 434 11.81 -20.23 -12.02
CA ASP C 434 10.43 -20.25 -11.55
C ASP C 434 10.36 -20.53 -10.05
N VAL C 435 11.34 -21.24 -9.50
CA VAL C 435 11.37 -21.46 -8.06
C VAL C 435 11.77 -20.18 -7.33
N LEU C 436 12.69 -19.42 -7.91
CA LEU C 436 13.05 -18.14 -7.31
C LEU C 436 11.86 -17.19 -7.29
N ASN C 437 11.07 -17.18 -8.37
CA ASN C 437 9.87 -16.36 -8.44
C ASN C 437 8.84 -16.78 -7.40
N GLN C 438 9.00 -17.97 -6.83
CA GLN C 438 8.16 -18.47 -5.76
C GLN C 438 8.42 -17.73 -4.45
N VAL C 439 9.59 -17.10 -4.30
CA VAL C 439 9.94 -16.43 -3.05
C VAL C 439 9.21 -15.11 -2.93
N ASP C 440 8.73 -14.81 -1.72
CA ASP C 440 8.15 -13.50 -1.42
C ASP C 440 9.32 -12.58 -1.07
N TRP C 441 9.95 -12.05 -2.13
CA TRP C 441 11.15 -11.24 -1.95
C TRP C 441 10.86 -9.97 -1.18
N ASN C 442 9.73 -9.33 -1.46
CA ASN C 442 9.38 -8.08 -0.79
C ASN C 442 9.30 -8.27 0.72
N ALA C 443 8.67 -9.36 1.17
CA ALA C 443 8.52 -9.60 2.59
C ALA C 443 9.87 -9.92 3.25
N TRP C 444 10.67 -10.78 2.61
CA TRP C 444 11.95 -11.15 3.19
C TRP C 444 12.88 -9.95 3.31
N LEU C 445 12.86 -9.07 2.30
CA LEU C 445 13.86 -8.00 2.21
C LEU C 445 13.41 -6.70 2.86
N TYR C 446 12.12 -6.37 2.77
CA TYR C 446 11.66 -5.06 3.21
C TYR C 446 10.51 -5.10 4.22
N SER C 447 9.97 -6.27 4.54
CA SER C 447 8.89 -6.25 5.53
C SER C 447 9.45 -6.48 6.94
N PRO C 448 8.93 -5.76 7.93
CA PRO C 448 9.42 -5.93 9.30
C PRO C 448 8.91 -7.23 9.92
N GLY C 449 9.31 -7.49 11.16
CA GLY C 449 8.84 -8.67 11.85
C GLY C 449 9.54 -9.94 11.43
N LEU C 450 8.94 -11.06 11.85
CA LEU C 450 9.49 -12.37 11.59
C LEU C 450 9.40 -12.71 10.09
N PRO C 451 10.30 -13.54 9.58
CA PRO C 451 10.31 -13.84 8.15
C PRO C 451 8.98 -14.42 7.70
N PRO C 452 8.71 -14.44 6.40
CA PRO C 452 7.43 -14.96 5.91
C PRO C 452 7.33 -16.47 5.92
N ILE C 453 8.45 -17.19 5.99
CA ILE C 453 8.45 -18.64 5.90
C ILE C 453 9.51 -19.18 6.86
N LYS C 454 9.20 -20.26 7.55
CA LYS C 454 10.16 -20.87 8.45
C LYS C 454 10.74 -22.11 7.82
N PRO C 455 12.06 -22.26 7.79
CA PRO C 455 12.65 -23.47 7.18
C PRO C 455 12.34 -24.72 8.01
N ASN C 456 12.70 -25.86 7.44
CA ASN C 456 12.55 -27.15 8.10
C ASN C 456 13.85 -27.47 8.84
N TYR C 457 13.75 -27.69 10.15
CA TYR C 457 14.91 -27.89 11.00
C TYR C 457 14.95 -29.30 11.57
N ASP C 458 16.15 -29.88 11.60
CA ASP C 458 16.36 -31.19 12.20
C ASP C 458 16.34 -31.08 13.72
N MET C 459 15.49 -31.88 14.35
CA MET C 459 15.24 -31.78 15.78
C MET C 459 16.11 -32.71 16.62
N THR C 460 16.99 -33.48 15.97
CA THR C 460 17.78 -34.50 16.69
C THR C 460 18.49 -33.97 17.95
N LEU C 461 19.44 -33.05 17.77
CA LEU C 461 20.25 -32.59 18.90
C LEU C 461 19.43 -31.65 19.77
N THR C 462 18.34 -31.09 19.24
CA THR C 462 17.55 -30.11 19.98
C THR C 462 16.49 -30.74 20.86
N ASN C 463 16.10 -32.00 20.60
CA ASN C 463 15.02 -32.61 21.36
C ASN C 463 15.29 -32.62 22.85
N ALA C 464 16.53 -32.93 23.25
CA ALA C 464 16.87 -32.99 24.66
C ALA C 464 16.61 -31.65 25.35
N CYS C 465 16.93 -30.54 24.68
CA CYS C 465 16.73 -29.23 25.28
C CYS C 465 15.26 -28.94 25.52
N ILE C 466 14.39 -29.33 24.56
CA ILE C 466 12.96 -29.06 24.71
C ILE C 466 12.39 -29.91 25.84
N ALA C 467 12.83 -31.16 25.95
CA ALA C 467 12.31 -32.04 26.99
C ALA C 467 12.59 -31.47 28.38
N LEU C 468 13.83 -31.07 28.63
CA LEU C 468 14.20 -30.57 29.95
C LEU C 468 13.55 -29.22 30.23
N SER C 469 13.66 -28.28 29.28
CA SER C 469 13.08 -26.96 29.48
C SER C 469 11.57 -27.05 29.73
N GLN C 470 10.89 -27.95 29.02
CA GLN C 470 9.46 -28.13 29.25
C GLN C 470 9.19 -28.66 30.65
N ARG C 471 10.03 -29.58 31.13
CA ARG C 471 9.86 -30.11 32.48
C ARG C 471 9.92 -28.98 33.51
N TRP C 472 10.85 -28.05 33.33
CA TRP C 472 10.98 -26.94 34.29
C TRP C 472 9.81 -25.98 34.17
N ILE C 473 9.41 -25.64 32.93
CA ILE C 473 8.33 -24.68 32.73
C ILE C 473 7.02 -25.23 33.28
N THR C 474 6.73 -26.50 33.01
CA THR C 474 5.48 -27.13 33.41
C THR C 474 5.61 -27.88 34.72
N ALA C 475 6.69 -27.67 35.46
CA ALA C 475 6.92 -28.42 36.70
C ALA C 475 6.12 -27.81 37.85
N LYS C 476 5.24 -28.60 38.44
CA LYS C 476 4.59 -28.21 39.68
C LYS C 476 5.62 -28.23 40.81
N GLU C 477 5.17 -27.90 42.03
CA GLU C 477 6.08 -27.89 43.15
C GLU C 477 6.49 -29.31 43.56
N ASP C 478 5.55 -30.25 43.49
CA ASP C 478 5.85 -31.64 43.84
C ASP C 478 6.80 -32.31 42.85
N ASP C 479 7.10 -31.67 41.73
CA ASP C 479 7.98 -32.21 40.71
C ASP C 479 9.44 -31.75 40.88
N LEU C 480 9.70 -30.79 41.76
CA LEU C 480 11.04 -30.22 41.88
C LEU C 480 12.00 -31.12 42.62
N ASN C 481 11.50 -31.96 43.54
CA ASN C 481 12.39 -32.83 44.31
C ASN C 481 13.12 -33.85 43.45
N SER C 482 12.58 -34.18 42.28
CA SER C 482 13.17 -35.22 41.44
C SER C 482 14.21 -34.70 40.46
N PHE C 483 14.27 -33.38 40.23
CA PHE C 483 15.33 -32.83 39.41
C PHE C 483 16.68 -33.14 40.04
N ASN C 484 17.68 -33.39 39.19
CA ASN C 484 18.98 -33.82 39.66
C ASN C 484 20.05 -33.42 38.65
N ALA C 485 21.29 -33.35 39.14
CA ALA C 485 22.41 -33.03 38.26
C ALA C 485 22.52 -34.02 37.10
N THR C 486 22.02 -35.25 37.30
CA THR C 486 22.06 -36.26 36.25
C THR C 486 21.22 -35.88 35.03
N ASP C 487 20.35 -34.87 35.14
CA ASP C 487 19.60 -34.40 33.99
C ASP C 487 20.51 -33.84 32.91
N LEU C 488 21.71 -33.40 33.28
CA LEU C 488 22.67 -32.83 32.34
C LEU C 488 23.77 -33.81 31.95
N LYS C 489 23.63 -35.09 32.29
CA LYS C 489 24.72 -36.03 32.11
C LYS C 489 25.17 -36.12 30.66
N ASP C 490 24.23 -36.04 29.72
CA ASP C 490 24.53 -36.20 28.30
C ASP C 490 24.21 -34.93 27.51
N LEU C 491 24.28 -33.78 28.16
CA LEU C 491 24.04 -32.49 27.51
C LEU C 491 25.37 -31.78 27.34
N SER C 492 25.59 -31.22 26.16
CA SER C 492 26.78 -30.43 25.93
C SER C 492 26.55 -29.00 26.37
N SER C 493 27.63 -28.21 26.34
CA SER C 493 27.50 -26.79 26.69
C SER C 493 26.51 -26.10 25.76
N HIS C 494 26.51 -26.46 24.47
CA HIS C 494 25.56 -25.87 23.54
C HIS C 494 24.13 -26.22 23.93
N GLN C 495 23.86 -27.51 24.14
CA GLN C 495 22.54 -27.93 24.60
C GLN C 495 22.22 -27.30 25.96
N LEU C 496 23.21 -27.24 26.84
CA LEU C 496 23.03 -26.55 28.11
C LEU C 496 22.62 -25.10 27.88
N ASN C 497 23.27 -24.44 26.91
CA ASN C 497 22.95 -23.05 26.62
C ASN C 497 21.57 -22.93 25.96
N GLU C 498 21.27 -23.81 25.00
CA GLU C 498 19.97 -23.76 24.34
C GLU C 498 18.85 -24.05 25.33
N PHE C 499 19.07 -25.01 26.24
CA PHE C 499 18.08 -25.28 27.28
C PHE C 499 17.74 -24.02 28.04
N LEU C 500 18.75 -23.24 28.44
CA LEU C 500 18.49 -21.98 29.12
C LEU C 500 17.72 -21.02 28.23
N ALA C 501 18.09 -20.94 26.95
CA ALA C 501 17.38 -20.05 26.03
C ALA C 501 15.91 -20.43 25.94
N GLN C 502 15.61 -21.73 25.86
CA GLN C 502 14.22 -22.16 25.80
C GLN C 502 13.49 -21.84 27.10
N THR C 503 14.15 -22.02 28.24
CA THR C 503 13.53 -21.66 29.51
C THR C 503 13.43 -20.15 29.65
N LEU C 504 14.46 -19.43 29.18
CA LEU C 504 14.46 -17.97 29.28
C LEU C 504 13.29 -17.35 28.53
N GLN C 505 12.91 -17.93 27.38
CA GLN C 505 11.81 -17.37 26.61
C GLN C 505 10.49 -17.43 27.38
N ARG C 506 10.33 -18.42 28.25
CA ARG C 506 9.12 -18.60 29.03
C ARG C 506 9.23 -18.01 30.43
N ALA C 507 10.35 -17.37 30.75
CA ALA C 507 10.53 -16.67 32.02
C ALA C 507 9.42 -15.66 32.22
N PRO C 508 9.13 -15.26 33.46
CA PRO C 508 9.86 -15.68 34.66
C PRO C 508 9.39 -17.03 35.17
N LEU C 509 10.29 -17.76 35.84
CA LEU C 509 9.89 -18.99 36.52
C LEU C 509 9.63 -18.71 37.99
N PRO C 510 8.76 -19.51 38.63
CA PRO C 510 8.52 -19.33 40.07
C PRO C 510 9.84 -19.25 40.82
N LEU C 511 9.84 -18.46 41.91
CA LEU C 511 11.07 -18.27 42.66
C LEU C 511 11.61 -19.60 43.17
N GLY C 512 10.72 -20.49 43.60
CA GLY C 512 11.16 -21.80 44.06
C GLY C 512 11.84 -22.61 42.97
N HIS C 513 11.34 -22.49 41.74
CA HIS C 513 11.97 -23.19 40.62
C HIS C 513 13.40 -22.72 40.42
N ILE C 514 13.60 -21.40 40.38
CA ILE C 514 14.94 -20.86 40.13
C ILE C 514 15.88 -21.24 41.29
N LYS C 515 15.39 -21.15 42.52
CA LYS C 515 16.20 -21.58 43.66
C LYS C 515 16.58 -23.04 43.53
N ARG C 516 15.63 -23.89 43.14
CA ARG C 516 15.92 -25.31 42.96
C ARG C 516 16.90 -25.56 41.81
N MET C 517 16.76 -24.80 40.72
CA MET C 517 17.63 -25.00 39.57
C MET C 517 19.09 -24.73 39.93
N GLN C 518 19.35 -23.72 40.76
CA GLN C 518 20.71 -23.46 41.20
C GLN C 518 21.22 -24.57 42.10
N GLU C 519 20.37 -25.11 42.96
CA GLU C 519 20.77 -26.18 43.86
C GLU C 519 21.27 -27.40 43.09
N VAL C 520 20.49 -27.84 42.09
CA VAL C 520 20.77 -29.11 41.43
C VAL C 520 21.78 -28.97 40.30
N TYR C 521 21.79 -27.84 39.59
CA TYR C 521 22.66 -27.68 38.43
C TYR C 521 23.88 -26.81 38.71
N ASN C 522 23.81 -25.92 39.71
CA ASN C 522 24.94 -25.08 40.09
C ASN C 522 25.43 -24.24 38.91
N PHE C 523 24.49 -23.56 38.25
CA PHE C 523 24.84 -22.71 37.13
C PHE C 523 25.68 -21.51 37.54
N ASN C 524 25.64 -21.14 38.83
CA ASN C 524 26.46 -20.02 39.30
C ASN C 524 27.94 -20.27 39.12
N ALA C 525 28.36 -21.53 39.00
CA ALA C 525 29.76 -21.90 38.90
C ALA C 525 30.22 -22.11 37.46
N ILE C 526 29.37 -21.80 36.49
CA ILE C 526 29.73 -21.99 35.08
C ILE C 526 30.49 -20.77 34.59
N ASN C 527 31.66 -21.01 34.00
CA ASN C 527 32.47 -19.92 33.47
C ASN C 527 32.02 -19.51 32.07
N ASN C 528 31.46 -20.45 31.30
CA ASN C 528 30.94 -20.17 29.98
C ASN C 528 30.07 -18.92 30.01
N SER C 529 30.54 -17.84 29.38
CA SER C 529 29.82 -16.57 29.45
C SER C 529 28.47 -16.62 28.74
N GLU C 530 28.36 -17.40 27.66
CA GLU C 530 27.07 -17.58 27.02
C GLU C 530 26.06 -18.20 27.98
N ILE C 531 26.46 -19.28 28.66
CA ILE C 531 25.56 -19.94 29.59
C ILE C 531 25.29 -19.06 30.80
N ARG C 532 26.37 -18.53 31.41
CA ARG C 532 26.20 -17.69 32.59
C ARG C 532 25.31 -16.49 32.29
N PHE C 533 25.53 -15.85 31.13
CA PHE C 533 24.73 -14.69 30.75
C PHE C 533 23.23 -15.02 30.81
N ARG C 534 22.83 -16.14 30.22
CA ARG C 534 21.41 -16.48 30.16
C ARG C 534 20.89 -16.92 31.53
N TRP C 535 21.70 -17.64 32.30
CA TRP C 535 21.29 -18.03 33.65
C TRP C 535 21.00 -16.82 34.51
N LEU C 536 21.85 -15.80 34.46
CA LEU C 536 21.59 -14.58 35.24
C LEU C 536 20.34 -13.88 34.75
N ARG C 537 20.17 -13.77 33.42
CA ARG C 537 18.95 -13.19 32.88
C ARG C 537 17.73 -13.93 33.37
N LEU C 538 17.79 -15.27 33.42
CA LEU C 538 16.67 -16.05 33.93
C LEU C 538 16.41 -15.71 35.39
N CYS C 539 17.47 -15.46 36.16
CA CYS C 539 17.31 -15.13 37.57
C CYS C 539 16.75 -13.73 37.76
N ILE C 540 17.32 -12.75 37.06
CA ILE C 540 16.88 -11.37 37.25
C ILE C 540 15.47 -11.17 36.71
N GLN C 541 15.16 -11.78 35.56
CA GLN C 541 13.79 -11.70 35.04
C GLN C 541 12.81 -12.43 35.96
N SER C 542 13.27 -13.43 36.70
CA SER C 542 12.44 -14.16 37.64
C SER C 542 12.41 -13.52 39.02
N LYS C 543 13.09 -12.40 39.19
CA LYS C 543 13.00 -11.61 40.43
C LYS C 543 13.67 -12.32 41.61
N TRP C 544 14.86 -12.88 41.37
CA TRP C 544 15.66 -13.50 42.42
C TRP C 544 16.72 -12.49 42.84
N GLU C 545 16.51 -11.86 43.99
CA GLU C 545 17.37 -10.76 44.41
C GLU C 545 18.81 -11.20 44.66
N ASP C 546 19.05 -12.50 44.86
CA ASP C 546 20.41 -12.96 45.09
C ASP C 546 21.28 -12.88 43.85
N ALA C 547 20.69 -12.87 42.65
CA ALA C 547 21.44 -12.81 41.41
C ALA C 547 21.74 -11.39 40.97
N ILE C 548 21.22 -10.38 41.66
CA ILE C 548 21.44 -8.99 41.31
C ILE C 548 22.94 -8.70 41.26
N PRO C 549 23.68 -8.91 42.35
CA PRO C 549 25.12 -8.61 42.31
C PRO C 549 25.86 -9.44 41.29
N LEU C 550 25.45 -10.69 41.08
CA LEU C 550 26.12 -11.53 40.09
C LEU C 550 25.93 -10.99 38.69
N ALA C 551 24.78 -10.39 38.40
CA ALA C 551 24.54 -9.82 37.08
C ALA C 551 25.25 -8.48 36.91
N LEU C 552 25.16 -7.61 37.92
CA LEU C 552 25.89 -6.35 37.87
C LEU C 552 27.38 -6.58 37.72
N LYS C 553 27.91 -7.63 38.37
CA LYS C 553 29.34 -7.91 38.29
C LYS C 553 29.74 -8.36 36.90
N MET C 554 28.96 -9.27 36.30
CA MET C 554 29.28 -9.72 34.95
C MET C 554 29.04 -8.63 33.92
N ALA C 555 28.03 -7.78 34.15
CA ALA C 555 27.72 -6.73 33.17
C ALA C 555 28.83 -5.68 33.08
N THR C 556 29.58 -5.48 34.16
CA THR C 556 30.63 -4.47 34.18
C THR C 556 32.04 -5.05 34.16
N GLU C 557 32.23 -6.30 34.57
CA GLU C 557 33.54 -6.91 34.51
C GLU C 557 33.96 -7.23 33.08
N GLN C 558 33.01 -7.30 32.15
CA GLN C 558 33.29 -7.44 30.74
C GLN C 558 32.42 -6.43 29.99
N GLY C 559 32.80 -6.15 28.74
CA GLY C 559 32.14 -5.08 28.01
C GLY C 559 31.46 -5.51 26.73
N ARG C 560 31.42 -6.81 26.46
CA ARG C 560 30.73 -7.30 25.27
C ARG C 560 29.26 -6.91 25.34
N MET C 561 28.83 -6.08 24.38
CA MET C 561 27.49 -5.51 24.43
C MET C 561 26.41 -6.59 24.34
N LYS C 562 26.74 -7.75 23.75
CA LYS C 562 25.78 -8.86 23.72
C LYS C 562 25.32 -9.22 25.13
N PHE C 563 26.21 -9.13 26.12
CA PHE C 563 25.91 -9.43 27.51
C PHE C 563 25.63 -8.19 28.34
N THR C 564 26.48 -7.17 28.22
CA THR C 564 26.39 -5.99 29.08
C THR C 564 25.07 -5.27 28.88
N ARG C 565 24.64 -5.08 27.62
CA ARG C 565 23.42 -4.31 27.39
C ARG C 565 22.20 -5.01 27.95
N PRO C 566 21.90 -6.26 27.58
CA PRO C 566 20.71 -6.93 28.15
C PRO C 566 20.76 -7.05 29.66
N LEU C 567 21.92 -7.37 30.24
CA LEU C 567 22.03 -7.47 31.69
C LEU C 567 21.60 -6.16 32.36
N PHE C 568 22.12 -5.04 31.88
CA PHE C 568 21.74 -3.75 32.44
C PHE C 568 20.24 -3.49 32.26
N LYS C 569 19.75 -3.66 31.03
CA LYS C 569 18.34 -3.38 30.76
C LYS C 569 17.43 -4.25 31.62
N ASP C 570 17.82 -5.51 31.86
CA ASP C 570 17.06 -6.35 32.77
C ASP C 570 17.19 -5.90 34.21
N LEU C 571 18.41 -5.52 34.63
CA LEU C 571 18.59 -5.01 35.99
C LEU C 571 17.77 -3.75 36.20
N ALA C 572 17.64 -2.91 35.18
CA ALA C 572 16.84 -1.69 35.32
C ALA C 572 15.35 -2.02 35.41
N ALA C 573 14.92 -3.13 34.82
CA ALA C 573 13.52 -3.53 34.87
C ALA C 573 13.16 -4.18 36.19
N PHE C 574 14.13 -4.77 36.89
CA PHE C 574 13.89 -5.34 38.20
C PHE C 574 13.77 -4.23 39.24
N ASP C 575 12.67 -4.23 39.98
CA ASP C 575 12.44 -3.14 40.92
C ASP C 575 13.55 -3.06 41.97
N LYS C 576 14.06 -4.21 42.40
CA LYS C 576 15.02 -4.25 43.50
C LYS C 576 16.43 -3.82 43.11
N SER C 577 16.69 -3.59 41.82
CA SER C 577 18.04 -3.26 41.37
C SER C 577 18.13 -2.08 40.42
N HIS C 578 17.02 -1.42 40.10
CA HIS C 578 17.07 -0.32 39.14
C HIS C 578 18.08 0.74 39.57
N ASP C 579 18.00 1.19 40.81
CA ASP C 579 18.88 2.26 41.27
C ASP C 579 20.36 1.85 41.19
N GLN C 580 20.69 0.69 41.76
CA GLN C 580 22.08 0.24 41.72
C GLN C 580 22.58 0.08 40.28
N ALA C 581 21.69 -0.30 39.36
CA ALA C 581 22.10 -0.46 37.98
C ALA C 581 22.44 0.89 37.36
N VAL C 582 21.62 1.91 37.62
CA VAL C 582 21.90 3.26 37.12
C VAL C 582 23.17 3.81 37.76
N ARG C 583 23.25 3.75 39.09
CA ARG C 583 24.43 4.25 39.78
C ARG C 583 25.70 3.57 39.28
N THR C 584 25.65 2.25 39.14
CA THR C 584 26.81 1.52 38.61
C THR C 584 27.19 2.05 37.24
N TYR C 585 26.22 2.17 36.34
CA TYR C 585 26.49 2.66 35.00
C TYR C 585 27.18 4.02 35.03
N GLN C 586 26.59 4.99 35.72
CA GLN C 586 27.20 6.32 35.78
C GLN C 586 28.61 6.27 36.33
N GLU C 587 28.85 5.38 37.31
CA GLU C 587 30.19 5.26 37.87
C GLU C 587 31.17 4.73 36.83
N HIS C 588 30.81 3.63 36.15
CA HIS C 588 31.67 3.04 35.14
C HIS C 588 31.64 3.80 33.82
N LYS C 589 30.60 4.59 33.56
CA LYS C 589 30.45 5.25 32.26
C LYS C 589 31.73 5.92 31.82
N ALA C 590 32.43 6.57 32.74
CA ALA C 590 33.63 7.32 32.37
C ALA C 590 34.71 6.42 31.78
N SER C 591 34.72 5.14 32.14
CA SER C 591 35.77 4.22 31.71
C SER C 591 35.24 3.09 30.83
N MET C 592 34.03 3.23 30.30
CA MET C 592 33.50 2.25 29.35
C MET C 592 33.90 2.59 27.92
N HIS C 593 33.69 1.64 27.02
CA HIS C 593 33.90 1.92 25.61
C HIS C 593 32.95 3.04 25.17
N PRO C 594 33.43 4.00 24.37
CA PRO C 594 32.54 5.11 23.97
C PRO C 594 31.24 4.65 23.33
N VAL C 595 31.30 3.69 22.41
CA VAL C 595 30.07 3.18 21.79
C VAL C 595 29.22 2.44 22.82
N THR C 596 29.86 1.60 23.64
CA THR C 596 29.12 0.84 24.64
C THR C 596 28.47 1.76 25.67
N ALA C 597 29.20 2.78 26.13
CA ALA C 597 28.65 3.70 27.11
C ALA C 597 27.49 4.51 26.54
N MET C 598 27.53 4.81 25.24
CA MET C 598 26.45 5.57 24.64
C MET C 598 25.19 4.72 24.50
N LEU C 599 25.35 3.44 24.18
CA LEU C 599 24.19 2.58 23.95
C LEU C 599 23.50 2.19 25.25
N VAL C 600 24.29 1.75 26.24
CA VAL C 600 23.71 1.40 27.54
C VAL C 600 22.99 2.60 28.16
N GLY C 601 23.55 3.79 27.98
CA GLY C 601 22.89 4.98 28.49
C GLY C 601 21.52 5.19 27.89
N LYS C 602 21.39 4.98 26.58
CA LYS C 602 20.09 5.06 25.95
C LYS C 602 19.17 3.95 26.43
N ASP C 603 19.70 2.72 26.56
CA ASP C 603 18.90 1.63 27.10
C ASP C 603 18.31 2.03 28.44
N LEU C 604 19.12 2.62 29.32
CA LEU C 604 18.66 3.06 30.62
C LEU C 604 17.96 4.42 30.58
N LYS C 605 18.02 5.12 29.44
CA LYS C 605 17.43 6.44 29.31
C LYS C 605 18.02 7.41 30.34
N VAL C 606 19.35 7.52 30.32
CA VAL C 606 20.05 8.39 31.25
C VAL C 606 20.73 9.54 30.50
#